data_2CLB
#
_entry.id   2CLB
#
_cell.length_a   212.928
_cell.length_b   212.928
_cell.length_c   212.928
_cell.angle_alpha   90.00
_cell.angle_beta   90.00
_cell.angle_gamma   90.00
#
_symmetry.space_group_name_H-M   'I 21 3'
#
loop_
_entity.id
_entity.type
_entity.pdbx_description
1 polymer 'DPS-LIKE PROTEIN'
2 non-polymer 'ZINC ION'
3 non-polymer 'FE (III) ION'
4 water water
#
_entity_poly.entity_id   1
_entity_poly.type   'polypeptide(L)'
_entity_poly.pdbx_seq_one_letter_code
;(MSE)QEKPQEPKVVGVEILEKSGLDIKKLVDKLVKATAAEFTTYYYYTILR(MSE)HLTG(MSE)EGEGLKEIAEDARL
EDRLHFEL(MSE)TQRIYELGGGLPRDIRQLADISACSDAYLPENWKDPKEILKVLLEAEQCAIRTWKEVCD(MSE)TYG
KDPRTYDLAQRILQEEIEHEAWFLELLYGRPSGHFRRSSPGNAPYSKK
;
_entity_poly.pdbx_strand_id   A,B,C,D,M,N,O,P
#
loop_
_chem_comp.id
_chem_comp.type
_chem_comp.name
_chem_comp.formula
FE non-polymer 'FE (III) ION' 'Fe 3'
ZN non-polymer 'ZINC ION' 'Zn 2'
#
# COMPACT_ATOMS: atom_id res chain seq x y z
N GLN A 6 -41.83 40.25 6.33
CA GLN A 6 -42.12 41.61 6.89
C GLN A 6 -40.97 42.57 6.71
N GLU A 7 -41.27 43.87 6.74
CA GLU A 7 -40.25 44.90 6.81
C GLU A 7 -39.88 45.07 8.29
N PRO A 8 -38.58 44.99 8.63
CA PRO A 8 -38.18 44.92 10.04
C PRO A 8 -38.12 46.28 10.75
N LYS A 9 -38.37 46.24 12.06
CA LYS A 9 -38.16 47.39 12.94
C LYS A 9 -36.67 47.59 13.18
N VAL A 10 -36.16 48.76 12.79
CA VAL A 10 -34.76 49.13 12.99
C VAL A 10 -34.68 50.29 13.97
N VAL A 11 -34.48 49.96 15.24
CA VAL A 11 -34.54 50.94 16.32
C VAL A 11 -33.39 51.96 16.25
N GLY A 12 -32.23 51.53 15.75
CA GLY A 12 -31.10 52.42 15.52
C GLY A 12 -31.42 53.55 14.54
N VAL A 13 -32.41 53.31 13.68
CA VAL A 13 -32.93 54.32 12.77
C VAL A 13 -34.08 55.11 13.41
N GLU A 14 -34.96 54.42 14.16
CA GLU A 14 -36.11 55.06 14.81
C GLU A 14 -35.70 56.23 15.70
N ILE A 15 -34.67 56.01 16.52
CA ILE A 15 -34.18 57.05 17.45
C ILE A 15 -33.72 58.33 16.73
N LEU A 16 -33.27 58.17 15.50
CA LEU A 16 -32.88 59.30 14.64
C LEU A 16 -34.10 60.02 14.08
N GLU A 17 -35.08 59.25 13.62
CA GLU A 17 -36.33 59.80 13.06
C GLU A 17 -37.07 60.64 14.09
N LYS A 18 -37.06 60.17 15.35
CA LYS A 18 -37.66 60.91 16.47
C LYS A 18 -37.08 62.32 16.66
N SER A 19 -35.81 62.50 16.30
CA SER A 19 -35.15 63.80 16.38
C SER A 19 -35.55 64.74 15.25
N GLY A 20 -36.28 64.23 14.26
CA GLY A 20 -36.66 65.00 13.07
C GLY A 20 -35.56 65.01 12.02
N LEU A 21 -34.63 64.07 12.11
CA LEU A 21 -33.53 63.99 11.15
C LEU A 21 -34.00 63.36 9.84
N ASP A 22 -33.73 64.04 8.73
CA ASP A 22 -34.03 63.50 7.39
C ASP A 22 -32.93 62.50 7.02
N ILE A 23 -33.29 61.22 7.07
CA ILE A 23 -32.32 60.14 6.93
C ILE A 23 -31.93 59.92 5.47
N LYS A 24 -32.89 60.08 4.56
CA LYS A 24 -32.62 59.96 3.13
C LYS A 24 -31.63 61.04 2.70
N LYS A 25 -31.82 62.26 3.20
CA LYS A 25 -30.91 63.36 2.91
C LYS A 25 -29.53 63.15 3.53
N LEU A 26 -29.50 62.62 4.75
CA LEU A 26 -28.23 62.32 5.41
C LEU A 26 -27.44 61.25 4.67
N VAL A 27 -28.10 60.14 4.34
CA VAL A 27 -27.46 59.05 3.62
C VAL A 27 -26.91 59.53 2.28
N ASP A 28 -27.67 60.38 1.59
CA ASP A 28 -27.22 60.94 0.32
C ASP A 28 -25.91 61.73 0.48
N LYS A 29 -25.82 62.52 1.54
CA LYS A 29 -24.62 63.29 1.84
C LYS A 29 -23.46 62.38 2.23
N LEU A 30 -23.75 61.36 3.02
CA LEU A 30 -22.75 60.35 3.43
C LEU A 30 -22.13 59.62 2.23
N VAL A 31 -22.99 59.24 1.28
CA VAL A 31 -22.56 58.55 0.07
C VAL A 31 -21.64 59.43 -0.80
N LYS A 32 -21.99 60.70 -0.96
CA LYS A 32 -21.21 61.64 -1.74
C LYS A 32 -19.85 61.94 -1.08
N ALA A 33 -19.85 62.05 0.25
CA ALA A 33 -18.64 62.26 1.03
C ALA A 33 -17.73 61.02 1.01
N THR A 34 -18.33 59.85 1.21
CA THR A 34 -17.62 58.57 1.18
C THR A 34 -17.07 58.23 -0.22
N ALA A 35 -17.79 58.66 -1.26
CA ALA A 35 -17.34 58.49 -2.64
C ALA A 35 -16.03 59.26 -2.89
N ALA A 36 -15.97 60.47 -2.34
CA ALA A 36 -14.79 61.32 -2.43
C ALA A 36 -13.57 60.69 -1.76
N GLU A 37 -13.81 59.92 -0.70
CA GLU A 37 -12.73 59.20 -0.02
C GLU A 37 -12.16 58.11 -0.92
N PHE A 38 -13.03 57.42 -1.64
CA PHE A 38 -12.61 56.31 -2.50
C PHE A 38 -11.82 56.79 -3.71
N THR A 39 -12.22 57.93 -4.26
CA THR A 39 -11.53 58.53 -5.39
C THR A 39 -10.21 59.13 -4.94
N THR A 40 -10.19 59.69 -3.74
CA THR A 40 -8.96 60.16 -3.11
C THR A 40 -7.91 59.05 -3.06
N TYR A 41 -8.31 57.87 -2.60
CA TYR A 41 -7.43 56.69 -2.55
C TYR A 41 -6.80 56.37 -3.90
N TYR A 42 -7.56 56.54 -4.98
CA TYR A 42 -7.05 56.32 -6.32
C TYR A 42 -6.13 57.44 -6.79
N TYR A 43 -6.62 58.67 -6.67
CA TYR A 43 -5.95 59.84 -7.22
C TYR A 43 -4.69 60.19 -6.45
N TYR A 44 -4.73 60.04 -5.13
CA TYR A 44 -3.56 60.29 -4.28
C TYR A 44 -2.45 59.27 -4.56
N THR A 45 -2.80 58.09 -5.05
CA THR A 45 -1.80 57.11 -5.49
C THR A 45 -0.94 57.73 -6.57
N ILE A 46 -1.59 58.24 -7.60
CA ILE A 46 -0.91 58.85 -8.74
C ILE A 46 -0.13 60.08 -8.30
N LEU A 47 -0.74 60.93 -7.49
CA LEU A 47 -0.08 62.16 -7.02
C LEU A 47 1.19 61.85 -6.22
N ARG A 48 1.12 60.82 -5.37
CA ARG A 48 2.27 60.38 -4.59
C ARG A 48 3.38 59.86 -5.49
N MSE A 49 3.01 59.08 -6.50
CA MSE A 49 3.99 58.51 -7.44
C MSE A 49 4.84 59.60 -8.10
O MSE A 49 6.02 59.38 -8.36
CB MSE A 49 3.29 57.71 -8.56
CG MSE A 49 2.53 56.50 -8.09
SE MSE A 49 3.65 55.02 -7.58
CE MSE A 49 2.27 53.91 -6.82
N HIS A 50 4.24 60.75 -8.34
CA HIS A 50 4.88 61.81 -9.11
C HIS A 50 5.55 62.89 -8.25
N LEU A 51 5.57 62.71 -6.93
CA LEU A 51 6.38 63.55 -6.03
C LEU A 51 7.83 63.04 -6.05
N THR A 52 8.52 63.35 -7.14
CA THR A 52 9.83 62.77 -7.44
C THR A 52 10.95 63.78 -7.21
N GLY A 53 12.19 63.36 -7.51
CA GLY A 53 13.35 64.22 -7.34
C GLY A 53 13.74 64.32 -5.88
N MSE A 54 14.71 65.19 -5.62
CA MSE A 54 15.17 65.42 -4.25
C MSE A 54 14.25 66.41 -3.54
O MSE A 54 14.15 66.39 -2.32
CB MSE A 54 16.60 65.90 -4.26
CG MSE A 54 17.56 64.80 -4.64
SE MSE A 54 19.24 65.48 -5.25
CE MSE A 54 19.59 66.84 -3.88
N GLU A 55 13.58 67.26 -4.31
CA GLU A 55 12.55 68.16 -3.78
C GLU A 55 11.36 67.38 -3.23
N GLY A 56 10.88 66.42 -4.01
CA GLY A 56 9.65 65.69 -3.69
C GLY A 56 9.80 64.47 -2.79
N GLU A 57 11.04 64.05 -2.53
CA GLU A 57 11.28 62.79 -1.81
C GLU A 57 10.60 62.72 -0.45
N GLY A 58 10.80 63.73 0.38
CA GLY A 58 10.26 63.77 1.73
C GLY A 58 8.76 64.02 1.76
N LEU A 59 8.22 64.52 0.65
CA LEU A 59 6.81 64.83 0.54
C LEU A 59 5.96 63.58 0.30
N LYS A 60 6.56 62.55 -0.30
CA LYS A 60 5.85 61.31 -0.62
C LYS A 60 5.15 60.69 0.59
N GLU A 61 5.88 60.57 1.70
CA GLU A 61 5.35 59.87 2.88
C GLU A 61 4.19 60.62 3.54
N ILE A 62 4.18 61.94 3.41
CA ILE A 62 3.08 62.78 3.92
C ILE A 62 1.82 62.58 3.06
N ALA A 63 2.01 62.50 1.74
CA ALA A 63 0.91 62.20 0.83
C ALA A 63 0.44 60.75 0.99
N GLU A 64 1.38 59.87 1.34
CA GLU A 64 1.07 58.45 1.58
C GLU A 64 0.14 58.31 2.78
N ASP A 65 0.52 58.98 3.87
CA ASP A 65 -0.25 58.96 5.12
C ASP A 65 -1.69 59.45 4.92
N ALA A 66 -1.84 60.54 4.17
CA ALA A 66 -3.16 61.05 3.86
C ALA A 66 -3.97 60.03 3.05
N ARG A 67 -3.32 59.43 2.05
CA ARG A 67 -3.96 58.46 1.17
C ARG A 67 -4.52 57.29 1.96
N LEU A 68 -3.69 56.69 2.80
CA LEU A 68 -4.09 55.52 3.56
C LEU A 68 -5.16 55.83 4.59
N GLU A 69 -5.07 57.01 5.21
CA GLU A 69 -6.07 57.46 6.19
C GLU A 69 -7.40 57.75 5.51
N ASP A 70 -7.38 58.29 4.31
CA ASP A 70 -8.61 58.53 3.54
C ASP A 70 -9.26 57.23 3.07
N ARG A 71 -8.46 56.21 2.77
CA ARG A 71 -9.01 54.88 2.45
C ARG A 71 -9.75 54.28 3.66
N LEU A 72 -9.20 54.49 4.85
CA LEU A 72 -9.86 54.03 6.07
C LEU A 72 -11.10 54.86 6.39
N HIS A 73 -11.13 56.12 5.97
CA HIS A 73 -12.34 56.93 6.08
C HIS A 73 -13.47 56.32 5.23
N PHE A 74 -13.13 55.86 4.04
CA PHE A 74 -14.06 55.19 3.13
C PHE A 74 -14.65 53.94 3.80
N GLU A 75 -13.77 53.10 4.35
CA GLU A 75 -14.18 51.88 5.02
C GLU A 75 -15.08 52.18 6.22
N LEU A 76 -14.71 53.22 6.96
CA LEU A 76 -15.41 53.60 8.18
C LEU A 76 -16.85 54.02 7.89
N MSE A 77 -17.02 54.94 6.95
CA MSE A 77 -18.34 55.52 6.71
C MSE A 77 -19.23 54.64 5.84
O MSE A 77 -20.46 54.74 5.89
CB MSE A 77 -18.21 56.93 6.12
CG MSE A 77 -19.49 57.78 6.27
SE MSE A 77 -20.17 57.91 8.12
CE MSE A 77 -19.02 59.31 8.84
N THR A 78 -18.62 53.78 5.04
CA THR A 78 -19.38 52.80 4.24
C THR A 78 -20.21 51.89 5.15
N GLN A 79 -19.60 51.42 6.23
CA GLN A 79 -20.32 50.61 7.22
C GLN A 79 -21.57 51.35 7.73
N ARG A 80 -21.40 52.62 8.09
CA ARG A 80 -22.48 53.44 8.62
C ARG A 80 -23.62 53.67 7.62
N ILE A 81 -23.27 53.79 6.34
CA ILE A 81 -24.26 53.97 5.28
C ILE A 81 -25.22 52.79 5.23
N TYR A 82 -24.69 51.58 5.35
CA TYR A 82 -25.51 50.37 5.31
C TYR A 82 -26.31 50.16 6.60
N GLU A 83 -25.75 50.58 7.73
CA GLU A 83 -26.48 50.59 8.99
C GLU A 83 -27.72 51.48 8.94
N LEU A 84 -27.63 52.57 8.17
CA LEU A 84 -28.75 53.50 8.01
C LEU A 84 -29.73 53.07 6.91
N GLY A 85 -29.46 51.93 6.28
CA GLY A 85 -30.35 51.39 5.25
C GLY A 85 -30.08 51.93 3.85
N GLY A 86 -28.92 52.57 3.67
CA GLY A 86 -28.47 53.03 2.36
C GLY A 86 -27.49 52.05 1.74
N GLY A 87 -26.94 52.42 0.59
CA GLY A 87 -25.93 51.60 -0.08
C GLY A 87 -24.99 52.44 -0.93
N LEU A 88 -23.87 51.84 -1.34
CA LEU A 88 -22.99 52.46 -2.32
C LEU A 88 -23.61 52.31 -3.72
N PRO A 89 -23.24 53.21 -4.65
CA PRO A 89 -23.73 53.07 -6.02
C PRO A 89 -23.36 51.72 -6.62
N ARG A 90 -24.30 51.16 -7.38
CA ARG A 90 -24.10 49.89 -8.09
C ARG A 90 -22.84 49.92 -8.95
N ASP A 91 -22.68 50.98 -9.74
CA ASP A 91 -21.55 51.12 -10.65
C ASP A 91 -20.46 52.01 -10.05
N ILE A 92 -19.21 51.68 -10.33
CA ILE A 92 -18.07 52.45 -9.84
C ILE A 92 -18.00 53.83 -10.50
N ARG A 93 -18.48 53.93 -11.73
CA ARG A 93 -18.51 55.21 -12.47
C ARG A 93 -19.53 56.17 -11.85
N GLN A 94 -20.65 55.65 -11.36
CA GLN A 94 -21.64 56.42 -10.61
C GLN A 94 -21.00 57.05 -9.38
N LEU A 95 -20.22 56.24 -8.65
CA LEU A 95 -19.48 56.69 -7.47
C LEU A 95 -18.60 57.90 -7.79
N ALA A 96 -17.86 57.80 -8.89
CA ALA A 96 -16.98 58.88 -9.33
C ALA A 96 -17.78 60.16 -9.59
N ASP A 97 -18.92 60.01 -10.27
CA ASP A 97 -19.76 61.14 -10.64
C ASP A 97 -20.44 61.84 -9.47
N ILE A 98 -20.84 61.08 -8.44
CA ILE A 98 -21.51 61.69 -7.28
C ILE A 98 -20.56 62.13 -6.19
N SER A 99 -19.27 61.92 -6.38
CA SER A 99 -18.26 62.37 -5.42
C SER A 99 -18.50 63.81 -4.98
N ALA A 100 -18.39 64.05 -3.67
CA ALA A 100 -18.53 65.39 -3.11
C ALA A 100 -17.48 66.36 -3.65
N CYS A 101 -16.31 65.84 -4.00
CA CYS A 101 -15.18 66.65 -4.44
C CYS A 101 -14.85 66.47 -5.92
N SER A 102 -14.21 67.51 -6.48
CA SER A 102 -13.67 67.47 -7.83
C SER A 102 -12.52 66.47 -7.92
N ASP A 103 -12.36 65.85 -9.08
CA ASP A 103 -11.32 64.84 -9.28
C ASP A 103 -9.92 65.42 -9.09
N ALA A 104 -9.12 64.77 -8.24
CA ALA A 104 -7.77 65.24 -7.91
C ALA A 104 -6.75 64.79 -8.96
N TYR A 105 -6.90 65.32 -10.17
CA TYR A 105 -6.07 64.95 -11.30
C TYR A 105 -4.62 65.39 -11.13
N LEU A 106 -3.71 64.62 -11.70
CA LEU A 106 -2.30 65.02 -11.78
C LEU A 106 -2.21 66.31 -12.58
N PRO A 107 -1.60 67.36 -12.01
CA PRO A 107 -1.48 68.61 -12.78
C PRO A 107 -0.49 68.49 -13.95
N GLU A 108 -0.50 69.50 -14.81
CA GLU A 108 0.28 69.46 -16.04
C GLU A 108 1.78 69.62 -15.77
N ASN A 109 2.13 70.60 -14.95
CA ASN A 109 3.50 70.81 -14.52
C ASN A 109 3.76 70.12 -13.18
N TRP A 110 3.55 68.80 -13.17
CA TRP A 110 3.67 68.00 -11.94
C TRP A 110 5.12 67.89 -11.43
N LYS A 111 6.09 68.12 -12.31
CA LYS A 111 7.50 68.09 -11.94
C LYS A 111 7.86 69.18 -10.93
N ASP A 112 7.07 70.26 -10.89
CA ASP A 112 7.07 71.18 -9.76
C ASP A 112 6.19 70.56 -8.68
N PRO A 113 6.80 70.13 -7.55
CA PRO A 113 6.00 69.46 -6.51
C PRO A 113 4.94 70.35 -5.87
N LYS A 114 5.11 71.67 -5.92
CA LYS A 114 4.11 72.61 -5.43
C LYS A 114 2.79 72.51 -6.19
N GLU A 115 2.85 72.14 -7.47
CA GLU A 115 1.64 71.94 -8.27
C GLU A 115 0.84 70.75 -7.73
N ILE A 116 1.54 69.70 -7.35
CA ILE A 116 0.92 68.53 -6.74
C ILE A 116 0.34 68.88 -5.37
N LEU A 117 1.11 69.62 -4.58
CA LEU A 117 0.67 70.02 -3.25
C LEU A 117 -0.60 70.88 -3.29
N LYS A 118 -0.71 71.73 -4.31
CA LYS A 118 -1.91 72.53 -4.53
C LYS A 118 -3.13 71.65 -4.72
N VAL A 119 -2.99 70.60 -5.53
CA VAL A 119 -4.10 69.67 -5.80
C VAL A 119 -4.49 68.92 -4.53
N LEU A 120 -3.49 68.43 -3.79
CA LEU A 120 -3.73 67.76 -2.52
C LEU A 120 -4.47 68.69 -1.56
N LEU A 121 -4.00 69.91 -1.44
CA LEU A 121 -4.60 70.89 -0.53
C LEU A 121 -6.06 71.16 -0.86
N GLU A 122 -6.36 71.38 -2.14
CA GLU A 122 -7.72 71.66 -2.57
C GLU A 122 -8.66 70.48 -2.29
N ALA A 123 -8.15 69.26 -2.48
CA ALA A 123 -8.92 68.06 -2.18
C ALA A 123 -9.25 67.97 -0.68
N GLU A 124 -8.26 68.23 0.17
CA GLU A 124 -8.45 68.21 1.63
C GLU A 124 -9.43 69.30 2.09
N GLN A 125 -9.29 70.51 1.53
CA GLN A 125 -10.16 71.63 1.88
C GLN A 125 -11.62 71.35 1.55
N CYS A 126 -11.84 70.65 0.45
CA CYS A 126 -13.17 70.21 0.07
C CYS A 126 -13.71 69.19 1.07
N ALA A 127 -12.85 68.23 1.46
CA ALA A 127 -13.22 67.22 2.44
C ALA A 127 -13.60 67.84 3.79
N ILE A 128 -12.88 68.87 4.21
CA ILE A 128 -13.18 69.58 5.46
C ILE A 128 -14.60 70.15 5.44
N ARG A 129 -14.91 70.90 4.38
CA ARG A 129 -16.25 71.45 4.16
C ARG A 129 -17.32 70.37 4.08
N THR A 130 -16.98 69.26 3.42
CA THR A 130 -17.91 68.15 3.24
C THR A 130 -18.28 67.48 4.56
N TRP A 131 -17.27 67.13 5.37
CA TRP A 131 -17.50 66.44 6.64
C TRP A 131 -18.01 67.37 7.74
N LYS A 132 -17.69 68.65 7.64
CA LYS A 132 -18.23 69.65 8.55
C LYS A 132 -19.75 69.80 8.35
N GLU A 133 -20.21 69.68 7.10
CA GLU A 133 -21.65 69.73 6.83
C GLU A 133 -22.35 68.55 7.50
N VAL A 134 -21.76 67.36 7.38
CA VAL A 134 -22.31 66.16 8.01
C VAL A 134 -22.39 66.29 9.53
N CYS A 135 -21.36 66.89 10.12
CA CYS A 135 -21.35 67.18 11.56
C CYS A 135 -22.49 68.10 11.97
N ASP A 136 -22.74 69.14 11.17
CA ASP A 136 -23.78 70.10 11.44
C ASP A 136 -25.18 69.49 11.39
N MSE A 137 -25.38 68.54 10.48
CA MSE A 137 -26.66 67.84 10.33
C MSE A 137 -26.93 66.84 11.44
O MSE A 137 -28.06 66.73 11.90
CB MSE A 137 -26.70 67.08 9.01
CG MSE A 137 -26.80 67.95 7.78
SE MSE A 137 -26.68 66.86 6.15
CE MSE A 137 -27.97 65.52 6.58
N THR A 138 -25.91 66.10 11.84
CA THR A 138 -26.04 65.03 12.83
C THR A 138 -25.87 65.54 14.26
N TYR A 139 -25.33 66.75 14.39
CA TYR A 139 -25.15 67.40 15.69
C TYR A 139 -26.46 67.46 16.47
N GLY A 140 -26.47 66.81 17.64
CA GLY A 140 -27.62 66.80 18.53
C GLY A 140 -28.75 65.87 18.14
N LYS A 141 -28.49 64.98 17.19
CA LYS A 141 -29.53 64.07 16.66
C LYS A 141 -29.06 62.64 16.46
N ASP A 142 -27.85 62.48 15.91
CA ASP A 142 -27.30 61.19 15.52
C ASP A 142 -25.87 61.02 16.06
N PRO A 143 -25.74 60.57 17.32
CA PRO A 143 -24.43 60.41 17.98
C PRO A 143 -23.40 59.56 17.23
N ARG A 144 -23.85 58.45 16.65
CA ARG A 144 -22.97 57.52 15.94
C ARG A 144 -22.40 58.18 14.69
N THR A 145 -23.26 58.71 13.83
CA THR A 145 -22.79 59.36 12.59
C THR A 145 -21.96 60.58 12.89
N TYR A 146 -22.35 61.34 13.92
CA TYR A 146 -21.62 62.54 14.29
C TYR A 146 -20.21 62.18 14.71
N ASP A 147 -20.08 61.20 15.60
CA ASP A 147 -18.78 60.78 16.12
C ASP A 147 -17.84 60.35 15.01
N LEU A 148 -18.36 59.56 14.07
CA LEU A 148 -17.55 59.07 12.96
C LEU A 148 -17.14 60.22 12.05
N ALA A 149 -18.11 61.06 11.68
CA ALA A 149 -17.85 62.22 10.81
C ALA A 149 -16.85 63.19 11.47
N GLN A 150 -17.04 63.46 12.76
CA GLN A 150 -16.12 64.27 13.54
C GLN A 150 -14.69 63.73 13.53
N ARG A 151 -14.55 62.41 13.71
CA ARG A 151 -13.25 61.74 13.66
C ARG A 151 -12.54 61.95 12.31
N ILE A 152 -13.30 61.77 11.24
CA ILE A 152 -12.78 61.96 9.88
C ILE A 152 -12.38 63.42 9.65
N LEU A 153 -13.31 64.33 9.95
CA LEU A 153 -13.09 65.77 9.85
C LEU A 153 -11.78 66.14 10.55
N GLN A 154 -11.59 65.56 11.73
CA GLN A 154 -10.40 65.78 12.52
C GLN A 154 -9.12 65.49 11.73
N GLU A 155 -9.10 64.37 11.02
CA GLU A 155 -7.95 63.97 10.21
C GLU A 155 -7.81 64.82 8.94
N GLU A 156 -8.91 65.28 8.35
CA GLU A 156 -8.85 66.15 7.16
C GLU A 156 -8.24 67.51 7.49
N ILE A 157 -8.58 68.02 8.67
CA ILE A 157 -7.98 69.22 9.23
C ILE A 157 -6.47 69.06 9.39
N GLU A 158 -6.06 67.88 9.87
CA GLU A 158 -4.64 67.55 9.96
C GLU A 158 -3.99 67.48 8.59
N HIS A 159 -4.66 66.83 7.64
CA HIS A 159 -4.12 66.69 6.29
C HIS A 159 -3.92 68.06 5.62
N GLU A 160 -4.93 68.93 5.73
CA GLU A 160 -4.82 70.30 5.20
C GLU A 160 -3.64 71.03 5.84
N ALA A 161 -3.47 70.84 7.14
CA ALA A 161 -2.39 71.47 7.88
C ALA A 161 -1.00 71.01 7.41
N TRP A 162 -0.89 69.73 7.04
CA TRP A 162 0.35 69.17 6.52
C TRP A 162 0.75 69.86 5.22
N PHE A 163 -0.20 69.97 4.29
CA PHE A 163 0.07 70.54 2.97
C PHE A 163 0.24 72.06 3.01
N LEU A 164 -0.49 72.73 3.91
CA LEU A 164 -0.29 74.16 4.16
C LEU A 164 1.12 74.47 4.68
N GLU A 165 1.65 73.58 5.50
CA GLU A 165 3.01 73.72 6.03
C GLU A 165 4.07 73.54 4.95
N LEU A 166 3.81 72.64 4.00
CA LEU A 166 4.72 72.39 2.87
C LEU A 166 4.67 73.50 1.81
N LEU A 167 3.46 73.85 1.37
CA LEU A 167 3.28 74.89 0.33
C LEU A 167 3.72 76.25 0.83
N TYR A 168 3.16 76.66 1.96
CA TYR A 168 3.50 77.92 2.60
C TYR A 168 4.36 77.59 3.80
N GLY A 169 4.82 78.58 4.54
CA GLY A 169 5.64 78.30 5.71
C GLY A 169 4.84 78.23 7.00
N ARG A 170 3.65 77.65 6.94
CA ARG A 170 2.69 77.73 8.04
C ARG A 170 2.81 76.55 9.01
N PRO A 171 3.23 76.80 10.27
CA PRO A 171 3.33 75.73 11.28
C PRO A 171 2.03 74.94 11.53
N SER A 172 2.18 73.70 12.01
CA SER A 172 1.03 72.78 12.23
C SER A 172 1.35 71.64 13.19
N GLY A 173 1.85 70.53 12.64
CA GLY A 173 2.11 69.29 13.39
C GLY A 173 3.41 68.60 12.98
N HIS A 174 3.34 67.30 12.71
CA HIS A 174 4.54 66.47 12.63
C HIS A 174 4.36 65.32 11.62
N PRO B 8 17.09 59.31 -19.19
CA PRO B 8 18.00 58.50 -18.38
C PRO B 8 18.06 57.02 -18.78
N LYS B 9 19.25 56.43 -18.64
CA LYS B 9 19.45 54.99 -18.83
C LYS B 9 18.80 54.21 -17.69
N VAL B 10 17.81 53.37 -18.03
CA VAL B 10 17.13 52.52 -17.05
C VAL B 10 17.51 51.06 -17.33
N VAL B 11 18.50 50.57 -16.61
CA VAL B 11 19.07 49.24 -16.88
C VAL B 11 18.08 48.11 -16.54
N GLY B 12 17.25 48.32 -15.52
CA GLY B 12 16.17 47.38 -15.19
C GLY B 12 15.18 47.17 -16.34
N VAL B 13 15.10 48.14 -17.24
CA VAL B 13 14.31 48.02 -18.48
C VAL B 13 15.16 47.41 -19.61
N GLU B 14 16.41 47.84 -19.73
CA GLU B 14 17.31 47.35 -20.79
C GLU B 14 17.47 45.83 -20.82
N ILE B 15 17.59 45.23 -19.64
CA ILE B 15 17.73 43.77 -19.53
C ILE B 15 16.51 43.01 -20.06
N LEU B 16 15.35 43.66 -20.03
CA LEU B 16 14.12 43.10 -20.59
C LEU B 16 14.08 43.25 -22.11
N GLU B 17 14.52 44.40 -22.61
CA GLU B 17 14.55 44.70 -24.05
C GLU B 17 15.48 43.74 -24.79
N LYS B 18 16.60 43.42 -24.17
CA LYS B 18 17.55 42.43 -24.71
C LYS B 18 16.91 41.05 -24.95
N SER B 19 15.92 40.71 -24.13
CA SER B 19 15.19 39.44 -24.26
C SER B 19 14.14 39.47 -25.37
N GLY B 20 13.99 40.62 -26.05
CA GLY B 20 12.97 40.78 -27.08
C GLY B 20 11.56 40.90 -26.52
N LEU B 21 11.45 41.36 -25.28
CA LEU B 21 10.16 41.58 -24.63
C LEU B 21 9.58 42.93 -25.08
N ASP B 22 8.32 42.91 -25.53
CA ASP B 22 7.61 44.14 -25.88
C ASP B 22 7.07 44.77 -24.59
N ILE B 23 7.72 45.84 -24.16
CA ILE B 23 7.46 46.45 -22.87
C ILE B 23 6.19 47.28 -22.88
N LYS B 24 5.94 47.97 -23.99
CA LYS B 24 4.70 48.74 -24.15
C LYS B 24 3.48 47.81 -24.07
N LYS B 25 3.56 46.66 -24.74
CA LYS B 25 2.48 45.68 -24.70
C LYS B 25 2.34 45.07 -23.30
N LEU B 26 3.46 44.82 -22.63
CA LEU B 26 3.45 44.26 -21.28
C LEU B 26 2.80 45.22 -20.30
N VAL B 27 3.23 46.47 -20.31
CA VAL B 27 2.68 47.49 -19.42
C VAL B 27 1.18 47.67 -19.65
N ASP B 28 0.76 47.63 -20.91
CA ASP B 28 -0.66 47.73 -21.26
C ASP B 28 -1.48 46.62 -20.63
N LYS B 29 -0.94 45.39 -20.66
CA LYS B 29 -1.59 44.24 -20.02
C LYS B 29 -1.62 44.37 -18.49
N LEU B 30 -0.49 44.81 -17.93
CA LEU B 30 -0.37 45.04 -16.48
C LEU B 30 -1.37 46.06 -15.96
N VAL B 31 -1.56 47.15 -16.71
CA VAL B 31 -2.50 48.20 -16.34
C VAL B 31 -3.95 47.68 -16.35
N LYS B 32 -4.31 46.90 -17.36
CA LYS B 32 -5.65 46.33 -17.47
C LYS B 32 -5.90 45.31 -16.36
N ALA B 33 -4.89 44.51 -16.04
CA ALA B 33 -4.97 43.52 -14.96
C ALA B 33 -5.04 44.19 -13.58
N THR B 34 -4.22 45.22 -13.39
CA THR B 34 -4.17 45.99 -12.15
C THR B 34 -5.47 46.79 -11.95
N ALA B 35 -6.04 47.30 -13.04
CA ALA B 35 -7.31 48.02 -13.00
C ALA B 35 -8.43 47.12 -12.49
N ALA B 36 -8.41 45.85 -12.87
CA ALA B 36 -9.41 44.88 -12.43
C ALA B 36 -9.32 44.62 -10.92
N GLU B 37 -8.09 44.67 -10.40
CA GLU B 37 -7.86 44.53 -8.97
C GLU B 37 -8.47 45.69 -8.18
N PHE B 38 -8.41 46.89 -8.75
CA PHE B 38 -8.95 48.06 -8.10
C PHE B 38 -10.48 48.04 -8.08
N THR B 39 -11.09 47.67 -9.20
CA THR B 39 -12.54 47.56 -9.27
C THR B 39 -13.07 46.43 -8.38
N THR B 40 -12.33 45.32 -8.33
CA THR B 40 -12.62 44.21 -7.43
C THR B 40 -12.72 44.69 -5.97
N TYR B 41 -11.77 45.51 -5.55
CA TYR B 41 -11.80 46.11 -4.22
C TYR B 41 -13.11 46.87 -3.96
N TYR B 42 -13.60 47.60 -4.96
CA TYR B 42 -14.88 48.30 -4.84
C TYR B 42 -16.08 47.35 -4.87
N TYR B 43 -16.13 46.50 -5.88
CA TYR B 43 -17.30 45.68 -6.12
C TYR B 43 -17.48 44.59 -5.08
N TYR B 44 -16.38 44.00 -4.64
CA TYR B 44 -16.41 42.98 -3.58
C TYR B 44 -16.91 43.56 -2.25
N THR B 45 -16.67 44.86 -2.03
CA THR B 45 -17.22 45.56 -0.85
C THR B 45 -18.74 45.38 -0.82
N ILE B 46 -19.39 45.71 -1.94
CA ILE B 46 -20.84 45.63 -2.06
C ILE B 46 -21.34 44.17 -2.00
N LEU B 47 -20.61 43.27 -2.65
CA LEU B 47 -20.98 41.86 -2.66
C LEU B 47 -20.92 41.25 -1.26
N ARG B 48 -19.88 41.62 -0.50
CA ARG B 48 -19.72 41.17 0.88
C ARG B 48 -20.82 41.70 1.80
N MSE B 49 -21.18 42.97 1.63
CA MSE B 49 -22.24 43.60 2.41
C MSE B 49 -23.57 42.84 2.30
O MSE B 49 -24.31 42.75 3.28
CB MSE B 49 -22.50 45.03 1.92
CG MSE B 49 -21.33 45.97 2.10
SE MSE B 49 -21.08 46.55 3.93
CE MSE B 49 -19.33 47.36 3.68
N HIS B 50 -23.83 42.28 1.12
CA HIS B 50 -25.12 41.64 0.82
C HIS B 50 -25.14 40.12 1.03
N LEU B 51 -24.03 39.55 1.51
CA LEU B 51 -24.02 38.16 1.97
C LEU B 51 -24.61 38.10 3.38
N THR B 52 -25.93 38.25 3.45
CA THR B 52 -26.66 38.44 4.69
C THR B 52 -27.41 37.15 5.09
N GLY B 53 -28.14 37.23 6.20
CA GLY B 53 -28.88 36.08 6.71
C GLY B 53 -27.96 35.07 7.37
N MSE B 54 -28.56 33.98 7.83
CA MSE B 54 -27.80 32.90 8.44
C MSE B 54 -27.07 32.05 7.39
O MSE B 54 -26.03 31.46 7.67
CB MSE B 54 -28.73 32.04 9.29
CG MSE B 54 -29.22 32.79 10.51
SE MSE B 54 -30.85 32.07 11.24
CE MSE B 54 -30.35 30.17 11.28
N GLU B 55 -27.62 32.01 6.17
CA GLU B 55 -26.94 31.37 5.05
C GLU B 55 -25.62 32.08 4.73
N GLY B 56 -25.68 33.39 4.53
CA GLY B 56 -24.53 34.18 4.08
C GLY B 56 -23.52 34.63 5.14
N GLU B 57 -23.78 34.33 6.41
CA GLU B 57 -22.95 34.88 7.50
C GLU B 57 -21.50 34.40 7.43
N GLY B 58 -21.30 33.10 7.27
CA GLY B 58 -19.95 32.52 7.20
C GLY B 58 -19.23 32.85 5.91
N LEU B 59 -20.00 33.20 4.88
CA LEU B 59 -19.45 33.50 3.57
C LEU B 59 -18.78 34.87 3.52
N LYS B 60 -19.25 35.81 4.34
CA LYS B 60 -18.75 37.18 4.34
C LYS B 60 -17.23 37.26 4.51
N GLU B 61 -16.69 36.52 5.47
CA GLU B 61 -15.26 36.58 5.77
C GLU B 61 -14.39 36.02 4.64
N ILE B 62 -14.92 35.05 3.90
CA ILE B 62 -14.21 34.49 2.73
C ILE B 62 -14.17 35.50 1.58
N ALA B 63 -15.29 36.19 1.37
CA ALA B 63 -15.35 37.29 0.39
C ALA B 63 -14.49 38.48 0.84
N GLU B 64 -14.39 38.68 2.15
CA GLU B 64 -13.60 39.75 2.76
C GLU B 64 -12.11 39.51 2.53
N ASP B 65 -11.69 38.27 2.77
CA ASP B 65 -10.30 37.87 2.56
C ASP B 65 -9.88 38.08 1.10
N ALA B 66 -10.74 37.71 0.17
CA ALA B 66 -10.47 37.93 -1.26
C ALA B 66 -10.35 39.42 -1.58
N ARG B 67 -11.27 40.22 -1.04
CA ARG B 67 -11.31 41.66 -1.30
C ARG B 67 -10.04 42.37 -0.87
N LEU B 68 -9.59 42.05 0.35
CA LEU B 68 -8.39 42.66 0.91
C LEU B 68 -7.12 42.20 0.19
N GLU B 69 -7.08 40.93 -0.20
CA GLU B 69 -5.92 40.41 -0.93
C GLU B 69 -5.82 41.02 -2.33
N ASP B 70 -6.97 41.20 -2.98
CA ASP B 70 -7.02 41.82 -4.30
C ASP B 70 -6.62 43.29 -4.28
N ARG B 71 -6.96 44.02 -3.22
CA ARG B 71 -6.49 45.39 -3.04
C ARG B 71 -4.96 45.43 -2.94
N LEU B 72 -4.38 44.46 -2.23
CA LEU B 72 -2.92 44.37 -2.13
C LEU B 72 -2.28 43.95 -3.46
N HIS B 73 -3.01 43.20 -4.29
CA HIS B 73 -2.55 42.90 -5.65
C HIS B 73 -2.43 44.18 -6.48
N PHE B 74 -3.40 45.09 -6.30
CA PHE B 74 -3.39 46.40 -6.94
C PHE B 74 -2.17 47.22 -6.52
N GLU B 75 -1.92 47.26 -5.21
CA GLU B 75 -0.77 47.97 -4.65
C GLU B 75 0.55 47.40 -5.18
N LEU B 76 0.60 46.08 -5.26
CA LEU B 76 1.81 45.36 -5.63
C LEU B 76 2.22 45.64 -7.08
N MSE B 77 1.28 45.44 -7.99
CA MSE B 77 1.57 45.57 -9.42
C MSE B 77 1.61 47.02 -9.88
O MSE B 77 2.25 47.33 -10.90
CB MSE B 77 0.57 44.76 -10.26
CG MSE B 77 1.06 44.46 -11.67
SE MSE B 77 2.83 43.60 -11.73
CE MSE B 77 2.32 41.74 -11.39
N THR B 78 0.94 47.91 -9.16
CA THR B 78 1.00 49.35 -9.46
C THR B 78 2.45 49.85 -9.36
N GLN B 79 3.16 49.43 -8.33
CA GLN B 79 4.57 49.77 -8.18
C GLN B 79 5.37 49.35 -9.42
N ARG B 80 5.13 48.12 -9.86
CA ARG B 80 5.87 47.55 -10.98
C ARG B 80 5.59 48.28 -12.30
N ILE B 81 4.34 48.69 -12.51
CA ILE B 81 3.95 49.47 -13.69
C ILE B 81 4.80 50.74 -13.85
N TYR B 82 5.05 51.43 -12.73
CA TYR B 82 5.82 52.66 -12.74
C TYR B 82 7.32 52.39 -12.90
N GLU B 83 7.80 51.29 -12.33
CA GLU B 83 9.18 50.84 -12.54
C GLU B 83 9.48 50.59 -14.01
N LEU B 84 8.49 50.09 -14.75
CA LEU B 84 8.62 49.85 -16.19
C LEU B 84 8.38 51.10 -17.04
N GLY B 85 8.14 52.24 -16.41
CA GLY B 85 7.99 53.50 -17.11
C GLY B 85 6.56 53.77 -17.53
N GLY B 86 5.62 52.95 -17.05
CA GLY B 86 4.20 53.14 -17.32
C GLY B 86 3.51 53.94 -16.22
N GLY B 87 2.19 54.05 -16.32
CA GLY B 87 1.39 54.76 -15.33
C GLY B 87 -0.07 54.34 -15.33
N LEU B 88 -0.77 54.67 -14.24
CA LEU B 88 -2.21 54.41 -14.15
C LEU B 88 -2.94 55.47 -14.97
N PRO B 89 -4.16 55.14 -15.43
CA PRO B 89 -4.96 56.13 -16.18
C PRO B 89 -5.23 57.41 -15.38
N ARG B 90 -5.17 58.55 -16.05
CA ARG B 90 -5.38 59.85 -15.42
C ARG B 90 -6.73 59.97 -14.70
N ASP B 91 -7.75 59.41 -15.32
CA ASP B 91 -9.12 59.46 -14.80
C ASP B 91 -9.53 58.08 -14.26
N ILE B 92 -10.24 58.09 -13.15
CA ILE B 92 -10.68 56.85 -12.50
C ILE B 92 -11.70 56.09 -13.37
N ARG B 93 -12.44 56.83 -14.19
CA ARG B 93 -13.41 56.25 -15.13
C ARG B 93 -12.73 55.50 -16.27
N GLN B 94 -11.59 56.01 -16.73
CA GLN B 94 -10.74 55.30 -17.69
C GLN B 94 -10.31 53.94 -17.13
N LEU B 95 -9.87 53.93 -15.87
CA LEU B 95 -9.46 52.71 -15.19
C LEU B 95 -10.55 51.65 -15.22
N ALA B 96 -11.79 52.09 -14.91
CA ALA B 96 -12.94 51.20 -14.92
C ALA B 96 -13.15 50.59 -16.31
N ASP B 97 -13.02 51.43 -17.34
CA ASP B 97 -13.27 51.03 -18.73
C ASP B 97 -12.22 50.06 -19.30
N ILE B 98 -10.95 50.24 -18.92
CA ILE B 98 -9.87 49.38 -19.42
C ILE B 98 -9.62 48.13 -18.56
N SER B 99 -10.44 47.94 -17.52
CA SER B 99 -10.32 46.77 -16.66
C SER B 99 -10.35 45.48 -17.46
N ALA B 100 -9.44 44.56 -17.14
CA ALA B 100 -9.35 43.26 -17.79
C ALA B 100 -10.63 42.43 -17.61
N CYS B 101 -11.38 42.71 -16.54
CA CYS B 101 -12.56 41.94 -16.20
C CYS B 101 -13.85 42.74 -16.27
N SER B 102 -14.95 42.03 -16.52
CA SER B 102 -16.28 42.59 -16.46
C SER B 102 -16.61 43.06 -15.04
N ASP B 103 -17.46 44.08 -14.93
CA ASP B 103 -17.82 44.67 -13.64
C ASP B 103 -18.59 43.66 -12.78
N ALA B 104 -18.11 43.44 -11.56
CA ALA B 104 -18.72 42.45 -10.66
C ALA B 104 -19.94 43.03 -9.94
N TYR B 105 -20.99 43.33 -10.71
CA TYR B 105 -22.18 43.96 -10.16
C TYR B 105 -22.92 43.04 -9.20
N LEU B 106 -23.61 43.66 -8.24
CA LEU B 106 -24.51 42.93 -7.37
C LEU B 106 -25.64 42.33 -8.22
N PRO B 107 -25.84 41.01 -8.14
CA PRO B 107 -26.90 40.41 -8.95
C PRO B 107 -28.30 40.83 -8.46
N GLU B 108 -29.31 40.50 -9.26
CA GLU B 108 -30.68 40.94 -9.00
C GLU B 108 -31.31 40.17 -7.84
N ASN B 109 -31.11 38.85 -7.82
CA ASN B 109 -31.59 37.99 -6.72
C ASN B 109 -30.46 37.74 -5.73
N TRP B 110 -29.88 38.82 -5.22
CA TRP B 110 -28.73 38.76 -4.31
C TRP B 110 -29.03 38.12 -2.96
N LYS B 111 -30.31 38.09 -2.57
CA LYS B 111 -30.72 37.46 -1.32
C LYS B 111 -30.46 35.95 -1.32
N ASP B 112 -30.39 35.35 -2.52
CA ASP B 112 -29.81 34.02 -2.69
C ASP B 112 -28.29 34.20 -2.75
N PRO B 113 -27.57 33.73 -1.72
CA PRO B 113 -26.12 33.95 -1.68
C PRO B 113 -25.34 33.25 -2.80
N LYS B 114 -25.92 32.19 -3.37
CA LYS B 114 -25.32 31.51 -4.52
C LYS B 114 -25.20 32.43 -5.73
N GLU B 115 -26.12 33.38 -5.88
CA GLU B 115 -26.03 34.37 -6.94
C GLU B 115 -24.80 35.25 -6.76
N ILE B 116 -24.57 35.69 -5.52
CA ILE B 116 -23.37 36.48 -5.20
C ILE B 116 -22.10 35.65 -5.43
N LEU B 117 -22.12 34.39 -5.00
CA LEU B 117 -20.97 33.50 -5.18
C LEU B 117 -20.62 33.28 -6.65
N LYS B 118 -21.65 33.19 -7.50
CA LYS B 118 -21.46 33.07 -8.94
C LYS B 118 -20.69 34.27 -9.50
N VAL B 119 -21.08 35.47 -9.10
CA VAL B 119 -20.40 36.71 -9.53
C VAL B 119 -18.96 36.74 -9.04
N LEU B 120 -18.75 36.37 -7.78
CA LEU B 120 -17.40 36.29 -7.22
C LEU B 120 -16.55 35.31 -8.00
N LEU B 121 -17.11 34.13 -8.25
CA LEU B 121 -16.40 33.06 -8.97
C LEU B 121 -16.00 33.49 -10.39
N GLU B 122 -16.92 34.13 -11.10
CA GLU B 122 -16.63 34.59 -12.47
C GLU B 122 -15.51 35.64 -12.51
N ALA B 123 -15.52 36.54 -11.53
CA ALA B 123 -14.48 37.56 -11.40
C ALA B 123 -13.11 36.94 -11.14
N GLU B 124 -13.07 35.92 -10.29
CA GLU B 124 -11.82 35.23 -9.97
C GLU B 124 -11.28 34.43 -11.15
N GLN B 125 -12.19 33.81 -11.89
CA GLN B 125 -11.84 33.02 -13.07
C GLN B 125 -11.22 33.90 -14.16
N CYS B 126 -11.77 35.11 -14.30
CA CYS B 126 -11.23 36.10 -15.22
C CYS B 126 -9.83 36.52 -14.80
N ALA B 127 -9.65 36.76 -13.51
CA ALA B 127 -8.36 37.13 -12.96
C ALA B 127 -7.29 36.05 -13.17
N ILE B 128 -7.70 34.79 -13.06
CA ILE B 128 -6.77 33.67 -13.29
C ILE B 128 -6.27 33.70 -14.72
N ARG B 129 -7.18 33.79 -15.67
CA ARG B 129 -6.80 33.91 -17.09
C ARG B 129 -5.95 35.14 -17.37
N THR B 130 -6.28 36.25 -16.71
CA THR B 130 -5.57 37.52 -16.90
C THR B 130 -4.11 37.44 -16.45
N TRP B 131 -3.88 36.97 -15.22
CA TRP B 131 -2.53 36.89 -14.66
C TRP B 131 -1.70 35.74 -15.24
N LYS B 132 -2.37 34.68 -15.68
CA LYS B 132 -1.71 33.60 -16.39
C LYS B 132 -1.11 34.08 -17.70
N GLU B 133 -1.85 34.95 -18.41
CA GLU B 133 -1.35 35.56 -19.64
C GLU B 133 -0.08 36.39 -19.37
N VAL B 134 -0.07 37.13 -18.27
CA VAL B 134 1.10 37.94 -17.88
C VAL B 134 2.29 37.03 -17.58
N CYS B 135 2.05 35.93 -16.87
CA CYS B 135 3.09 34.94 -16.58
C CYS B 135 3.70 34.35 -17.86
N ASP B 136 2.86 34.07 -18.85
CA ASP B 136 3.33 33.51 -20.12
C ASP B 136 4.24 34.47 -20.88
N MSE B 137 3.91 35.77 -20.86
CA MSE B 137 4.70 36.79 -21.55
C MSE B 137 6.05 37.04 -20.88
O MSE B 137 7.07 37.23 -21.57
CB MSE B 137 3.95 38.10 -21.61
CG MSE B 137 2.74 38.12 -22.53
SE MSE B 137 1.73 39.78 -22.23
CE MSE B 137 3.15 41.01 -22.39
N THR B 138 6.05 37.09 -19.56
CA THR B 138 7.23 37.43 -18.77
C THR B 138 8.10 36.21 -18.47
N TYR B 139 7.55 35.02 -18.71
CA TYR B 139 8.26 33.76 -18.50
C TYR B 139 9.55 33.72 -19.32
N GLY B 140 10.68 33.61 -18.62
CA GLY B 140 11.99 33.48 -19.26
C GLY B 140 12.58 34.78 -19.78
N LYS B 141 12.02 35.91 -19.37
CA LYS B 141 12.41 37.23 -19.85
C LYS B 141 12.46 38.28 -18.74
N ASP B 142 11.40 38.33 -17.94
CA ASP B 142 11.24 39.35 -16.91
C ASP B 142 10.99 38.71 -15.53
N PRO B 143 12.08 38.34 -14.81
CA PRO B 143 11.98 37.69 -13.49
C PRO B 143 11.16 38.46 -12.44
N ARG B 144 11.30 39.78 -12.40
CA ARG B 144 10.57 40.62 -11.45
C ARG B 144 9.06 40.56 -11.69
N THR B 145 8.63 40.92 -12.90
CA THR B 145 7.21 40.93 -13.24
C THR B 145 6.63 39.52 -13.15
N TYR B 146 7.38 38.51 -13.59
CA TYR B 146 6.92 37.13 -13.51
C TYR B 146 6.63 36.74 -12.06
N ASP B 147 7.58 37.00 -11.18
CA ASP B 147 7.43 36.64 -9.77
C ASP B 147 6.20 37.27 -9.13
N LEU B 148 5.97 38.55 -9.41
CA LEU B 148 4.83 39.25 -8.83
C LEU B 148 3.51 38.73 -9.40
N ALA B 149 3.48 38.53 -10.71
CA ALA B 149 2.32 38.01 -11.40
C ALA B 149 2.00 36.58 -10.95
N GLN B 150 3.03 35.76 -10.84
CA GLN B 150 2.91 34.40 -10.32
C GLN B 150 2.30 34.39 -8.91
N ARG B 151 2.84 35.22 -8.03
CA ARG B 151 2.32 35.38 -6.66
C ARG B 151 0.83 35.71 -6.63
N ILE B 152 0.43 36.67 -7.47
CA ILE B 152 -0.95 37.11 -7.56
C ILE B 152 -1.84 35.98 -8.08
N LEU B 153 -1.44 35.40 -9.21
CA LEU B 153 -2.10 34.25 -9.84
C LEU B 153 -2.34 33.15 -8.81
N GLN B 154 -1.32 32.90 -8.00
CA GLN B 154 -1.38 31.90 -6.94
C GLN B 154 -2.56 32.16 -5.98
N GLU B 155 -2.78 33.43 -5.63
CA GLU B 155 -3.88 33.81 -4.74
C GLU B 155 -5.24 33.82 -5.43
N GLU B 156 -5.27 34.16 -6.73
CA GLU B 156 -6.52 34.05 -7.51
C GLU B 156 -7.00 32.60 -7.64
N ILE B 157 -6.05 31.68 -7.81
CA ILE B 157 -6.35 30.25 -7.85
C ILE B 157 -6.99 29.84 -6.53
N GLU B 158 -6.41 30.29 -5.42
CA GLU B 158 -6.97 30.02 -4.10
C GLU B 158 -8.36 30.62 -3.93
N HIS B 159 -8.55 31.84 -4.42
CA HIS B 159 -9.85 32.52 -4.33
C HIS B 159 -10.94 31.76 -5.10
N GLU B 160 -10.62 31.31 -6.32
CA GLU B 160 -11.54 30.51 -7.11
C GLU B 160 -11.90 29.23 -6.38
N ALA B 161 -10.89 28.58 -5.82
CA ALA B 161 -11.09 27.35 -5.06
C ALA B 161 -12.03 27.54 -3.87
N TRP B 162 -11.93 28.69 -3.20
CA TRP B 162 -12.82 29.01 -2.09
C TRP B 162 -14.28 29.04 -2.54
N PHE B 163 -14.56 29.75 -3.62
CA PHE B 163 -15.92 29.95 -4.11
C PHE B 163 -16.47 28.70 -4.79
N LEU B 164 -15.59 27.92 -5.42
CA LEU B 164 -15.95 26.61 -5.96
C LEU B 164 -16.40 25.65 -4.87
N GLU B 165 -15.72 25.70 -3.72
CA GLU B 165 -16.05 24.86 -2.57
C GLU B 165 -17.39 25.25 -1.96
N LEU B 166 -17.72 26.54 -2.01
CA LEU B 166 -18.98 27.03 -1.45
C LEU B 166 -20.15 26.75 -2.37
N LEU B 167 -20.01 27.11 -3.65
CA LEU B 167 -21.08 26.92 -4.66
C LEU B 167 -21.39 25.45 -4.90
N TYR B 168 -20.34 24.69 -5.19
CA TYR B 168 -20.45 23.26 -5.43
C TYR B 168 -19.86 22.59 -4.20
N GLY B 169 -19.78 21.27 -4.18
CA GLY B 169 -19.21 20.60 -3.01
C GLY B 169 -17.74 20.27 -3.16
N ARG B 170 -16.99 21.11 -3.87
CA ARG B 170 -15.65 20.76 -4.34
C ARG B 170 -14.56 21.13 -3.32
N PRO B 171 -13.87 20.12 -2.76
CA PRO B 171 -12.79 20.39 -1.79
C PRO B 171 -11.65 21.26 -2.33
N SER B 172 -11.00 22.01 -1.43
CA SER B 172 -9.90 22.93 -1.78
C SER B 172 -8.90 23.19 -0.64
N GLY B 173 -9.27 24.09 0.28
CA GLY B 173 -8.38 24.53 1.37
C GLY B 173 -9.14 24.91 2.63
N HIS B 174 -8.90 26.12 3.14
CA HIS B 174 -9.29 26.48 4.51
C HIS B 174 -9.55 27.98 4.62
N GLN C 6 -17.58 68.83 56.63
CA GLN C 6 -19.04 68.80 56.29
C GLN C 6 -19.31 67.81 55.15
N GLU C 7 -18.57 67.98 54.06
CA GLU C 7 -18.63 67.11 52.88
C GLU C 7 -17.69 67.71 51.84
N PRO C 8 -17.01 66.87 51.05
CA PRO C 8 -15.98 67.42 50.16
C PRO C 8 -16.55 68.11 48.91
N LYS C 9 -15.85 69.15 48.47
CA LYS C 9 -16.14 69.80 47.21
C LYS C 9 -15.73 68.90 46.04
N VAL C 10 -16.70 68.51 45.21
CA VAL C 10 -16.46 67.70 44.02
C VAL C 10 -16.74 68.55 42.78
N VAL C 11 -15.69 69.14 42.22
CA VAL C 11 -15.81 70.06 41.09
C VAL C 11 -16.28 69.39 39.80
N GLY C 12 -15.95 68.11 39.62
CA GLY C 12 -16.45 67.32 38.49
C GLY C 12 -17.97 67.18 38.49
N VAL C 13 -18.58 67.35 39.66
CA VAL C 13 -20.03 67.37 39.81
C VAL C 13 -20.57 68.81 39.74
N GLU C 14 -19.83 69.77 40.29
CA GLU C 14 -20.26 71.17 40.29
C GLU C 14 -20.49 71.73 38.89
N ILE C 15 -19.59 71.41 37.97
CA ILE C 15 -19.69 71.87 36.57
C ILE C 15 -20.95 71.35 35.87
N LEU C 16 -21.43 70.17 36.31
CA LEU C 16 -22.67 69.60 35.81
C LEU C 16 -23.89 70.33 36.38
N GLU C 17 -23.86 70.57 37.69
CA GLU C 17 -24.94 71.28 38.39
C GLU C 17 -25.17 72.69 37.84
N LYS C 18 -24.09 73.36 37.46
CA LYS C 18 -24.16 74.69 36.83
C LYS C 18 -24.98 74.68 35.53
N SER C 19 -24.95 73.55 34.82
CA SER C 19 -25.68 73.39 33.57
C SER C 19 -27.18 73.15 33.79
N GLY C 20 -27.58 72.94 35.05
CA GLY C 20 -28.97 72.64 35.39
C GLY C 20 -29.29 71.14 35.26
N LEU C 21 -28.26 70.32 35.23
CA LEU C 21 -28.44 68.88 35.09
C LEU C 21 -28.89 68.26 36.41
N ASP C 22 -29.97 67.47 36.36
CA ASP C 22 -30.46 66.74 37.53
C ASP C 22 -29.63 65.48 37.70
N ILE C 23 -28.70 65.53 38.64
CA ILE C 23 -27.69 64.48 38.80
C ILE C 23 -28.28 63.22 39.43
N LYS C 24 -29.19 63.40 40.38
CA LYS C 24 -29.89 62.28 40.99
C LYS C 24 -30.67 61.50 39.94
N LYS C 25 -31.35 62.22 39.04
CA LYS C 25 -32.12 61.59 37.97
C LYS C 25 -31.22 60.92 36.95
N LEU C 26 -30.08 61.56 36.63
CA LEU C 26 -29.10 60.98 35.71
C LEU C 26 -28.54 59.68 36.27
N VAL C 27 -28.03 59.72 37.49
CA VAL C 27 -27.45 58.55 38.13
C VAL C 27 -28.45 57.39 38.16
N ASP C 28 -29.71 57.69 38.45
CA ASP C 28 -30.76 56.68 38.44
C ASP C 28 -30.88 55.98 37.07
N LYS C 29 -30.89 56.77 36.00
CA LYS C 29 -30.94 56.24 34.64
C LYS C 29 -29.69 55.42 34.31
N LEU C 30 -28.54 55.92 34.75
CA LEU C 30 -27.26 55.23 34.57
C LEU C 30 -27.24 53.86 35.23
N VAL C 31 -27.75 53.79 36.45
CA VAL C 31 -27.80 52.53 37.23
C VAL C 31 -28.69 51.48 36.55
N LYS C 32 -29.86 51.91 36.10
CA LYS C 32 -30.81 51.03 35.42
C LYS C 32 -30.27 50.54 34.06
N ALA C 33 -29.56 51.42 33.36
CA ALA C 33 -28.93 51.08 32.07
C ALA C 33 -27.77 50.12 32.27
N THR C 34 -26.96 50.40 33.28
CA THR C 34 -25.79 49.59 33.62
C THR C 34 -26.20 48.22 34.19
N ALA C 35 -27.33 48.19 34.90
CA ALA C 35 -27.89 46.94 35.40
C ALA C 35 -28.28 45.99 34.26
N ALA C 36 -28.78 46.57 33.17
CA ALA C 36 -29.19 45.80 31.99
C ALA C 36 -27.99 45.17 31.27
N GLU C 37 -26.85 45.85 31.35
CA GLU C 37 -25.60 45.37 30.78
C GLU C 37 -25.08 44.16 31.55
N PHE C 38 -25.30 44.16 32.87
CA PHE C 38 -24.87 43.06 33.73
C PHE C 38 -25.72 41.82 33.49
N THR C 39 -27.02 42.00 33.40
CA THR C 39 -27.94 40.89 33.17
C THR C 39 -27.77 40.33 31.76
N THR C 40 -27.46 41.21 30.81
CA THR C 40 -27.12 40.80 29.45
C THR C 40 -25.96 39.79 29.50
N TYR C 41 -24.89 40.14 30.22
CA TYR C 41 -23.74 39.27 30.37
C TYR C 41 -24.12 37.87 30.83
N TYR C 42 -25.04 37.78 31.80
CA TYR C 42 -25.56 36.49 32.24
C TYR C 42 -26.43 35.82 31.18
N TYR C 43 -27.48 36.52 30.75
CA TYR C 43 -28.49 35.93 29.86
C TYR C 43 -27.96 35.56 28.48
N TYR C 44 -27.05 36.37 27.95
CA TYR C 44 -26.42 36.07 26.67
C TYR C 44 -25.54 34.81 26.76
N THR C 45 -24.99 34.53 27.94
CA THR C 45 -24.22 33.31 28.16
C THR C 45 -25.10 32.11 27.79
N ILE C 46 -26.28 32.07 28.40
CA ILE C 46 -27.24 30.97 28.16
C ILE C 46 -27.72 30.94 26.71
N LEU C 47 -28.01 32.11 26.15
CA LEU C 47 -28.47 32.19 24.76
C LEU C 47 -27.41 31.68 23.79
N ARG C 48 -26.16 32.07 24.02
CA ARG C 48 -25.03 31.61 23.21
C ARG C 48 -24.86 30.09 23.29
N MSE C 49 -24.98 29.54 24.49
CA MSE C 49 -24.85 28.09 24.74
C MSE C 49 -25.85 27.26 23.93
O MSE C 49 -25.58 26.11 23.61
CB MSE C 49 -25.10 27.75 26.20
CG MSE C 49 -24.10 28.35 27.18
SE MSE C 49 -22.44 27.41 27.19
CE MSE C 49 -21.44 28.72 28.28
N HIS C 50 -27.01 27.83 23.66
CA HIS C 50 -28.10 27.12 22.99
C HIS C 50 -28.18 27.40 21.48
N LEU C 51 -27.25 28.19 20.94
CA LEU C 51 -27.10 28.34 19.48
C LEU C 51 -26.31 27.13 18.93
N THR C 52 -27.00 25.99 18.87
CA THR C 52 -26.39 24.71 18.60
C THR C 52 -26.72 24.25 17.18
N GLY C 53 -26.21 23.07 16.80
CA GLY C 53 -26.44 22.51 15.48
C GLY C 53 -25.57 23.20 14.44
N MSE C 54 -25.75 22.77 13.20
CA MSE C 54 -25.01 23.37 12.08
C MSE C 54 -25.59 24.73 11.70
O MSE C 54 -24.86 25.59 11.24
CB MSE C 54 -25.01 22.40 10.91
CG MSE C 54 -24.17 21.16 11.18
SE MSE C 54 -24.52 19.69 9.99
CE MSE C 54 -24.69 20.65 8.31
N GLU C 55 -26.89 24.90 11.92
CA GLU C 55 -27.54 26.21 11.74
C GLU C 55 -26.96 27.28 12.68
N GLY C 56 -26.86 26.93 13.96
CA GLY C 56 -26.44 27.90 14.98
C GLY C 56 -24.94 28.07 15.20
N GLU C 57 -24.12 27.24 14.58
CA GLU C 57 -22.68 27.22 14.87
C GLU C 57 -22.01 28.59 14.63
N GLY C 58 -22.23 29.16 13.45
CA GLY C 58 -21.64 30.46 13.10
C GLY C 58 -22.21 31.63 13.89
N LEU C 59 -23.40 31.46 14.44
CA LEU C 59 -24.09 32.51 15.19
C LEU C 59 -23.54 32.70 16.59
N LYS C 60 -22.92 31.64 17.13
CA LYS C 60 -22.36 31.67 18.49
C LYS C 60 -21.37 32.81 18.70
N GLU C 61 -20.45 32.98 17.75
CA GLU C 61 -19.37 33.97 17.92
C GLU C 61 -19.87 35.41 17.82
N ILE C 62 -20.97 35.62 17.09
CA ILE C 62 -21.60 36.94 17.02
C ILE C 62 -22.29 37.26 18.35
N ALA C 63 -22.97 36.28 18.92
CA ALA C 63 -23.60 36.43 20.23
C ALA C 63 -22.55 36.59 21.34
N GLU C 64 -21.41 35.93 21.14
CA GLU C 64 -20.30 35.98 22.09
C GLU C 64 -19.72 37.39 22.10
N ASP C 65 -19.49 37.94 20.90
CA ASP C 65 -18.95 39.30 20.77
C ASP C 65 -19.83 40.34 21.48
N ALA C 66 -21.14 40.22 21.28
CA ALA C 66 -22.10 41.10 21.94
C ALA C 66 -22.03 40.95 23.48
N ARG C 67 -21.97 39.71 23.95
CA ARG C 67 -21.94 39.42 25.39
C ARG C 67 -20.75 40.08 26.06
N LEU C 68 -19.56 39.85 25.49
CA LEU C 68 -18.32 40.36 26.05
C LEU C 68 -18.24 41.89 25.97
N GLU C 69 -18.74 42.46 24.90
CA GLU C 69 -18.78 43.92 24.76
C GLU C 69 -19.76 44.56 25.74
N ASP C 70 -20.88 43.90 26.00
CA ASP C 70 -21.86 44.39 26.97
C ASP C 70 -21.37 44.30 28.42
N ARG C 71 -20.53 43.30 28.71
CA ARG C 71 -19.89 43.20 30.03
C ARG C 71 -18.91 44.36 30.24
N LEU C 72 -18.24 44.76 29.18
CA LEU C 72 -17.33 45.91 29.26
C LEU C 72 -18.10 47.22 29.35
N HIS C 73 -19.32 47.27 28.79
CA HIS C 73 -20.20 48.42 28.99
C HIS C 73 -20.59 48.57 30.47
N PHE C 74 -20.81 47.43 31.14
CA PHE C 74 -21.07 47.41 32.57
C PHE C 74 -19.89 47.96 33.37
N GLU C 75 -18.69 47.51 33.03
CA GLU C 75 -17.47 47.98 33.70
C GLU C 75 -17.27 49.46 33.49
N LEU C 76 -17.52 49.91 32.26
CA LEU C 76 -17.26 51.29 31.86
C LEU C 76 -18.16 52.28 32.61
N MSE C 77 -19.47 52.04 32.59
CA MSE C 77 -20.41 53.01 33.17
C MSE C 77 -20.49 52.92 34.68
O MSE C 77 -20.83 53.89 35.33
CB MSE C 77 -21.81 52.87 32.56
CG MSE C 77 -22.69 54.12 32.74
SE MSE C 77 -21.86 55.79 32.03
CE MSE C 77 -22.22 55.58 30.17
N THR C 78 -20.19 51.74 35.24
CA THR C 78 -20.12 51.57 36.69
C THR C 78 -19.12 52.56 37.31
N GLN C 79 -17.93 52.67 36.71
CA GLN C 79 -16.93 53.64 37.15
C GLN C 79 -17.53 55.05 37.21
N ARG C 80 -18.26 55.42 36.16
CA ARG C 80 -18.85 56.76 36.06
C ARG C 80 -19.93 57.02 37.13
N ILE C 81 -20.75 56.01 37.40
CA ILE C 81 -21.78 56.10 38.45
C ILE C 81 -21.19 56.48 39.81
N TYR C 82 -20.04 55.90 40.14
CA TYR C 82 -19.37 56.19 41.41
C TYR C 82 -18.69 57.56 41.39
N GLU C 83 -18.17 57.95 40.24
CA GLU C 83 -17.63 59.31 40.04
C GLU C 83 -18.68 60.38 40.29
N LEU C 84 -19.93 60.09 39.95
CA LEU C 84 -21.04 61.02 40.16
C LEU C 84 -21.63 60.96 41.56
N GLY C 85 -21.06 60.14 42.44
CA GLY C 85 -21.53 60.00 43.81
C GLY C 85 -22.68 59.02 43.97
N GLY C 86 -22.93 58.20 42.95
CA GLY C 86 -23.93 57.13 43.03
C GLY C 86 -23.29 55.79 43.36
N GLY C 87 -24.10 54.74 43.33
CA GLY C 87 -23.62 53.38 43.59
C GLY C 87 -24.51 52.30 43.01
N LEU C 88 -23.97 51.09 42.91
CA LEU C 88 -24.75 49.95 42.46
C LEU C 88 -25.65 49.49 43.61
N PRO C 89 -26.78 48.82 43.27
CA PRO C 89 -27.63 48.27 44.30
C PRO C 89 -26.90 47.30 45.24
N ARG C 90 -27.24 47.37 46.51
CA ARG C 90 -26.61 46.54 47.55
C ARG C 90 -26.79 45.04 47.27
N ASP C 91 -27.98 44.69 46.80
CA ASP C 91 -28.34 43.29 46.53
C ASP C 91 -28.39 43.06 45.01
N ILE C 92 -27.87 41.91 44.58
CA ILE C 92 -27.81 41.55 43.16
C ILE C 92 -29.23 41.35 42.59
N ARG C 93 -30.18 40.97 43.45
CA ARG C 93 -31.57 40.81 43.06
C ARG C 93 -32.24 42.16 42.75
N GLN C 94 -31.87 43.18 43.52
CA GLN C 94 -32.28 44.57 43.23
C GLN C 94 -31.84 44.95 41.81
N LEU C 95 -30.56 44.74 41.52
CA LEU C 95 -29.99 45.04 40.21
C LEU C 95 -30.81 44.44 39.06
N ALA C 96 -31.17 43.17 39.22
CA ALA C 96 -31.96 42.45 38.22
C ALA C 96 -33.32 43.12 38.02
N ASP C 97 -33.96 43.50 39.13
CA ASP C 97 -35.29 44.10 39.12
C ASP C 97 -35.34 45.52 38.54
N ILE C 98 -34.33 46.35 38.82
CA ILE C 98 -34.31 47.73 38.30
C ILE C 98 -33.73 47.84 36.89
N SER C 99 -33.35 46.71 36.30
CA SER C 99 -32.78 46.72 34.95
C SER C 99 -33.67 47.47 33.98
N ALA C 100 -33.05 48.27 33.12
CA ALA C 100 -33.78 49.04 32.10
C ALA C 100 -34.50 48.13 31.10
N CYS C 101 -33.98 46.92 30.91
CA CYS C 101 -34.52 45.97 29.94
C CYS C 101 -35.14 44.72 30.56
N SER C 102 -36.12 44.18 29.84
CA SER C 102 -36.75 42.91 30.17
C SER C 102 -35.73 41.78 30.11
N ASP C 103 -35.89 40.78 30.98
CA ASP C 103 -34.96 39.66 31.09
C ASP C 103 -34.89 38.87 29.77
N ALA C 104 -33.67 38.70 29.25
CA ALA C 104 -33.47 38.00 27.99
C ALA C 104 -33.47 36.49 28.20
N TYR C 105 -34.63 35.95 28.53
CA TYR C 105 -34.77 34.53 28.83
C TYR C 105 -34.60 33.67 27.58
N LEU C 106 -34.10 32.45 27.78
CA LEU C 106 -34.06 31.46 26.72
C LEU C 106 -35.50 31.17 26.29
N PRO C 107 -35.78 31.29 24.98
CA PRO C 107 -37.14 31.01 24.51
C PRO C 107 -37.46 29.52 24.55
N GLU C 108 -38.75 29.20 24.40
CA GLU C 108 -39.23 27.83 24.56
C GLU C 108 -38.76 26.94 23.41
N ASN C 109 -38.95 27.42 22.18
CA ASN C 109 -38.47 26.72 20.99
C ASN C 109 -37.08 27.21 20.60
N TRP C 110 -36.13 27.09 21.53
CA TRP C 110 -34.78 27.59 21.34
C TRP C 110 -34.00 26.84 20.25
N LYS C 111 -34.40 25.61 19.95
CA LYS C 111 -33.77 24.79 18.91
C LYS C 111 -33.91 25.40 17.52
N ASP C 112 -34.91 26.26 17.35
CA ASP C 112 -34.94 27.18 16.21
C ASP C 112 -34.08 28.40 16.58
N PRO C 113 -32.92 28.55 15.92
CA PRO C 113 -32.01 29.65 16.31
C PRO C 113 -32.61 31.05 16.08
N LYS C 114 -33.58 31.17 15.18
CA LYS C 114 -34.30 32.42 14.97
C LYS C 114 -35.05 32.91 16.22
N GLU C 115 -35.52 31.97 17.04
CA GLU C 115 -36.15 32.31 18.32
C GLU C 115 -35.17 32.98 19.27
N ILE C 116 -33.95 32.45 19.33
CA ILE C 116 -32.87 33.04 20.14
C ILE C 116 -32.48 34.40 19.60
N LEU C 117 -32.32 34.50 18.28
CA LEU C 117 -31.99 35.77 17.62
C LEU C 117 -33.00 36.86 17.91
N LYS C 118 -34.28 36.50 17.95
CA LYS C 118 -35.34 37.44 18.29
C LYS C 118 -35.15 38.03 19.68
N VAL C 119 -34.80 37.19 20.64
CA VAL C 119 -34.56 37.61 22.02
C VAL C 119 -33.33 38.52 22.11
N LEU C 120 -32.27 38.16 21.40
CA LEU C 120 -31.07 39.00 21.32
C LEU C 120 -31.39 40.36 20.72
N LEU C 121 -32.13 40.34 19.61
CA LEU C 121 -32.51 41.57 18.91
C LEU C 121 -33.31 42.51 19.81
N GLU C 122 -34.29 41.96 20.52
CA GLU C 122 -35.15 42.76 21.39
C GLU C 122 -34.37 43.38 22.55
N ALA C 123 -33.40 42.63 23.08
CA ALA C 123 -32.53 43.15 24.13
C ALA C 123 -31.69 44.32 23.64
N GLU C 124 -31.10 44.18 22.45
CA GLU C 124 -30.29 45.23 21.85
C GLU C 124 -31.12 46.48 21.54
N GLN C 125 -32.33 46.27 21.03
CA GLN C 125 -33.22 47.38 20.69
C GLN C 125 -33.59 48.20 21.92
N CYS C 126 -33.81 47.51 23.03
CA CYS C 126 -34.03 48.17 24.32
C CYS C 126 -32.81 48.96 24.77
N ALA C 127 -31.63 48.36 24.62
CA ALA C 127 -30.37 49.04 24.97
C ALA C 127 -30.14 50.31 24.14
N ILE C 128 -30.51 50.28 22.86
CA ILE C 128 -30.37 51.44 21.99
C ILE C 128 -31.22 52.59 22.53
N ARG C 129 -32.49 52.31 22.79
CA ARG C 129 -33.40 53.30 23.37
C ARG C 129 -32.89 53.80 24.72
N THR C 130 -32.38 52.88 25.53
CA THR C 130 -31.92 53.21 26.87
C THR C 130 -30.74 54.18 26.85
N TRP C 131 -29.70 53.86 26.06
CA TRP C 131 -28.49 54.71 26.00
C TRP C 131 -28.70 56.00 25.22
N LYS C 132 -29.63 55.98 24.27
CA LYS C 132 -30.01 57.17 23.54
C LYS C 132 -30.66 58.22 24.47
N GLU C 133 -31.46 57.74 25.42
CA GLU C 133 -32.06 58.64 26.42
C GLU C 133 -30.97 59.31 27.26
N VAL C 134 -29.98 58.53 27.68
CA VAL C 134 -28.84 59.05 28.45
C VAL C 134 -28.06 60.11 27.66
N CYS C 135 -27.86 59.86 26.37
CA CYS C 135 -27.21 60.81 25.47
C CYS C 135 -27.96 62.13 25.37
N ASP C 136 -29.29 62.05 25.29
CA ASP C 136 -30.16 63.22 25.19
C ASP C 136 -30.09 64.10 26.45
N MSE C 137 -30.00 63.47 27.62
CA MSE C 137 -29.93 64.19 28.89
C MSE C 137 -28.58 64.86 29.11
O MSE C 137 -28.51 65.97 29.64
CB MSE C 137 -30.17 63.25 30.06
CG MSE C 137 -31.58 62.74 30.18
SE MSE C 137 -31.59 61.32 31.53
CE MSE C 137 -30.72 62.21 32.94
N THR C 138 -27.50 64.16 28.74
CA THR C 138 -26.15 64.62 29.00
C THR C 138 -25.65 65.54 27.88
N TYR C 139 -26.33 65.50 26.73
CA TYR C 139 -25.99 66.32 25.58
C TYR C 139 -25.92 67.81 25.94
N GLY C 140 -24.74 68.40 25.77
CA GLY C 140 -24.52 69.82 26.02
C GLY C 140 -24.43 70.21 27.49
N LYS C 141 -24.14 69.25 28.36
CA LYS C 141 -24.09 69.47 29.82
C LYS C 141 -23.00 68.65 30.52
N ASP C 142 -22.91 67.36 30.15
CA ASP C 142 -22.00 66.43 30.80
C ASP C 142 -21.18 65.68 29.74
N PRO C 143 -20.04 66.26 29.33
CA PRO C 143 -19.16 65.69 28.30
C PRO C 143 -18.66 64.27 28.58
N ARG C 144 -18.29 63.99 29.82
CA ARG C 144 -17.79 62.68 30.22
C ARG C 144 -18.87 61.60 30.09
N THR C 145 -20.01 61.80 30.73
CA THR C 145 -21.11 60.82 30.64
C THR C 145 -21.61 60.67 29.21
N TYR C 146 -21.71 61.78 28.48
CA TYR C 146 -22.18 61.74 27.09
C TYR C 146 -21.27 60.87 26.21
N ASP C 147 -19.97 61.09 26.34
CA ASP C 147 -18.98 60.38 25.54
C ASP C 147 -19.05 58.87 25.79
N LEU C 148 -19.14 58.49 27.06
CA LEU C 148 -19.20 57.09 27.42
C LEU C 148 -20.50 56.46 26.94
N ALA C 149 -21.61 57.14 27.19
CA ALA C 149 -22.94 56.70 26.75
C ALA C 149 -23.03 56.61 25.22
N GLN C 150 -22.47 57.59 24.54
CA GLN C 150 -22.37 57.60 23.07
C GLN C 150 -21.58 56.40 22.54
N ARG C 151 -20.45 56.09 23.18
CA ARG C 151 -19.62 54.96 22.79
C ARG C 151 -20.40 53.65 22.91
N ILE C 152 -21.09 53.49 24.04
CA ILE C 152 -21.88 52.29 24.31
C ILE C 152 -23.00 52.15 23.28
N LEU C 153 -23.77 53.23 23.11
CA LEU C 153 -24.85 53.31 22.12
C LEU C 153 -24.34 52.89 20.74
N GLN C 154 -23.16 53.37 20.40
CA GLN C 154 -22.51 53.08 19.13
C GLN C 154 -22.38 51.56 18.91
N GLU C 155 -21.97 50.84 19.95
CA GLU C 155 -21.84 49.38 19.90
C GLU C 155 -23.19 48.64 19.97
N GLU C 156 -24.19 49.21 20.63
CA GLU C 156 -25.53 48.59 20.65
C GLU C 156 -26.18 48.65 19.27
N ILE C 157 -25.97 49.76 18.56
CA ILE C 157 -26.41 49.94 17.19
C ILE C 157 -25.78 48.86 16.30
N GLU C 158 -24.48 48.62 16.51
CA GLU C 158 -23.77 47.56 15.79
C GLU C 158 -24.33 46.19 16.14
N HIS C 159 -24.55 45.95 17.42
CA HIS C 159 -25.13 44.68 17.86
C HIS C 159 -26.50 44.42 17.22
N GLU C 160 -27.36 45.43 17.20
CA GLU C 160 -28.68 45.29 16.59
C GLU C 160 -28.54 44.93 15.12
N ALA C 161 -27.64 45.64 14.44
CA ALA C 161 -27.36 45.44 13.03
C ALA C 161 -26.90 44.01 12.73
N TRP C 162 -26.13 43.42 13.64
CA TRP C 162 -25.68 42.04 13.49
C TRP C 162 -26.87 41.09 13.47
N PHE C 163 -27.76 41.24 14.44
CA PHE C 163 -28.88 40.32 14.59
C PHE C 163 -29.97 40.56 13.55
N LEU C 164 -30.12 41.81 13.10
CA LEU C 164 -31.00 42.14 11.97
C LEU C 164 -30.54 41.47 10.67
N GLU C 165 -29.23 41.41 10.49
CA GLU C 165 -28.64 40.78 9.32
C GLU C 165 -28.86 39.26 9.32
N LEU C 166 -28.87 38.66 10.50
CA LEU C 166 -29.08 37.21 10.62
C LEU C 166 -30.56 36.85 10.50
N LEU C 167 -31.41 37.53 11.26
CA LEU C 167 -32.86 37.24 11.26
C LEU C 167 -33.51 37.53 9.91
N TYR C 168 -33.27 38.73 9.41
CA TYR C 168 -33.73 39.16 8.11
C TYR C 168 -32.49 39.22 7.20
N GLY C 169 -32.66 39.54 5.93
CA GLY C 169 -31.51 39.60 5.03
C GLY C 169 -30.88 40.98 4.95
N ARG C 170 -30.91 41.73 6.05
CA ARG C 170 -30.58 43.16 6.02
C ARG C 170 -29.08 43.44 6.22
N PRO C 171 -28.41 43.99 5.18
CA PRO C 171 -26.96 44.30 5.25
C PRO C 171 -26.55 45.30 6.34
N SER C 172 -25.33 45.12 6.88
CA SER C 172 -24.82 45.93 8.01
C SER C 172 -23.30 46.08 8.04
N GLY C 173 -22.62 45.08 8.61
CA GLY C 173 -21.17 45.12 8.86
C GLY C 173 -20.54 43.74 8.73
N HIS C 174 -19.71 43.36 9.71
CA HIS C 174 -18.79 42.23 9.55
C HIS C 174 -18.57 41.48 10.86
N GLU D 7 23.20 -2.25 33.08
CA GLU D 7 22.27 -1.15 32.65
C GLU D 7 22.07 -0.09 33.74
N PRO D 8 21.48 1.08 33.36
CA PRO D 8 21.39 2.20 34.29
C PRO D 8 20.16 2.18 35.22
N LYS D 9 20.35 2.69 36.43
CA LYS D 9 19.27 2.94 37.37
C LYS D 9 18.41 4.12 36.89
N VAL D 10 17.13 3.84 36.65
CA VAL D 10 16.16 4.87 36.25
C VAL D 10 15.15 5.06 37.39
N VAL D 11 15.39 6.06 38.23
CA VAL D 11 14.58 6.28 39.44
C VAL D 11 13.15 6.74 39.11
N GLY D 12 12.98 7.42 37.98
CA GLY D 12 11.65 7.79 37.49
C GLY D 12 10.77 6.58 37.22
N VAL D 13 11.40 5.45 36.89
CA VAL D 13 10.71 4.18 36.70
C VAL D 13 10.58 3.41 38.03
N GLU D 14 11.62 3.42 38.86
CA GLU D 14 11.62 2.72 40.15
C GLU D 14 10.48 3.11 41.08
N ILE D 15 10.18 4.40 41.15
CA ILE D 15 9.07 4.90 41.99
C ILE D 15 7.71 4.35 41.54
N LEU D 16 7.57 4.05 40.24
CA LEU D 16 6.36 3.43 39.69
C LEU D 16 6.29 1.94 40.02
N GLU D 17 7.41 1.25 39.88
CA GLU D 17 7.49 -0.17 40.19
C GLU D 17 7.18 -0.46 41.66
N LYS D 18 7.61 0.43 42.55
CA LYS D 18 7.28 0.33 43.98
C LYS D 18 5.78 0.31 44.24
N SER D 19 5.01 1.03 43.43
CA SER D 19 3.55 1.08 43.55
C SER D 19 2.88 -0.23 43.14
N GLY D 20 3.64 -1.11 42.47
CA GLY D 20 3.08 -2.33 41.88
C GLY D 20 2.54 -2.11 40.47
N LEU D 21 2.90 -1.00 39.84
CA LEU D 21 2.43 -0.69 38.49
C LEU D 21 3.16 -1.55 37.46
N ASP D 22 2.40 -2.21 36.57
CA ASP D 22 2.97 -2.99 35.47
C ASP D 22 3.33 -2.06 34.34
N ILE D 23 4.62 -1.81 34.20
CA ILE D 23 5.13 -0.78 33.29
C ILE D 23 5.12 -1.24 31.83
N LYS D 24 5.36 -2.51 31.59
CA LYS D 24 5.24 -3.08 30.25
C LYS D 24 3.78 -2.95 29.76
N LYS D 25 2.82 -3.30 30.61
CA LYS D 25 1.40 -3.19 30.24
C LYS D 25 0.98 -1.73 30.02
N LEU D 26 1.48 -0.83 30.86
CA LEU D 26 1.20 0.59 30.72
C LEU D 26 1.74 1.17 29.42
N VAL D 27 3.01 0.89 29.13
CA VAL D 27 3.64 1.36 27.90
C VAL D 27 2.88 0.84 26.68
N ASP D 28 2.50 -0.44 26.70
CA ASP D 28 1.72 -1.05 25.64
C ASP D 28 0.40 -0.32 25.38
N LYS D 29 -0.26 0.12 26.46
CA LYS D 29 -1.50 0.89 26.35
C LYS D 29 -1.25 2.30 25.84
N LEU D 30 -0.15 2.90 26.29
CA LEU D 30 0.26 4.23 25.84
C LEU D 30 0.55 4.25 24.33
N VAL D 31 1.26 3.23 23.85
CA VAL D 31 1.61 3.13 22.44
C VAL D 31 0.36 3.02 21.55
N LYS D 32 -0.59 2.20 21.97
CA LYS D 32 -1.83 2.02 21.21
C LYS D 32 -2.68 3.29 21.20
N ALA D 33 -2.73 3.97 22.34
CA ALA D 33 -3.43 5.24 22.47
C ALA D 33 -2.75 6.32 21.62
N THR D 34 -1.43 6.38 21.70
CA THR D 34 -0.64 7.37 20.99
C THR D 34 -0.65 7.12 19.48
N ALA D 35 -0.71 5.85 19.10
CA ALA D 35 -0.84 5.48 17.69
C ALA D 35 -2.13 6.02 17.11
N ALA D 36 -3.22 5.96 17.88
CA ALA D 36 -4.52 6.48 17.45
C ALA D 36 -4.51 7.98 17.23
N GLU D 37 -3.68 8.70 17.98
CA GLU D 37 -3.54 10.14 17.84
C GLU D 37 -2.88 10.48 16.52
N PHE D 38 -1.89 9.67 16.13
CA PHE D 38 -1.14 9.88 14.91
C PHE D 38 -1.99 9.63 13.67
N THR D 39 -2.78 8.57 13.72
CA THR D 39 -3.68 8.23 12.62
C THR D 39 -4.79 9.27 12.50
N THR D 40 -5.26 9.76 13.65
CA THR D 40 -6.24 10.86 13.70
C THR D 40 -5.73 12.07 12.92
N TYR D 41 -4.47 12.44 13.17
CA TYR D 41 -3.84 13.55 12.46
C TYR D 41 -3.94 13.36 10.93
N TYR D 42 -3.71 12.13 10.47
CA TYR D 42 -3.86 11.83 9.04
C TYR D 42 -5.34 11.84 8.62
N TYR D 43 -6.16 11.03 9.26
CA TYR D 43 -7.53 10.84 8.82
C TYR D 43 -8.41 12.08 8.94
N TYR D 44 -8.21 12.89 9.97
CA TYR D 44 -8.92 14.17 10.14
C TYR D 44 -8.52 15.20 9.07
N THR D 45 -7.33 15.05 8.48
CA THR D 45 -6.93 15.90 7.35
C THR D 45 -7.94 15.71 6.23
N ILE D 46 -8.15 14.46 5.84
CA ILE D 46 -9.06 14.10 4.75
C ILE D 46 -10.50 14.49 5.11
N LEU D 47 -10.92 14.18 6.33
CA LEU D 47 -12.28 14.49 6.76
C LEU D 47 -12.56 16.01 6.71
N ARG D 48 -11.59 16.80 7.13
CA ARG D 48 -11.71 18.26 7.08
C ARG D 48 -11.79 18.79 5.65
N MSE D 49 -10.96 18.24 4.76
CA MSE D 49 -10.97 18.61 3.34
C MSE D 49 -12.35 18.47 2.73
O MSE D 49 -12.75 19.30 1.92
CB MSE D 49 -10.01 17.72 2.53
CG MSE D 49 -8.55 17.83 2.92
SE MSE D 49 -7.74 19.52 2.39
CE MSE D 49 -6.12 19.35 3.41
N HIS D 50 -13.08 17.44 3.14
CA HIS D 50 -14.35 17.08 2.53
C HIS D 50 -15.59 17.68 3.22
N LEU D 51 -15.37 18.53 4.22
CA LEU D 51 -16.45 19.32 4.82
C LEU D 51 -16.69 20.57 3.97
N THR D 52 -17.31 20.35 2.81
CA THR D 52 -17.41 21.35 1.75
C THR D 52 -18.83 21.94 1.67
N GLY D 53 -19.02 22.85 0.72
CA GLY D 53 -20.32 23.49 0.54
C GLY D 53 -20.57 24.56 1.59
N MSE D 54 -21.76 25.14 1.54
CA MSE D 54 -22.14 26.16 2.51
C MSE D 54 -22.57 25.53 3.83
O MSE D 54 -22.49 26.18 4.88
CB MSE D 54 -23.25 27.03 1.94
CG MSE D 54 -22.73 27.94 0.83
SE MSE D 54 -24.12 28.72 -0.25
CE MSE D 54 -25.45 29.12 1.10
N GLU D 55 -23.01 24.28 3.78
CA GLU D 55 -23.29 23.51 4.99
C GLU D 55 -22.02 23.23 5.78
N GLY D 56 -20.98 22.72 5.10
CA GLY D 56 -19.76 22.28 5.77
C GLY D 56 -18.72 23.34 6.10
N GLU D 57 -18.89 24.55 5.57
CA GLU D 57 -17.87 25.60 5.68
C GLU D 57 -17.44 25.92 7.11
N GLY D 58 -18.42 26.22 7.98
CA GLY D 58 -18.13 26.53 9.38
C GLY D 58 -17.62 25.35 10.20
N LEU D 59 -17.87 24.14 9.72
CA LEU D 59 -17.48 22.91 10.42
C LEU D 59 -15.99 22.60 10.26
N LYS D 60 -15.38 23.07 9.18
CA LYS D 60 -13.98 22.80 8.88
C LYS D 60 -13.05 23.21 10.00
N GLU D 61 -13.27 24.41 10.54
CA GLU D 61 -12.38 24.95 11.59
C GLU D 61 -12.49 24.18 12.91
N ILE D 62 -13.65 23.59 13.18
CA ILE D 62 -13.85 22.77 14.38
C ILE D 62 -13.12 21.42 14.24
N ALA D 63 -13.21 20.83 13.05
CA ALA D 63 -12.45 19.62 12.74
C ALA D 63 -10.94 19.90 12.71
N GLU D 64 -10.57 21.09 12.23
CA GLU D 64 -9.16 21.51 12.16
C GLU D 64 -8.55 21.58 13.57
N ASP D 65 -9.27 22.22 14.48
CA ASP D 65 -8.85 22.37 15.87
C ASP D 65 -8.62 21.01 16.52
N ALA D 66 -9.53 20.08 16.32
CA ALA D 66 -9.40 18.73 16.86
C ALA D 66 -8.17 18.02 16.29
N ARG D 67 -7.99 18.11 14.97
CA ARG D 67 -6.85 17.52 14.26
C ARG D 67 -5.52 17.99 14.83
N LEU D 68 -5.36 19.30 14.95
CA LEU D 68 -4.12 19.88 15.45
C LEU D 68 -3.86 19.57 16.93
N GLU D 69 -4.92 19.53 17.73
CA GLU D 69 -4.78 19.21 19.14
C GLU D 69 -4.42 17.75 19.35
N ASP D 70 -4.98 16.88 18.51
CA ASP D 70 -4.65 15.45 18.55
C ASP D 70 -3.22 15.17 18.09
N ARG D 71 -2.70 15.96 17.16
CA ARG D 71 -1.28 15.83 16.78
C ARG D 71 -0.37 16.15 17.96
N LEU D 72 -0.76 17.17 18.73
CA LEU D 72 -0.03 17.55 19.94
C LEU D 72 -0.18 16.50 21.03
N HIS D 73 -1.29 15.78 21.03
CA HIS D 73 -1.44 14.63 21.95
C HIS D 73 -0.45 13.52 21.62
N PHE D 74 -0.22 13.30 20.33
CA PHE D 74 0.81 12.37 19.85
C PHE D 74 2.22 12.77 20.30
N GLU D 75 2.58 14.04 20.09
CA GLU D 75 3.88 14.57 20.50
C GLU D 75 4.06 14.48 22.01
N LEU D 76 3.00 14.80 22.75
CA LEU D 76 3.03 14.81 24.21
C LEU D 76 3.31 13.43 24.80
N MSE D 77 2.55 12.42 24.39
CA MSE D 77 2.63 11.10 25.01
C MSE D 77 3.77 10.27 24.45
O MSE D 77 4.24 9.35 25.13
CB MSE D 77 1.29 10.36 24.88
CG MSE D 77 1.12 9.21 25.89
SE MSE D 77 1.36 9.79 27.77
CE MSE D 77 -0.38 10.49 28.19
N THR D 78 4.20 10.56 23.24
CA THR D 78 5.41 9.95 22.68
C THR D 78 6.61 10.18 23.60
N GLN D 79 6.82 11.43 24.03
CA GLN D 79 7.91 11.75 24.95
C GLN D 79 7.87 10.83 26.17
N ARG D 80 6.67 10.65 26.72
CA ARG D 80 6.48 9.90 27.96
C ARG D 80 6.77 8.41 27.76
N ILE D 81 6.37 7.88 26.61
CA ILE D 81 6.64 6.49 26.25
C ILE D 81 8.14 6.19 26.33
N TYR D 82 8.96 7.10 25.82
CA TYR D 82 10.41 6.90 25.81
C TYR D 82 11.01 7.09 27.20
N GLU D 83 10.47 8.02 27.97
CA GLU D 83 10.84 8.18 29.38
C GLU D 83 10.64 6.91 30.20
N LEU D 84 9.61 6.15 29.85
CA LEU D 84 9.31 4.89 30.53
C LEU D 84 10.09 3.69 29.98
N GLY D 85 10.96 3.92 29.00
CA GLY D 85 11.77 2.86 28.41
C GLY D 85 11.09 2.11 27.26
N GLY D 86 9.97 2.63 26.79
CA GLY D 86 9.32 2.10 25.60
C GLY D 86 9.75 2.83 24.34
N GLY D 87 9.15 2.45 23.22
CA GLY D 87 9.37 3.13 21.95
C GLY D 87 8.14 3.05 21.07
N LEU D 88 8.14 3.81 19.98
CA LEU D 88 7.15 3.67 18.93
C LEU D 88 7.50 2.47 18.05
N PRO D 89 6.52 1.90 17.34
CA PRO D 89 6.81 0.81 16.41
C PRO D 89 7.84 1.20 15.35
N ARG D 90 8.67 0.25 14.96
CA ARG D 90 9.70 0.47 13.95
C ARG D 90 9.10 0.87 12.61
N ASP D 91 8.02 0.20 12.23
CA ASP D 91 7.34 0.45 10.95
C ASP D 91 6.06 1.26 11.21
N ILE D 92 5.77 2.19 10.28
CA ILE D 92 4.57 3.02 10.37
C ILE D 92 3.29 2.19 10.18
N ARG D 93 3.39 1.10 9.41
CA ARG D 93 2.24 0.21 9.18
C ARG D 93 1.87 -0.53 10.48
N GLN D 94 2.88 -0.91 11.26
CA GLN D 94 2.66 -1.47 12.60
C GLN D 94 1.86 -0.52 13.47
N LEU D 95 2.27 0.75 13.48
CA LEU D 95 1.55 1.80 14.23
C LEU D 95 0.06 1.83 13.91
N ALA D 96 -0.27 1.80 12.63
CA ALA D 96 -1.66 1.82 12.16
C ALA D 96 -2.43 0.60 12.69
N ASP D 97 -1.78 -0.56 12.63
CA ASP D 97 -2.39 -1.82 13.03
C ASP D 97 -2.64 -1.97 14.53
N ILE D 98 -1.79 -1.37 15.36
CA ILE D 98 -1.96 -1.43 16.83
C ILE D 98 -2.74 -0.25 17.39
N SER D 99 -3.19 0.66 16.54
CA SER D 99 -3.97 1.81 16.99
C SER D 99 -5.14 1.40 17.89
N ALA D 100 -5.32 2.11 18.99
CA ALA D 100 -6.44 1.85 19.91
C ALA D 100 -7.80 1.98 19.22
N CYS D 101 -7.87 2.80 18.17
CA CYS D 101 -9.13 3.12 17.50
C CYS D 101 -9.22 2.62 16.06
N SER D 102 -10.45 2.42 15.62
CA SER D 102 -10.76 2.07 14.26
C SER D 102 -10.41 3.22 13.32
N ASP D 103 -9.99 2.90 12.10
CA ASP D 103 -9.56 3.92 11.13
C ASP D 103 -10.73 4.83 10.78
N ALA D 104 -10.50 6.14 10.91
CA ALA D 104 -11.52 7.16 10.68
C ALA D 104 -11.62 7.47 9.19
N TYR D 105 -12.06 6.49 8.42
CA TYR D 105 -12.14 6.62 6.97
C TYR D 105 -13.18 7.65 6.56
N LEU D 106 -12.96 8.25 5.39
CA LEU D 106 -13.98 9.10 4.76
C LEU D 106 -15.18 8.23 4.42
N PRO D 107 -16.38 8.63 4.86
CA PRO D 107 -17.56 7.84 4.55
C PRO D 107 -17.98 7.95 3.08
N GLU D 108 -18.91 7.09 2.68
CA GLU D 108 -19.29 6.96 1.28
C GLU D 108 -20.11 8.16 0.81
N ASN D 109 -21.08 8.57 1.62
CA ASN D 109 -21.91 9.74 1.34
C ASN D 109 -21.36 10.95 2.11
N TRP D 110 -20.09 11.25 1.86
CA TRP D 110 -19.40 12.34 2.58
C TRP D 110 -19.96 13.73 2.28
N LYS D 111 -20.65 13.87 1.14
CA LYS D 111 -21.24 15.15 0.76
C LYS D 111 -22.33 15.59 1.74
N ASP D 112 -22.89 14.64 2.48
CA ASP D 112 -23.68 14.94 3.67
C ASP D 112 -22.68 15.11 4.83
N PRO D 113 -22.53 16.34 5.34
CA PRO D 113 -21.52 16.59 6.36
C PRO D 113 -21.80 15.85 7.69
N LYS D 114 -23.06 15.46 7.91
CA LYS D 114 -23.42 14.66 9.08
C LYS D 114 -22.75 13.29 9.08
N GLU D 115 -22.54 12.72 7.90
CA GLU D 115 -21.80 11.46 7.77
C GLU D 115 -20.35 11.63 8.25
N ILE D 116 -19.73 12.75 7.89
CA ILE D 116 -18.38 13.05 8.35
C ILE D 116 -18.35 13.27 9.86
N LEU D 117 -19.32 14.03 10.37
CA LEU D 117 -19.43 14.31 11.80
C LEU D 117 -19.58 13.04 12.64
N LYS D 118 -20.31 12.06 12.10
CA LYS D 118 -20.48 10.76 12.76
C LYS D 118 -19.15 10.04 12.93
N VAL D 119 -18.33 10.06 11.88
CA VAL D 119 -17.02 9.45 11.91
C VAL D 119 -16.12 10.15 12.96
N LEU D 120 -16.09 11.49 12.91
CA LEU D 120 -15.34 12.28 13.87
C LEU D 120 -15.80 11.98 15.29
N LEU D 121 -17.11 11.93 15.49
CA LEU D 121 -17.68 11.67 16.80
C LEU D 121 -17.25 10.29 17.33
N GLU D 122 -17.32 9.27 16.49
CA GLU D 122 -16.94 7.90 16.88
C GLU D 122 -15.45 7.79 17.23
N ALA D 123 -14.61 8.47 16.46
CA ALA D 123 -13.19 8.52 16.76
C ALA D 123 -12.94 9.14 18.15
N GLU D 124 -13.59 10.27 18.41
CA GLU D 124 -13.44 10.97 19.69
C GLU D 124 -13.96 10.17 20.86
N GLN D 125 -15.03 9.42 20.66
CA GLN D 125 -15.61 8.60 21.72
C GLN D 125 -14.69 7.44 22.09
N CYS D 126 -14.03 6.89 21.08
CA CYS D 126 -13.02 5.85 21.29
C CYS D 126 -11.82 6.39 22.07
N ALA D 127 -11.38 7.60 21.71
CA ALA D 127 -10.29 8.27 22.42
C ALA D 127 -10.63 8.52 23.90
N ILE D 128 -11.87 8.87 24.17
CA ILE D 128 -12.30 9.12 25.55
C ILE D 128 -12.15 7.86 26.39
N ARG D 129 -12.68 6.74 25.88
CA ARG D 129 -12.56 5.45 26.55
C ARG D 129 -11.10 5.03 26.71
N THR D 130 -10.30 5.30 25.69
CA THR D 130 -8.90 4.91 25.66
C THR D 130 -8.10 5.65 26.73
N TRP D 131 -8.19 6.96 26.76
CA TRP D 131 -7.42 7.76 27.72
C TRP D 131 -7.97 7.65 29.14
N LYS D 132 -9.26 7.39 29.27
CA LYS D 132 -9.85 7.13 30.58
C LYS D 132 -9.29 5.84 31.20
N GLU D 133 -9.06 4.82 30.37
CA GLU D 133 -8.44 3.58 30.82
C GLU D 133 -7.03 3.85 31.35
N VAL D 134 -6.26 4.65 30.63
CA VAL D 134 -4.91 5.02 31.06
C VAL D 134 -4.94 5.74 32.41
N CYS D 135 -5.86 6.70 32.56
CA CYS D 135 -6.06 7.39 33.84
C CYS D 135 -6.35 6.45 35.00
N ASP D 136 -7.22 5.47 34.77
CA ASP D 136 -7.58 4.49 35.79
C ASP D 136 -6.36 3.67 36.24
N MSE D 137 -5.47 3.35 35.31
CA MSE D 137 -4.27 2.54 35.62
C MSE D 137 -3.20 3.32 36.38
O MSE D 137 -2.56 2.80 37.28
CB MSE D 137 -3.63 2.04 34.34
CG MSE D 137 -4.42 0.94 33.64
SE MSE D 137 -3.56 0.43 31.94
CE MSE D 137 -1.79 0.34 32.48
N THR D 138 -3.02 4.58 35.98
CA THR D 138 -1.97 5.45 36.53
C THR D 138 -2.43 6.20 37.78
N TYR D 139 -3.75 6.30 37.95
CA TYR D 139 -4.34 6.91 39.12
C TYR D 139 -3.73 6.35 40.42
N GLY D 140 -3.12 7.24 41.20
CA GLY D 140 -2.55 6.87 42.51
C GLY D 140 -1.23 6.12 42.47
N LYS D 141 -0.56 6.14 41.32
CA LYS D 141 0.71 5.41 41.13
C LYS D 141 1.71 6.16 40.28
N ASP D 142 1.23 6.77 39.20
CA ASP D 142 2.09 7.42 38.21
C ASP D 142 1.60 8.85 37.92
N PRO D 143 1.99 9.82 38.78
CA PRO D 143 1.56 11.21 38.68
C PRO D 143 1.81 11.87 37.31
N ARG D 144 2.97 11.61 36.74
CA ARG D 144 3.35 12.19 35.44
C ARG D 144 2.44 11.67 34.32
N THR D 145 2.34 10.35 34.18
CA THR D 145 1.51 9.77 33.12
C THR D 145 0.05 10.13 33.33
N TYR D 146 -0.39 10.10 34.58
CA TYR D 146 -1.78 10.44 34.90
C TYR D 146 -2.12 11.86 34.47
N ASP D 147 -1.24 12.80 34.80
CA ASP D 147 -1.46 14.20 34.45
C ASP D 147 -1.54 14.45 32.94
N LEU D 148 -0.65 13.82 32.19
CA LEU D 148 -0.64 13.96 30.74
C LEU D 148 -1.88 13.31 30.13
N ALA D 149 -2.20 12.10 30.57
CA ALA D 149 -3.38 11.38 30.11
C ALA D 149 -4.67 12.11 30.47
N GLN D 150 -4.71 12.67 31.68
CA GLN D 150 -5.86 13.48 32.12
C GLN D 150 -6.03 14.71 31.25
N ARG D 151 -4.91 15.38 30.93
CA ARG D 151 -4.93 16.55 30.06
C ARG D 151 -5.51 16.23 28.68
N ILE D 152 -5.02 15.14 28.08
CA ILE D 152 -5.48 14.68 26.78
C ILE D 152 -6.96 14.32 26.83
N LEU D 153 -7.34 13.49 27.80
CA LEU D 153 -8.75 13.08 28.01
C LEU D 153 -9.64 14.31 28.03
N GLN D 154 -9.17 15.34 28.73
CA GLN D 154 -9.91 16.58 28.91
C GLN D 154 -10.24 17.24 27.56
N GLU D 155 -9.29 17.23 26.64
CA GLU D 155 -9.51 17.76 25.29
C GLU D 155 -10.37 16.84 24.40
N GLU D 156 -10.28 15.52 24.58
CA GLU D 156 -11.14 14.57 23.84
C GLU D 156 -12.60 14.72 24.24
N ILE D 157 -12.85 14.95 25.53
CA ILE D 157 -14.18 15.25 26.04
C ILE D 157 -14.74 16.51 25.36
N GLU D 158 -13.89 17.53 25.22
CA GLU D 158 -14.25 18.76 24.51
C GLU D 158 -14.53 18.50 23.03
N HIS D 159 -13.69 17.69 22.38
CA HIS D 159 -13.87 17.35 20.97
C HIS D 159 -15.18 16.62 20.72
N GLU D 160 -15.48 15.62 21.56
CA GLU D 160 -16.77 14.92 21.47
C GLU D 160 -17.93 15.91 21.64
N ALA D 161 -17.80 16.82 22.60
CA ALA D 161 -18.82 17.82 22.86
C ALA D 161 -19.06 18.77 21.67
N TRP D 162 -17.98 19.09 20.94
CA TRP D 162 -18.09 19.90 19.73
C TRP D 162 -18.93 19.21 18.66
N PHE D 163 -18.65 17.93 18.41
CA PHE D 163 -19.33 17.20 17.35
C PHE D 163 -20.76 16.79 17.75
N LEU D 164 -20.97 16.52 19.03
CA LEU D 164 -22.31 16.30 19.56
C LEU D 164 -23.21 17.53 19.38
N GLU D 165 -22.62 18.72 19.54
CA GLU D 165 -23.34 19.97 19.35
C GLU D 165 -23.71 20.23 17.88
N LEU D 166 -22.87 19.76 16.97
CA LEU D 166 -23.12 19.89 15.55
C LEU D 166 -24.12 18.86 15.03
N LEU D 167 -23.89 17.58 15.35
CA LEU D 167 -24.78 16.50 14.89
C LEU D 167 -26.17 16.64 15.46
N TYR D 168 -26.23 16.69 16.78
CA TYR D 168 -27.48 16.84 17.51
C TYR D 168 -27.51 18.28 17.97
N GLY D 169 -28.57 18.69 18.64
CA GLY D 169 -28.65 20.08 19.11
C GLY D 169 -28.13 20.28 20.52
N ARG D 170 -27.12 19.49 20.91
CA ARG D 170 -26.70 19.40 22.31
C ARG D 170 -25.68 20.49 22.68
N PRO D 171 -26.05 21.41 23.60
CA PRO D 171 -25.10 22.44 24.07
C PRO D 171 -23.80 21.92 24.70
N SER D 172 -22.71 22.69 24.58
CA SER D 172 -21.38 22.31 25.09
C SER D 172 -20.47 23.49 25.44
N GLY D 173 -19.83 24.05 24.40
CA GLY D 173 -18.83 25.11 24.55
C GLY D 173 -18.81 26.07 23.36
N HIS D 174 -17.62 26.29 22.81
CA HIS D 174 -17.40 27.44 21.91
C HIS D 174 -16.35 27.15 20.83
N GLN E 6 13.78 -55.76 15.27
CA GLN E 6 13.06 -56.77 14.42
C GLN E 6 14.00 -57.43 13.40
N GLU E 7 14.59 -56.60 12.53
CA GLU E 7 15.43 -57.05 11.40
C GLU E 7 14.59 -57.81 10.36
N PRO E 8 14.50 -57.26 9.12
CA PRO E 8 13.41 -57.63 8.22
C PRO E 8 13.63 -58.84 7.31
N LYS E 9 12.54 -59.54 7.03
CA LYS E 9 12.49 -60.59 6.01
C LYS E 9 12.57 -59.96 4.61
N VAL E 10 13.61 -60.34 3.86
CA VAL E 10 13.78 -59.88 2.48
C VAL E 10 13.64 -61.08 1.55
N VAL E 11 12.44 -61.28 1.02
CA VAL E 11 12.12 -62.45 0.22
C VAL E 11 12.88 -62.48 -1.11
N GLY E 12 13.15 -61.31 -1.68
CA GLY E 12 13.98 -61.20 -2.88
C GLY E 12 15.38 -61.77 -2.69
N VAL E 13 15.84 -61.80 -1.45
CA VAL E 13 17.11 -62.43 -1.07
C VAL E 13 16.91 -63.91 -0.72
N GLU E 14 15.82 -64.24 -0.03
CA GLU E 14 15.54 -65.63 0.38
C GLU E 14 15.51 -66.59 -0.81
N ILE E 15 14.83 -66.19 -1.88
CA ILE E 15 14.71 -67.03 -3.09
C ILE E 15 16.07 -67.37 -3.70
N LEU E 16 17.04 -66.48 -3.51
CA LEU E 16 18.41 -66.70 -3.97
C LEU E 16 19.17 -67.67 -3.06
N GLU E 17 18.99 -67.51 -1.75
CA GLU E 17 19.64 -68.36 -0.76
C GLU E 17 19.19 -69.82 -0.89
N LYS E 18 17.91 -70.02 -1.22
CA LYS E 18 17.35 -71.34 -1.48
C LYS E 18 18.06 -72.09 -2.62
N SER E 19 18.59 -71.34 -3.59
CA SER E 19 19.33 -71.91 -4.71
C SER E 19 20.74 -72.34 -4.32
N GLY E 20 21.19 -71.94 -3.13
CA GLY E 20 22.55 -72.20 -2.68
C GLY E 20 23.53 -71.17 -3.19
N LEU E 21 23.03 -69.99 -3.54
CA LEU E 21 23.87 -68.90 -4.02
C LEU E 21 24.53 -68.18 -2.85
N ASP E 22 25.86 -68.04 -2.91
CA ASP E 22 26.61 -67.27 -1.92
C ASP E 22 26.46 -65.79 -2.24
N ILE E 23 25.65 -65.11 -1.45
CA ILE E 23 25.25 -63.73 -1.72
C ILE E 23 26.36 -62.74 -1.36
N LYS E 24 27.09 -63.03 -0.29
CA LYS E 24 28.22 -62.18 0.12
C LYS E 24 29.29 -62.18 -0.98
N LYS E 25 29.55 -63.36 -1.53
CA LYS E 25 30.51 -63.50 -2.63
C LYS E 25 30.03 -62.83 -3.91
N LEU E 26 28.74 -62.96 -4.20
CA LEU E 26 28.15 -62.31 -5.37
C LEU E 26 28.23 -60.79 -5.27
N VAL E 27 27.80 -60.24 -4.14
CA VAL E 27 27.83 -58.79 -3.91
C VAL E 27 29.25 -58.26 -4.04
N ASP E 28 30.22 -59.00 -3.49
CA ASP E 28 31.62 -58.59 -3.59
C ASP E 28 32.08 -58.49 -5.04
N LYS E 29 31.66 -59.44 -5.86
CA LYS E 29 31.98 -59.44 -7.29
C LYS E 29 31.27 -58.28 -8.01
N LEU E 30 30.00 -58.07 -7.67
CA LEU E 30 29.21 -56.96 -8.23
C LEU E 30 29.85 -55.60 -7.94
N VAL E 31 30.30 -55.41 -6.70
CA VAL E 31 30.94 -54.16 -6.28
C VAL E 31 32.23 -53.89 -7.06
N LYS E 32 33.06 -54.91 -7.23
CA LYS E 32 34.32 -54.78 -7.96
C LYS E 32 34.07 -54.49 -9.45
N ALA E 33 33.07 -55.15 -10.02
CA ALA E 33 32.68 -54.94 -11.41
C ALA E 33 32.06 -53.55 -11.62
N THR E 34 31.19 -53.16 -10.70
CA THR E 34 30.55 -51.83 -10.74
C THR E 34 31.55 -50.69 -10.49
N ALA E 35 32.56 -50.95 -9.65
CA ALA E 35 33.64 -50.00 -9.40
C ALA E 35 34.42 -49.70 -10.69
N ALA E 36 34.65 -50.74 -11.48
CA ALA E 36 35.36 -50.62 -12.75
C ALA E 36 34.58 -49.77 -13.76
N GLU E 37 33.25 -49.82 -13.68
CA GLU E 37 32.40 -48.98 -14.53
C GLU E 37 32.56 -47.50 -14.18
N PHE E 38 32.69 -47.21 -12.89
CA PHE E 38 32.79 -45.83 -12.42
C PHE E 38 34.12 -45.20 -12.81
N THR E 39 35.19 -45.99 -12.69
CA THR E 39 36.53 -45.55 -13.06
C THR E 39 36.60 -45.39 -14.59
N THR E 40 35.97 -46.30 -15.31
CA THR E 40 35.86 -46.20 -16.77
C THR E 40 35.31 -44.85 -17.18
N TYR E 41 34.20 -44.46 -16.56
CA TYR E 41 33.58 -43.14 -16.78
C TYR E 41 34.56 -41.98 -16.61
N TYR E 42 35.46 -42.09 -15.64
CA TYR E 42 36.48 -41.07 -15.44
C TYR E 42 37.60 -41.15 -16.48
N TYR E 43 38.16 -42.35 -16.62
CA TYR E 43 39.34 -42.55 -17.46
C TYR E 43 39.05 -42.40 -18.94
N TYR E 44 37.87 -42.88 -19.38
CA TYR E 44 37.45 -42.71 -20.77
C TYR E 44 37.22 -41.24 -21.13
N THR E 45 36.89 -40.41 -20.14
CA THR E 45 36.80 -38.96 -20.36
C THR E 45 38.12 -38.44 -20.89
N ILE E 46 39.19 -38.74 -20.17
CA ILE E 46 40.54 -38.31 -20.54
C ILE E 46 40.96 -38.92 -21.88
N LEU E 47 40.76 -40.22 -22.05
CA LEU E 47 41.14 -40.91 -23.28
C LEU E 47 40.43 -40.31 -24.50
N ARG E 48 39.15 -39.99 -24.36
CA ARG E 48 38.38 -39.34 -25.41
C ARG E 48 38.92 -37.96 -25.76
N MSE E 49 39.26 -37.19 -24.74
CA MSE E 49 39.80 -35.83 -24.92
C MSE E 49 41.05 -35.84 -25.80
O MSE E 49 41.28 -34.89 -26.56
CB MSE E 49 40.17 -35.21 -23.57
CG MSE E 49 39.01 -34.98 -22.63
SE MSE E 49 37.88 -33.47 -23.07
CE MSE E 49 36.50 -33.82 -21.79
N HIS E 50 41.85 -36.88 -25.69
CA HIS E 50 43.15 -36.95 -26.36
C HIS E 50 43.12 -37.68 -27.71
N LEU E 51 41.94 -38.08 -28.17
CA LEU E 51 41.77 -38.61 -29.54
C LEU E 51 41.64 -37.43 -30.49
N THR E 52 42.78 -36.78 -30.74
CA THR E 52 42.83 -35.50 -31.44
C THR E 52 43.33 -35.68 -32.87
N GLY E 53 43.45 -34.56 -33.59
CA GLY E 53 43.92 -34.57 -34.97
C GLY E 53 42.84 -35.04 -35.93
N MSE E 54 43.22 -35.20 -37.18
CA MSE E 54 42.31 -35.68 -38.20
C MSE E 54 42.19 -37.20 -38.17
O MSE E 54 41.17 -37.76 -38.58
CB MSE E 54 42.74 -35.19 -39.58
CG MSE E 54 42.53 -33.70 -39.73
SE MSE E 54 43.51 -32.93 -41.19
CE MSE E 54 43.28 -34.30 -42.55
N GLU E 55 43.24 -37.87 -37.68
CA GLU E 55 43.19 -39.31 -37.43
C GLU E 55 42.17 -39.67 -36.36
N GLY E 56 42.22 -38.96 -35.24
CA GLY E 56 41.40 -39.28 -34.06
C GLY E 56 39.99 -38.70 -34.02
N GLU E 57 39.68 -37.79 -34.95
CA GLU E 57 38.41 -37.06 -34.89
C GLU E 57 37.18 -37.97 -34.87
N GLY E 58 37.11 -38.91 -35.80
CA GLY E 58 35.97 -39.82 -35.88
C GLY E 58 35.95 -40.89 -34.79
N LEU E 59 37.07 -41.05 -34.10
CA LEU E 59 37.18 -42.05 -33.03
C LEU E 59 36.58 -41.55 -31.72
N LYS E 60 36.56 -40.24 -31.54
CA LYS E 60 36.04 -39.62 -30.31
C LYS E 60 34.61 -40.07 -29.98
N GLU E 61 33.73 -40.04 -30.96
CA GLU E 61 32.32 -40.35 -30.72
C GLU E 61 32.09 -41.82 -30.34
N ILE E 62 32.93 -42.71 -30.86
CA ILE E 62 32.88 -44.13 -30.50
C ILE E 62 33.33 -44.35 -29.06
N ALA E 63 34.39 -43.65 -28.64
CA ALA E 63 34.84 -43.68 -27.26
C ALA E 63 33.82 -43.00 -26.33
N GLU E 64 33.14 -41.99 -26.85
CA GLU E 64 32.12 -41.25 -26.09
C GLU E 64 30.94 -42.17 -25.76
N ASP E 65 30.46 -42.89 -26.78
CA ASP E 65 29.37 -43.85 -26.64
C ASP E 65 29.68 -44.91 -25.58
N ALA E 66 30.89 -45.46 -25.63
CA ALA E 66 31.31 -46.45 -24.65
C ALA E 66 31.31 -45.85 -23.25
N ARG E 67 31.84 -44.64 -23.12
CA ARG E 67 31.95 -43.94 -21.83
C ARG E 67 30.58 -43.78 -21.18
N LEU E 68 29.63 -43.24 -21.95
CA LEU E 68 28.30 -42.96 -21.43
C LEU E 68 27.50 -44.23 -21.13
N GLU E 69 27.70 -45.26 -21.93
CA GLU E 69 27.05 -46.55 -21.70
C GLU E 69 27.60 -47.23 -20.45
N ASP E 70 28.91 -47.09 -20.23
CA ASP E 70 29.54 -47.65 -19.02
C ASP E 70 29.10 -46.91 -17.76
N ARG E 71 28.88 -45.61 -17.86
CA ARG E 71 28.33 -44.84 -16.72
C ARG E 71 26.92 -45.34 -16.36
N LEU E 72 26.13 -45.68 -17.37
CA LEU E 72 24.81 -46.24 -17.13
C LEU E 72 24.90 -47.67 -16.57
N HIS E 73 25.94 -48.41 -16.91
CA HIS E 73 26.19 -49.71 -16.31
C HIS E 73 26.41 -49.58 -14.79
N PHE E 74 27.15 -48.54 -14.40
CA PHE E 74 27.40 -48.24 -13.00
C PHE E 74 26.10 -47.97 -12.26
N GLU E 75 25.28 -47.11 -12.85
CA GLU E 75 23.98 -46.75 -12.28
C GLU E 75 23.09 -47.98 -12.15
N LEU E 76 23.11 -48.81 -13.18
CA LEU E 76 22.27 -50.00 -13.26
C LEU E 76 22.59 -51.00 -12.14
N MSE E 77 23.85 -51.37 -12.03
CA MSE E 77 24.25 -52.43 -11.10
C MSE E 77 24.37 -51.94 -9.65
O MSE E 77 24.24 -52.74 -8.72
CB MSE E 77 25.54 -53.11 -11.56
CG MSE E 77 25.75 -54.50 -10.93
SE MSE E 77 24.23 -55.73 -11.19
CE MSE E 77 24.61 -56.40 -12.97
N THR E 78 24.59 -50.65 -9.47
CA THR E 78 24.59 -50.05 -8.13
C THR E 78 23.25 -50.27 -7.43
N GLN E 79 22.16 -50.02 -8.15
CA GLN E 79 20.82 -50.26 -7.61
C GLN E 79 20.68 -51.70 -7.11
N ARG E 80 21.12 -52.66 -7.93
CA ARG E 80 21.05 -54.08 -7.59
C ARG E 80 21.88 -54.46 -6.35
N ILE E 81 23.03 -53.82 -6.19
CA ILE E 81 23.91 -54.06 -5.05
C ILE E 81 23.18 -53.76 -3.73
N TYR E 82 22.44 -52.67 -3.71
CA TYR E 82 21.69 -52.26 -2.52
C TYR E 82 20.43 -53.11 -2.29
N GLU E 83 19.82 -53.58 -3.37
CA GLU E 83 18.72 -54.53 -3.27
C GLU E 83 19.15 -55.83 -2.62
N LEU E 84 20.40 -56.23 -2.85
CA LEU E 84 20.95 -57.46 -2.27
C LEU E 84 21.48 -57.26 -0.85
N GLY E 85 21.39 -56.03 -0.33
CA GLY E 85 21.84 -55.74 1.03
C GLY E 85 23.32 -55.37 1.13
N GLY E 86 23.94 -55.10 -0.01
CA GLY E 86 25.31 -54.61 -0.06
C GLY E 86 25.37 -53.10 -0.20
N GLY E 87 26.55 -52.56 -0.40
CA GLY E 87 26.74 -51.13 -0.60
C GLY E 87 28.02 -50.81 -1.35
N LEU E 88 28.14 -49.57 -1.81
CA LEU E 88 29.39 -49.09 -2.40
C LEU E 88 30.38 -48.76 -1.28
N PRO E 89 31.69 -48.78 -1.60
CA PRO E 89 32.67 -48.39 -0.60
C PRO E 89 32.45 -46.97 -0.10
N ARG E 90 32.66 -46.79 1.20
CA ARG E 90 32.51 -45.50 1.85
C ARG E 90 33.35 -44.42 1.16
N ASP E 91 34.62 -44.75 0.92
CA ASP E 91 35.57 -43.82 0.30
C ASP E 91 35.69 -44.08 -1.21
N ILE E 92 35.87 -43.02 -1.97
CA ILE E 92 36.03 -43.12 -3.43
C ILE E 92 37.37 -43.77 -3.81
N ARG E 93 38.37 -43.61 -2.95
CA ARG E 93 39.69 -44.23 -3.17
C ARG E 93 39.64 -45.76 -3.00
N GLN E 94 38.83 -46.21 -2.04
CA GLN E 94 38.54 -47.64 -1.87
C GLN E 94 37.93 -48.24 -3.13
N LEU E 95 37.01 -47.49 -3.75
CA LEU E 95 36.37 -47.90 -4.99
C LEU E 95 37.39 -48.12 -6.09
N ALA E 96 38.31 -47.16 -6.25
CA ALA E 96 39.37 -47.26 -7.23
C ALA E 96 40.22 -48.52 -7.00
N ASP E 97 40.58 -48.77 -5.74
CA ASP E 97 41.45 -49.89 -5.38
C ASP E 97 40.82 -51.26 -5.60
N ILE E 98 39.52 -51.39 -5.37
CA ILE E 98 38.84 -52.69 -5.53
C ILE E 98 38.28 -52.91 -6.93
N SER E 99 38.48 -51.95 -7.83
CA SER E 99 38.03 -52.08 -9.22
C SER E 99 38.47 -53.42 -9.82
N ALA E 100 37.54 -54.08 -10.51
CA ALA E 100 37.84 -55.35 -11.18
C ALA E 100 38.95 -55.21 -12.23
N CYS E 101 39.08 -54.01 -12.81
CA CYS E 101 40.02 -53.76 -13.89
C CYS E 101 41.16 -52.82 -13.51
N SER E 102 42.26 -52.97 -14.23
CA SER E 102 43.41 -52.07 -14.12
C SER E 102 43.02 -50.67 -14.60
N ASP E 103 43.64 -49.64 -14.02
CA ASP E 103 43.33 -48.25 -14.37
C ASP E 103 43.64 -47.95 -15.85
N ALA E 104 42.67 -47.39 -16.55
CA ALA E 104 42.81 -47.08 -17.98
C ALA E 104 43.51 -45.74 -18.20
N TYR E 105 44.79 -45.70 -17.82
CA TYR E 105 45.58 -44.48 -17.89
C TYR E 105 45.82 -44.04 -19.32
N LEU E 106 45.98 -42.73 -19.51
CA LEU E 106 46.40 -42.18 -20.79
C LEU E 106 47.81 -42.72 -21.10
N PRO E 107 48.01 -43.35 -22.26
CA PRO E 107 49.34 -43.85 -22.57
C PRO E 107 50.33 -42.71 -22.85
N GLU E 108 51.60 -43.05 -22.95
CA GLU E 108 52.67 -42.06 -23.07
C GLU E 108 52.67 -41.43 -24.46
N ASN E 109 52.64 -42.28 -25.49
CA ASN E 109 52.55 -41.82 -26.88
C ASN E 109 51.08 -41.75 -27.31
N TRP E 110 50.31 -40.93 -26.61
CA TRP E 110 48.86 -40.82 -26.86
C TRP E 110 48.52 -40.14 -28.19
N LYS E 111 49.47 -39.39 -28.73
CA LYS E 111 49.27 -38.72 -30.03
C LYS E 111 49.12 -39.71 -31.18
N ASP E 112 49.62 -40.94 -30.99
CA ASP E 112 49.23 -42.06 -31.83
C ASP E 112 47.91 -42.59 -31.29
N PRO E 113 46.81 -42.41 -32.04
CA PRO E 113 45.50 -42.82 -31.52
C PRO E 113 45.35 -44.32 -31.29
N LYS E 114 46.18 -45.13 -31.96
CA LYS E 114 46.20 -46.58 -31.74
C LYS E 114 46.61 -46.94 -30.32
N GLU E 115 47.47 -46.11 -29.71
CA GLU E 115 47.88 -46.31 -28.32
C GLU E 115 46.69 -46.15 -27.38
N ILE E 116 45.86 -45.15 -27.67
CA ILE E 116 44.63 -44.94 -26.92
C ILE E 116 43.63 -46.07 -27.13
N LEU E 117 43.48 -46.50 -28.38
CA LEU E 117 42.59 -47.61 -28.72
C LEU E 117 42.99 -48.92 -28.02
N LYS E 118 44.29 -49.15 -27.88
CA LYS E 118 44.81 -50.32 -27.16
C LYS E 118 44.35 -50.31 -25.71
N VAL E 119 44.41 -49.15 -25.06
CA VAL E 119 43.99 -49.01 -23.67
C VAL E 119 42.49 -49.23 -23.52
N LEU E 120 41.71 -48.63 -24.44
CA LEU E 120 40.27 -48.82 -24.48
C LEU E 120 39.93 -50.30 -24.65
N LEU E 121 40.59 -50.95 -25.60
CA LEU E 121 40.33 -52.36 -25.89
C LEU E 121 40.62 -53.25 -24.65
N GLU E 122 41.76 -53.05 -24.01
CA GLU E 122 42.11 -53.85 -22.84
C GLU E 122 41.09 -53.67 -21.71
N ALA E 123 40.64 -52.44 -21.51
CA ALA E 123 39.62 -52.17 -20.50
C ALA E 123 38.32 -52.93 -20.79
N GLU E 124 37.87 -52.89 -22.04
CA GLU E 124 36.66 -53.60 -22.46
C GLU E 124 36.79 -55.12 -22.34
N GLN E 125 37.97 -55.64 -22.69
CA GLN E 125 38.24 -57.08 -22.61
C GLN E 125 38.17 -57.57 -21.17
N CYS E 126 38.63 -56.73 -20.25
CA CYS E 126 38.55 -57.02 -18.84
C CYS E 126 37.09 -57.03 -18.37
N ALA E 127 36.34 -56.03 -18.79
CA ALA E 127 34.91 -55.94 -18.48
C ALA E 127 34.13 -57.17 -18.96
N ILE E 128 34.46 -57.67 -20.15
CA ILE E 128 33.79 -58.86 -20.71
C ILE E 128 34.02 -60.06 -19.79
N ARG E 129 35.27 -60.31 -19.41
CA ARG E 129 35.61 -61.39 -18.49
C ARG E 129 34.94 -61.21 -17.12
N THR E 130 34.89 -59.97 -16.65
CA THR E 130 34.31 -59.64 -15.35
C THR E 130 32.80 -59.93 -15.31
N TRP E 131 32.07 -59.42 -16.30
CA TRP E 131 30.62 -59.59 -16.34
C TRP E 131 30.18 -60.99 -16.76
N LYS E 132 31.01 -61.67 -17.54
CA LYS E 132 30.79 -63.07 -17.85
C LYS E 132 30.86 -63.94 -16.59
N GLU E 133 31.80 -63.64 -15.70
CA GLU E 133 31.91 -64.35 -14.43
C GLU E 133 30.63 -64.21 -13.61
N VAL E 134 30.09 -63.00 -13.56
CA VAL E 134 28.85 -62.73 -12.84
C VAL E 134 27.68 -63.52 -13.43
N CYS E 135 27.61 -63.58 -14.76
CA CYS E 135 26.59 -64.38 -15.46
C CYS E 135 26.68 -65.85 -15.08
N ASP E 136 27.91 -66.38 -15.00
CA ASP E 136 28.13 -67.78 -14.67
C ASP E 136 27.68 -68.13 -13.25
N MSE E 137 27.86 -67.19 -12.33
CA MSE E 137 27.46 -67.37 -10.93
C MSE E 137 25.96 -67.29 -10.75
O MSE E 137 25.39 -68.07 -9.98
CB MSE E 137 28.10 -66.30 -10.05
CG MSE E 137 29.59 -66.46 -9.84
SE MSE E 137 30.33 -64.95 -8.82
CE MSE E 137 29.05 -64.89 -7.39
N THR E 138 25.32 -66.35 -11.42
CA THR E 138 23.89 -66.07 -11.25
C THR E 138 23.02 -66.92 -12.17
N TYR E 139 23.66 -67.54 -13.16
CA TYR E 139 22.98 -68.44 -14.10
C TYR E 139 22.23 -69.55 -13.35
N GLY E 140 20.91 -69.59 -13.56
CA GLY E 140 20.07 -70.64 -12.98
C GLY E 140 19.72 -70.46 -11.51
N LYS E 141 20.01 -69.28 -10.96
CA LYS E 141 19.84 -69.01 -9.52
C LYS E 141 19.24 -67.64 -9.23
N ASP E 142 19.75 -66.61 -9.92
CA ASP E 142 19.38 -65.22 -9.68
C ASP E 142 18.98 -64.52 -10.99
N PRO E 143 17.71 -64.65 -11.41
CA PRO E 143 17.20 -64.07 -12.66
C PRO E 143 17.44 -62.58 -12.83
N ARG E 144 17.21 -61.80 -11.78
CA ARG E 144 17.37 -60.36 -11.81
C ARG E 144 18.82 -59.97 -12.06
N THR E 145 19.75 -60.48 -11.24
CA THR E 145 21.17 -60.13 -11.41
C THR E 145 21.69 -60.64 -12.75
N TYR E 146 21.28 -61.85 -13.13
CA TYR E 146 21.72 -62.43 -14.39
C TYR E 146 21.33 -61.54 -15.56
N ASP E 147 20.06 -61.13 -15.58
CA ASP E 147 19.53 -60.31 -16.67
C ASP E 147 20.29 -59.00 -16.81
N LEU E 148 20.55 -58.34 -15.69
CA LEU E 148 21.27 -57.07 -15.71
C LEU E 148 22.72 -57.26 -16.14
N ALA E 149 23.39 -58.26 -15.58
CA ALA E 149 24.78 -58.58 -15.94
C ALA E 149 24.90 -58.96 -17.41
N GLN E 150 23.95 -59.77 -17.90
CA GLN E 150 23.89 -60.17 -19.29
C GLN E 150 23.74 -58.97 -20.23
N ARG E 151 22.85 -58.04 -19.85
CA ARG E 151 22.65 -56.82 -20.62
C ARG E 151 23.93 -56.01 -20.75
N ILE E 152 24.63 -55.83 -19.62
CA ILE E 152 25.89 -55.09 -19.58
C ILE E 152 26.96 -55.81 -20.43
N LEU E 153 27.12 -57.10 -20.18
CA LEU E 153 28.05 -57.96 -20.92
C LEU E 153 27.85 -57.75 -22.42
N GLN E 154 26.57 -57.74 -22.81
CA GLN E 154 26.17 -57.56 -24.20
C GLN E 154 26.78 -56.29 -24.81
N GLU E 155 26.75 -55.20 -24.04
CA GLU E 155 27.29 -53.92 -24.50
C GLU E 155 28.82 -53.89 -24.48
N GLU E 156 29.45 -54.61 -23.55
CA GLU E 156 30.91 -54.69 -23.49
C GLU E 156 31.47 -55.43 -24.69
N ILE E 157 30.77 -56.49 -25.09
CA ILE E 157 31.07 -57.23 -26.32
C ILE E 157 30.99 -56.32 -27.54
N GLU E 158 29.97 -55.46 -27.58
CA GLU E 158 29.85 -54.45 -28.64
C GLU E 158 30.99 -53.44 -28.57
N HIS E 159 31.34 -52.98 -27.37
CA HIS E 159 32.42 -52.01 -27.21
C HIS E 159 33.76 -52.58 -27.68
N GLU E 160 34.06 -53.81 -27.27
CA GLU E 160 35.29 -54.49 -27.72
C GLU E 160 35.33 -54.57 -29.25
N ALA E 161 34.18 -54.92 -29.83
CA ALA E 161 34.06 -55.07 -31.27
C ALA E 161 34.32 -53.76 -32.01
N TRP E 162 33.91 -52.64 -31.42
CA TRP E 162 34.13 -51.31 -31.99
C TRP E 162 35.63 -51.03 -32.09
N PHE E 163 36.35 -51.24 -31.00
CA PHE E 163 37.78 -50.93 -30.93
C PHE E 163 38.63 -51.93 -31.72
N LEU E 164 38.19 -53.20 -31.76
CA LEU E 164 38.82 -54.21 -32.62
C LEU E 164 38.73 -53.84 -34.11
N GLU E 165 37.60 -53.25 -34.49
CA GLU E 165 37.39 -52.81 -35.87
C GLU E 165 38.27 -51.61 -36.23
N LEU E 166 38.52 -50.73 -35.25
CA LEU E 166 39.38 -49.56 -35.45
C LEU E 166 40.86 -49.92 -35.44
N LEU E 167 41.30 -50.69 -34.43
CA LEU E 167 42.72 -51.08 -34.31
C LEU E 167 43.15 -52.01 -35.42
N TYR E 168 42.39 -53.08 -35.61
CA TYR E 168 42.62 -54.03 -36.67
C TYR E 168 41.53 -53.80 -37.72
N GLY E 169 41.55 -54.58 -38.80
CA GLY E 169 40.52 -54.40 -39.82
C GLY E 169 39.33 -55.32 -39.65
N ARG E 170 38.96 -55.60 -38.40
CA ARG E 170 38.00 -56.66 -38.10
C ARG E 170 36.55 -56.15 -38.09
N PRO E 171 35.71 -56.63 -39.04
CA PRO E 171 34.29 -56.23 -39.06
C PRO E 171 33.50 -56.54 -37.79
N SER E 172 32.44 -55.76 -37.56
CA SER E 172 31.62 -55.87 -36.34
C SER E 172 30.20 -55.29 -36.52
N GLY E 173 30.05 -53.99 -36.25
CA GLY E 173 28.76 -53.30 -36.24
C GLY E 173 28.80 -51.92 -36.88
N HIS E 174 28.35 -50.90 -36.14
CA HIS E 174 28.06 -49.59 -36.71
C HIS E 174 28.22 -48.47 -35.68
N GLU F 7 54.83 -24.06 -30.49
CA GLU F 7 53.38 -24.21 -30.10
C GLU F 7 52.46 -23.58 -31.16
N PRO F 8 51.18 -23.98 -31.16
CA PRO F 8 50.17 -23.25 -31.94
C PRO F 8 49.66 -22.01 -31.23
N LYS F 9 49.33 -20.99 -32.01
CA LYS F 9 48.69 -19.78 -31.49
C LYS F 9 47.24 -20.07 -31.08
N VAL F 10 46.94 -19.88 -29.80
CA VAL F 10 45.58 -20.07 -29.27
C VAL F 10 45.02 -18.72 -28.86
N VAL F 11 44.25 -18.11 -29.74
CA VAL F 11 43.77 -16.74 -29.55
C VAL F 11 42.74 -16.63 -28.41
N GLY F 12 41.95 -17.69 -28.22
CA GLY F 12 41.05 -17.79 -27.07
C GLY F 12 41.77 -17.70 -25.73
N VAL F 13 43.06 -18.05 -25.71
CA VAL F 13 43.91 -17.91 -24.53
C VAL F 13 44.57 -16.51 -24.51
N GLU F 14 45.04 -16.06 -25.66
CA GLU F 14 45.73 -14.76 -25.77
C GLU F 14 44.89 -13.59 -25.26
N ILE F 15 43.60 -13.59 -25.57
CA ILE F 15 42.68 -12.53 -25.11
C ILE F 15 42.54 -12.47 -23.59
N LEU F 16 42.79 -13.60 -22.92
CA LEU F 16 42.80 -13.68 -21.46
C LEU F 16 44.12 -13.16 -20.88
N GLU F 17 45.22 -13.52 -21.53
CA GLU F 17 46.57 -13.11 -21.09
C GLU F 17 46.73 -11.59 -21.16
N LYS F 18 46.14 -10.98 -22.18
CA LYS F 18 46.13 -9.51 -22.33
C LYS F 18 45.47 -8.81 -21.14
N SER F 19 44.49 -9.46 -20.51
CA SER F 19 43.81 -8.92 -19.34
C SER F 19 44.63 -9.07 -18.05
N GLY F 20 45.82 -9.68 -18.14
CA GLY F 20 46.65 -9.92 -16.97
C GLY F 20 46.14 -11.06 -16.09
N LEU F 21 45.35 -11.96 -16.69
CA LEU F 21 44.83 -13.12 -15.97
C LEU F 21 45.90 -14.21 -15.89
N ASP F 22 46.12 -14.73 -14.69
CA ASP F 22 47.02 -15.86 -14.47
C ASP F 22 46.26 -17.15 -14.80
N ILE F 23 46.60 -17.72 -15.96
CA ILE F 23 45.85 -18.84 -16.52
C ILE F 23 46.22 -20.14 -15.81
N LYS F 24 47.50 -20.30 -15.46
CA LYS F 24 47.94 -21.49 -14.71
C LYS F 24 47.21 -21.57 -13.37
N LYS F 25 47.10 -20.43 -12.68
CA LYS F 25 46.38 -20.37 -11.42
C LYS F 25 44.88 -20.61 -11.60
N LEU F 26 44.31 -20.08 -12.68
CA LEU F 26 42.89 -20.26 -12.97
C LEU F 26 42.57 -21.72 -13.24
N VAL F 27 43.34 -22.35 -14.11
CA VAL F 27 43.15 -23.75 -14.45
C VAL F 27 43.28 -24.63 -13.20
N ASP F 28 44.24 -24.30 -12.34
CA ASP F 28 44.44 -25.06 -11.10
C ASP F 28 43.19 -24.99 -10.20
N LYS F 29 42.58 -23.82 -10.11
CA LYS F 29 41.35 -23.64 -9.35
C LYS F 29 40.17 -24.38 -9.99
N LEU F 30 40.07 -24.29 -11.32
CA LEU F 30 39.04 -25.01 -12.08
C LEU F 30 39.10 -26.52 -11.89
N VAL F 31 40.32 -27.07 -11.91
CA VAL F 31 40.54 -28.51 -11.72
C VAL F 31 40.11 -28.97 -10.32
N LYS F 32 40.44 -28.17 -9.31
CA LYS F 32 40.05 -28.49 -7.93
C LYS F 32 38.54 -28.39 -7.74
N ALA F 33 37.91 -27.38 -8.35
CA ALA F 33 36.45 -27.19 -8.30
C ALA F 33 35.69 -28.26 -9.08
N THR F 34 36.24 -28.63 -10.24
CA THR F 34 35.66 -29.68 -11.09
C THR F 34 35.83 -31.06 -10.46
N ALA F 35 36.96 -31.28 -9.79
CA ALA F 35 37.20 -32.53 -9.06
C ALA F 35 36.15 -32.75 -7.96
N ALA F 36 35.71 -31.67 -7.32
CA ALA F 36 34.71 -31.75 -6.25
C ALA F 36 33.33 -32.12 -6.82
N GLU F 37 33.07 -31.70 -8.06
CA GLU F 37 31.85 -32.07 -8.76
C GLU F 37 31.80 -33.55 -9.07
N PHE F 38 32.96 -34.12 -9.40
CA PHE F 38 33.04 -35.55 -9.70
C PHE F 38 32.85 -36.41 -8.46
N THR F 39 33.48 -36.01 -7.36
CA THR F 39 33.34 -36.74 -6.10
C THR F 39 31.92 -36.60 -5.53
N THR F 40 31.32 -35.43 -5.69
CA THR F 40 29.91 -35.20 -5.35
C THR F 40 29.00 -36.23 -6.04
N TYR F 41 29.23 -36.42 -7.33
CA TYR F 41 28.47 -37.42 -8.10
C TYR F 41 28.56 -38.82 -7.47
N TYR F 42 29.74 -39.19 -6.96
CA TYR F 42 29.91 -40.47 -6.27
C TYR F 42 29.29 -40.49 -4.87
N TYR F 43 29.60 -39.49 -4.08
CA TYR F 43 29.20 -39.47 -2.68
C TYR F 43 27.71 -39.25 -2.51
N TYR F 44 27.13 -38.38 -3.33
CA TYR F 44 25.69 -38.12 -3.29
C TYR F 44 24.88 -39.36 -3.68
N THR F 45 25.48 -40.25 -4.49
CA THR F 45 24.85 -41.54 -4.80
C THR F 45 24.56 -42.29 -3.50
N ILE F 46 25.58 -42.43 -2.66
CA ILE F 46 25.49 -43.15 -1.40
C ILE F 46 24.56 -42.44 -0.42
N LEU F 47 24.68 -41.11 -0.35
CA LEU F 47 23.84 -40.32 0.56
C LEU F 47 22.34 -40.42 0.20
N ARG F 48 22.05 -40.44 -1.10
CA ARG F 48 20.68 -40.60 -1.60
C ARG F 48 20.12 -41.99 -1.28
N MSE F 49 20.95 -43.03 -1.47
CA MSE F 49 20.55 -44.40 -1.17
C MSE F 49 20.08 -44.56 0.27
O MSE F 49 19.14 -45.33 0.54
CB MSE F 49 21.73 -45.36 -1.38
CG MSE F 49 22.25 -45.45 -2.80
SE MSE F 49 21.11 -46.48 -3.98
CE MSE F 49 21.99 -45.95 -5.64
N HIS F 50 20.72 -43.84 1.19
CA HIS F 50 20.46 -43.99 2.63
C HIS F 50 19.40 -43.03 3.21
N LEU F 51 18.80 -42.20 2.36
CA LEU F 51 17.64 -41.40 2.75
C LEU F 51 16.39 -42.29 2.71
N THR F 52 16.29 -43.18 3.69
CA THR F 52 15.29 -44.25 3.72
C THR F 52 14.17 -43.95 4.71
N GLY F 53 13.22 -44.85 4.81
CA GLY F 53 12.08 -44.68 5.69
C GLY F 53 11.06 -43.72 5.12
N MSE F 54 10.01 -43.48 5.88
CA MSE F 54 8.97 -42.54 5.48
C MSE F 54 9.42 -41.09 5.66
O MSE F 54 8.98 -40.20 4.95
CB MSE F 54 7.70 -42.82 6.26
CG MSE F 54 7.05 -44.14 5.87
SE MSE F 54 5.82 -44.81 7.19
CE MSE F 54 4.82 -43.20 7.55
N GLU F 55 10.33 -40.86 6.60
CA GLU F 55 10.95 -39.55 6.77
C GLU F 55 11.78 -39.15 5.53
N GLY F 56 12.65 -40.05 5.08
CA GLY F 56 13.59 -39.77 3.99
C GLY F 56 13.08 -39.94 2.56
N GLU F 57 11.85 -40.41 2.38
CA GLU F 57 11.37 -40.79 1.05
C GLU F 57 11.27 -39.61 0.09
N GLY F 58 10.69 -38.51 0.55
CA GLY F 58 10.56 -37.30 -0.27
C GLY F 58 11.86 -36.56 -0.47
N LEU F 59 12.83 -36.83 0.40
CA LEU F 59 14.13 -36.17 0.34
C LEU F 59 15.02 -36.73 -0.76
N LYS F 60 14.83 -38.01 -1.10
CA LYS F 60 15.66 -38.70 -2.08
C LYS F 60 15.73 -37.96 -3.41
N GLU F 61 14.59 -37.51 -3.92
CA GLU F 61 14.53 -36.87 -5.25
C GLU F 61 15.22 -35.51 -5.26
N ILE F 62 15.24 -34.82 -4.12
CA ILE F 62 15.93 -33.54 -4.00
C ILE F 62 17.45 -33.75 -4.01
N ALA F 63 17.91 -34.77 -3.30
CA ALA F 63 19.31 -35.18 -3.33
C ALA F 63 19.71 -35.71 -4.71
N GLU F 64 18.76 -36.35 -5.39
CA GLU F 64 18.97 -36.91 -6.72
C GLU F 64 19.17 -35.78 -7.75
N ASP F 65 18.31 -34.76 -7.66
CA ASP F 65 18.40 -33.60 -8.55
C ASP F 65 19.75 -32.91 -8.42
N ALA F 66 20.21 -32.74 -7.17
CA ALA F 66 21.53 -32.15 -6.92
C ALA F 66 22.66 -33.00 -7.50
N ARG F 67 22.59 -34.30 -7.28
CA ARG F 67 23.60 -35.24 -7.77
C ARG F 67 23.79 -35.16 -9.28
N LEU F 68 22.67 -35.22 -10.01
CA LEU F 68 22.69 -35.19 -11.46
C LEU F 68 23.12 -33.86 -12.02
N GLU F 69 22.74 -32.77 -11.36
CA GLU F 69 23.14 -31.43 -11.79
C GLU F 69 24.63 -31.19 -11.56
N ASP F 70 25.16 -31.74 -10.48
CA ASP F 70 26.57 -31.64 -10.15
C ASP F 70 27.44 -32.46 -11.10
N ARG F 71 26.95 -33.61 -11.56
CA ARG F 71 27.65 -34.39 -12.59
C ARG F 71 27.75 -33.59 -13.88
N LEU F 72 26.69 -32.86 -14.24
CA LEU F 72 26.71 -32.01 -15.44
C LEU F 72 27.61 -30.80 -15.25
N HIS F 73 27.78 -30.34 -14.01
CA HIS F 73 28.77 -29.28 -13.72
C HIS F 73 30.18 -29.78 -14.04
N PHE F 74 30.46 -31.04 -13.67
CA PHE F 74 31.72 -31.70 -13.98
C PHE F 74 31.97 -31.74 -15.49
N GLU F 75 30.96 -32.20 -16.22
CA GLU F 75 31.04 -32.28 -17.68
C GLU F 75 31.28 -30.91 -18.31
N LEU F 76 30.59 -29.91 -17.77
CA LEU F 76 30.61 -28.55 -18.31
C LEU F 76 31.98 -27.90 -18.17
N MSE F 77 32.53 -27.93 -16.96
CA MSE F 77 33.79 -27.25 -16.68
C MSE F 77 35.01 -28.05 -17.14
O MSE F 77 36.07 -27.47 -17.37
CB MSE F 77 33.90 -26.90 -15.20
CG MSE F 77 34.93 -25.80 -14.92
SE MSE F 77 34.65 -24.17 -15.98
CE MSE F 77 33.27 -23.27 -14.92
N THR F 78 34.86 -29.36 -17.28
CA THR F 78 35.93 -30.22 -17.81
C THR F 78 36.29 -29.78 -19.23
N GLN F 79 35.28 -29.54 -20.06
CA GLN F 79 35.50 -29.03 -21.42
C GLN F 79 36.33 -27.74 -21.40
N ARG F 80 35.98 -26.83 -20.51
CA ARG F 80 36.64 -25.53 -20.43
C ARG F 80 38.11 -25.65 -19.98
N ILE F 81 38.38 -26.56 -19.07
CA ILE F 81 39.75 -26.83 -18.58
C ILE F 81 40.68 -27.18 -19.75
N TYR F 82 40.19 -28.02 -20.67
CA TYR F 82 40.99 -28.43 -21.83
C TYR F 82 41.12 -27.32 -22.86
N GLU F 83 40.07 -26.53 -23.03
CA GLU F 83 40.12 -25.33 -23.88
C GLU F 83 41.21 -24.34 -23.43
N LEU F 84 41.44 -24.29 -22.12
CA LEU F 84 42.48 -23.42 -21.56
C LEU F 84 43.88 -24.06 -21.55
N GLY F 85 44.00 -25.27 -22.08
CA GLY F 85 45.28 -25.95 -22.19
C GLY F 85 45.60 -26.78 -20.96
N GLY F 86 44.63 -26.94 -20.07
CA GLY F 86 44.78 -27.76 -18.87
C GLY F 86 44.27 -29.18 -19.08
N GLY F 87 44.32 -29.97 -18.02
CA GLY F 87 43.84 -31.36 -18.07
C GLY F 87 43.45 -31.90 -16.70
N LEU F 88 42.68 -32.98 -16.69
CA LEU F 88 42.31 -33.64 -15.45
C LEU F 88 43.50 -34.47 -14.96
N PRO F 89 43.56 -34.75 -13.65
CA PRO F 89 44.64 -35.59 -13.12
C PRO F 89 44.70 -36.97 -13.77
N ARG F 90 45.91 -37.44 -14.02
CA ARG F 90 46.11 -38.75 -14.66
C ARG F 90 45.44 -39.89 -13.89
N ASP F 91 45.53 -39.83 -12.57
CA ASP F 91 44.99 -40.86 -11.67
C ASP F 91 43.72 -40.35 -10.98
N ILE F 92 42.73 -41.23 -10.85
CA ILE F 92 41.45 -40.88 -10.22
C ILE F 92 41.62 -40.57 -8.72
N ARG F 93 42.64 -41.16 -8.10
CA ARG F 93 42.96 -40.92 -6.68
C ARG F 93 43.53 -39.52 -6.47
N GLN F 94 44.33 -39.04 -7.42
CA GLN F 94 44.79 -37.65 -7.47
C GLN F 94 43.61 -36.68 -7.47
N LEU F 95 42.62 -36.95 -8.31
CA LEU F 95 41.41 -36.15 -8.42
C LEU F 95 40.70 -36.00 -7.07
N ALA F 96 40.57 -37.13 -6.36
CA ALA F 96 39.96 -37.14 -5.03
C ALA F 96 40.73 -36.24 -4.06
N ASP F 97 42.06 -36.34 -4.10
CA ASP F 97 42.94 -35.62 -3.18
C ASP F 97 42.99 -34.10 -3.40
N ILE F 98 42.88 -33.66 -4.66
CA ILE F 98 42.91 -32.22 -4.98
C ILE F 98 41.53 -31.58 -5.02
N SER F 99 40.50 -32.35 -4.65
CA SER F 99 39.14 -31.82 -4.60
C SER F 99 39.05 -30.58 -3.73
N ALA F 100 38.36 -29.56 -4.23
CA ALA F 100 38.16 -28.32 -3.49
C ALA F 100 37.41 -28.53 -2.17
N CYS F 101 36.61 -29.59 -2.10
CA CYS F 101 35.77 -29.87 -0.94
C CYS F 101 36.15 -31.14 -0.20
N SER F 102 35.79 -31.17 1.08
CA SER F 102 35.96 -32.36 1.91
C SER F 102 35.04 -33.48 1.43
N ASP F 103 35.45 -34.72 1.65
CA ASP F 103 34.70 -35.89 1.17
C ASP F 103 33.35 -35.98 1.87
N ALA F 104 32.27 -36.07 1.08
CA ALA F 104 30.92 -36.11 1.63
C ALA F 104 30.54 -37.52 2.09
N TYR F 105 31.22 -37.99 3.13
CA TYR F 105 31.02 -39.34 3.64
C TYR F 105 29.63 -39.50 4.25
N LEU F 106 29.11 -40.72 4.15
CA LEU F 106 27.89 -41.10 4.86
C LEU F 106 28.14 -40.96 6.36
N PRO F 107 27.30 -40.18 7.05
CA PRO F 107 27.51 -40.02 8.50
C PRO F 107 27.17 -41.30 9.27
N GLU F 108 27.56 -41.33 10.54
CA GLU F 108 27.46 -42.52 11.37
C GLU F 108 25.99 -42.81 11.72
N ASN F 109 25.26 -41.79 12.15
CA ASN F 109 23.83 -41.92 12.45
C ASN F 109 22.98 -41.53 11.23
N TRP F 110 23.25 -42.15 10.10
CA TRP F 110 22.60 -41.82 8.83
C TRP F 110 21.09 -42.11 8.82
N LYS F 111 20.63 -43.00 9.70
CA LYS F 111 19.20 -43.31 9.83
C LYS F 111 18.38 -42.10 10.28
N ASP F 112 19.03 -41.14 10.93
CA ASP F 112 18.46 -39.79 11.08
C ASP F 112 18.77 -39.02 9.79
N PRO F 113 17.73 -38.72 8.98
CA PRO F 113 17.97 -38.06 7.69
C PRO F 113 18.57 -36.65 7.80
N LYS F 114 18.36 -36.00 8.95
CA LYS F 114 18.99 -34.69 9.20
C LYS F 114 20.51 -34.75 9.21
N GLU F 115 21.06 -35.89 9.62
CA GLU F 115 22.51 -36.10 9.55
C GLU F 115 22.99 -36.10 8.11
N ILE F 116 22.25 -36.78 7.23
CA ILE F 116 22.57 -36.80 5.80
C ILE F 116 22.44 -35.40 5.18
N LEU F 117 21.36 -34.70 5.53
CA LEU F 117 21.12 -33.34 5.06
C LEU F 117 22.23 -32.38 5.46
N LYS F 118 22.76 -32.55 6.66
CA LYS F 118 23.88 -31.74 7.14
C LYS F 118 25.11 -31.90 6.25
N VAL F 119 25.41 -33.13 5.87
CA VAL F 119 26.53 -33.44 4.99
C VAL F 119 26.31 -32.83 3.60
N LEU F 120 25.12 -33.01 3.06
CA LEU F 120 24.75 -32.43 1.77
C LEU F 120 24.88 -30.92 1.80
N LEU F 121 24.38 -30.30 2.88
CA LEU F 121 24.42 -28.85 3.04
C LEU F 121 25.86 -28.33 3.10
N GLU F 122 26.71 -28.99 3.87
CA GLU F 122 28.11 -28.58 3.97
C GLU F 122 28.84 -28.65 2.63
N ALA F 123 28.56 -29.70 1.86
CA ALA F 123 29.15 -29.89 0.54
C ALA F 123 28.76 -28.77 -0.41
N GLU F 124 27.49 -28.39 -0.38
CA GLU F 124 26.97 -27.33 -1.24
C GLU F 124 27.54 -25.96 -0.87
N GLN F 125 27.67 -25.73 0.43
CA GLN F 125 28.21 -24.47 0.94
C GLN F 125 29.67 -24.28 0.52
N CYS F 126 30.42 -25.38 0.51
CA CYS F 126 31.78 -25.37 0.03
C CYS F 126 31.80 -25.05 -1.46
N ALA F 127 30.92 -25.69 -2.22
CA ALA F 127 30.82 -25.46 -3.66
C ALA F 127 30.49 -24.00 -3.99
N ILE F 128 29.65 -23.37 -3.16
CA ILE F 128 29.28 -21.97 -3.35
C ILE F 128 30.53 -21.10 -3.25
N ARG F 129 31.27 -21.25 -2.15
CA ARG F 129 32.53 -20.54 -1.94
C ARG F 129 33.54 -20.81 -3.06
N THR F 130 33.63 -22.07 -3.49
CA THR F 130 34.58 -22.49 -4.52
C THR F 130 34.31 -21.80 -5.87
N TRP F 131 33.06 -21.83 -6.31
CA TRP F 131 32.70 -21.23 -7.61
C TRP F 131 32.60 -19.71 -7.58
N LYS F 132 32.27 -19.16 -6.42
CA LYS F 132 32.30 -17.71 -6.23
C LYS F 132 33.71 -17.16 -6.40
N GLU F 133 34.71 -17.88 -5.89
CA GLU F 133 36.11 -17.51 -6.07
C GLU F 133 36.47 -17.49 -7.57
N VAL F 134 36.02 -18.49 -8.31
CA VAL F 134 36.27 -18.58 -9.76
C VAL F 134 35.64 -17.38 -10.48
N CYS F 135 34.41 -17.04 -10.09
CA CYS F 135 33.73 -15.86 -10.63
C CYS F 135 34.52 -14.57 -10.38
N ASP F 136 35.04 -14.43 -9.17
CA ASP F 136 35.81 -13.23 -8.80
C ASP F 136 37.08 -13.07 -9.64
N MSE F 137 37.76 -14.19 -9.93
CA MSE F 137 38.99 -14.17 -10.73
C MSE F 137 38.75 -13.87 -12.20
O MSE F 137 39.53 -13.15 -12.84
CB MSE F 137 39.70 -15.51 -10.64
CG MSE F 137 40.33 -15.81 -9.31
SE MSE F 137 40.92 -17.68 -9.30
CE MSE F 137 41.92 -17.68 -10.92
N THR F 138 37.69 -14.45 -12.75
CA THR F 138 37.36 -14.35 -14.18
C THR F 138 36.52 -13.11 -14.50
N TYR F 139 35.98 -12.49 -13.45
CA TYR F 139 35.15 -11.30 -13.60
C TYR F 139 35.93 -10.18 -14.30
N GLY F 140 35.42 -9.74 -15.46
CA GLY F 140 36.01 -8.65 -16.22
C GLY F 140 37.24 -9.00 -17.03
N LYS F 141 37.47 -10.31 -17.21
CA LYS F 141 38.67 -10.81 -17.90
C LYS F 141 38.37 -11.98 -18.82
N ASP F 142 37.62 -12.95 -18.31
CA ASP F 142 37.34 -14.20 -19.02
C ASP F 142 35.84 -14.46 -19.08
N PRO F 143 35.15 -13.90 -20.10
CA PRO F 143 33.70 -14.05 -20.26
C PRO F 143 33.21 -15.50 -20.31
N ARG F 144 33.93 -16.36 -21.01
CA ARG F 144 33.56 -17.78 -21.14
C ARG F 144 33.57 -18.49 -19.78
N THR F 145 34.73 -18.51 -19.12
CA THR F 145 34.86 -19.16 -17.81
C THR F 145 33.92 -18.53 -16.77
N TYR F 146 33.78 -17.21 -16.80
CA TYR F 146 32.89 -16.53 -15.86
C TYR F 146 31.45 -17.01 -16.04
N ASP F 147 30.99 -17.04 -17.28
CA ASP F 147 29.62 -17.45 -17.58
C ASP F 147 29.32 -18.88 -17.08
N LEU F 148 30.25 -19.80 -17.33
CA LEU F 148 30.05 -21.18 -16.94
C LEU F 148 30.08 -21.31 -15.41
N ALA F 149 31.04 -20.63 -14.79
CA ALA F 149 31.18 -20.64 -13.33
C ALA F 149 29.97 -20.01 -12.66
N GLN F 150 29.50 -18.89 -13.22
CA GLN F 150 28.28 -18.21 -12.74
C GLN F 150 27.04 -19.13 -12.82
N ARG F 151 26.89 -19.83 -13.95
CA ARG F 151 25.81 -20.80 -14.14
C ARG F 151 25.82 -21.89 -13.07
N ILE F 152 27.00 -22.43 -12.82
CA ILE F 152 27.17 -23.50 -11.84
C ILE F 152 26.86 -22.98 -10.44
N LEU F 153 27.51 -21.87 -10.08
CA LEU F 153 27.29 -21.16 -8.80
C LEU F 153 25.80 -20.97 -8.54
N GLN F 154 25.10 -20.57 -9.59
CA GLN F 154 23.67 -20.34 -9.54
C GLN F 154 22.91 -21.60 -9.07
N GLU F 155 23.33 -22.77 -9.55
CA GLU F 155 22.69 -24.04 -9.16
C GLU F 155 23.14 -24.52 -7.76
N GLU F 156 24.38 -24.24 -7.38
CA GLU F 156 24.83 -24.53 -6.01
C GLU F 156 24.04 -23.72 -4.98
N ILE F 157 23.77 -22.45 -5.29
CA ILE F 157 22.95 -21.59 -4.44
C ILE F 157 21.56 -22.22 -4.25
N GLU F 158 20.98 -22.68 -5.36
CA GLU F 158 19.69 -23.37 -5.32
C GLU F 158 19.76 -24.65 -4.50
N HIS F 159 20.83 -25.42 -4.67
CA HIS F 159 21.02 -26.68 -3.94
C HIS F 159 21.10 -26.44 -2.42
N GLU F 160 21.87 -25.43 -2.01
CA GLU F 160 21.98 -25.06 -0.60
C GLU F 160 20.60 -24.67 -0.07
N ALA F 161 19.89 -23.87 -0.84
CA ALA F 161 18.55 -23.43 -0.47
C ALA F 161 17.59 -24.62 -0.25
N TRP F 162 17.70 -25.64 -1.10
CA TRP F 162 16.88 -26.85 -0.93
C TRP F 162 17.11 -27.50 0.42
N PHE F 163 18.37 -27.72 0.77
CA PHE F 163 18.74 -28.43 1.99
C PHE F 163 18.51 -27.56 3.24
N LEU F 164 18.69 -26.25 3.12
CA LEU F 164 18.34 -25.32 4.19
C LEU F 164 16.86 -25.36 4.52
N GLU F 165 16.02 -25.45 3.48
CA GLU F 165 14.58 -25.54 3.64
C GLU F 165 14.17 -26.84 4.34
N LEU F 166 14.90 -27.93 4.08
CA LEU F 166 14.61 -29.22 4.67
C LEU F 166 15.08 -29.30 6.12
N LEU F 167 16.33 -28.94 6.36
CA LEU F 167 16.93 -28.99 7.70
C LEU F 167 16.26 -28.03 8.67
N TYR F 168 16.16 -26.78 8.24
CA TYR F 168 15.54 -25.72 9.02
C TYR F 168 14.22 -25.44 8.33
N GLY F 169 13.46 -24.47 8.82
CA GLY F 169 12.18 -24.16 8.17
C GLY F 169 12.27 -23.01 7.19
N ARG F 170 13.40 -22.90 6.51
CA ARG F 170 13.74 -21.68 5.75
C ARG F 170 13.23 -21.75 4.30
N PRO F 171 12.26 -20.88 3.94
CA PRO F 171 11.74 -20.86 2.55
C PRO F 171 12.81 -20.63 1.46
N SER F 172 12.54 -21.13 0.26
CA SER F 172 13.46 -21.02 -0.88
C SER F 172 12.76 -21.11 -2.25
N GLY F 173 12.53 -22.33 -2.72
CA GLY F 173 11.98 -22.60 -4.06
C GLY F 173 11.09 -23.84 -4.09
N HIS F 174 11.36 -24.76 -5.00
CA HIS F 174 10.41 -25.82 -5.36
C HIS F 174 11.12 -27.11 -5.81
N GLN G 6 -10.14 -81.00 -36.83
CA GLN G 6 -8.80 -81.62 -37.14
C GLN G 6 -7.76 -81.51 -36.01
N GLU G 7 -7.83 -80.43 -35.22
CA GLU G 7 -6.88 -80.16 -34.12
C GLU G 7 -5.56 -79.64 -34.72
N PRO G 8 -5.31 -78.31 -34.59
CA PRO G 8 -4.16 -77.74 -35.30
C PRO G 8 -2.81 -78.00 -34.63
N LYS G 9 -1.79 -78.18 -35.46
CA LYS G 9 -0.41 -78.27 -34.99
C LYS G 9 0.05 -76.90 -34.49
N VAL G 10 0.43 -76.84 -33.22
CA VAL G 10 0.96 -75.62 -32.59
C VAL G 10 2.42 -75.86 -32.22
N VAL G 11 3.32 -75.42 -33.11
CA VAL G 11 4.75 -75.68 -32.96
C VAL G 11 5.39 -74.94 -31.78
N GLY G 12 4.83 -73.77 -31.44
CA GLY G 12 5.25 -73.02 -30.25
C GLY G 12 5.03 -73.81 -28.95
N VAL G 13 4.08 -74.74 -28.99
CA VAL G 13 3.81 -75.65 -27.88
C VAL G 13 4.65 -76.92 -28.00
N GLU G 14 4.81 -77.43 -29.22
CA GLU G 14 5.57 -78.67 -29.46
C GLU G 14 7.01 -78.61 -28.95
N ILE G 15 7.66 -77.47 -29.18
CA ILE G 15 9.06 -77.27 -28.75
C ILE G 15 9.21 -77.32 -27.22
N LEU G 16 8.13 -76.96 -26.52
CA LEU G 16 8.09 -77.05 -25.06
C LEU G 16 7.90 -78.49 -24.60
N GLU G 17 6.99 -79.21 -25.25
CA GLU G 17 6.70 -80.62 -24.94
C GLU G 17 7.94 -81.51 -25.13
N LYS G 18 8.73 -81.21 -26.15
CA LYS G 18 9.99 -81.93 -26.39
C LYS G 18 10.97 -81.82 -25.22
N SER G 19 10.89 -80.72 -24.47
CA SER G 19 11.74 -80.49 -23.31
C SER G 19 11.28 -81.26 -22.08
N GLY G 20 10.11 -81.90 -22.17
CA GLY G 20 9.51 -82.61 -21.04
C GLY G 20 8.74 -81.69 -20.10
N LEU G 21 8.38 -80.50 -20.58
CA LEU G 21 7.67 -79.52 -19.76
C LEU G 21 6.19 -79.88 -19.67
N ASP G 22 5.67 -79.94 -18.44
CA ASP G 22 4.26 -80.20 -18.21
C ASP G 22 3.47 -78.89 -18.41
N ILE G 23 2.84 -78.79 -19.57
CA ILE G 23 2.22 -77.54 -20.00
C ILE G 23 0.91 -77.26 -19.24
N LYS G 24 0.15 -78.31 -18.96
CA LYS G 24 -1.05 -78.16 -18.16
C LYS G 24 -0.71 -77.59 -16.77
N LYS G 25 0.35 -78.12 -16.16
CA LYS G 25 0.78 -77.67 -14.84
C LYS G 25 1.33 -76.26 -14.88
N LEU G 26 2.08 -75.94 -15.93
CA LEU G 26 2.60 -74.59 -16.14
C LEU G 26 1.46 -73.59 -16.28
N VAL G 27 0.53 -73.87 -17.19
CA VAL G 27 -0.61 -72.98 -17.43
C VAL G 27 -1.39 -72.74 -16.13
N ASP G 28 -1.60 -73.78 -15.35
CA ASP G 28 -2.26 -73.65 -14.06
C ASP G 28 -1.54 -72.67 -13.12
N LYS G 29 -0.22 -72.78 -13.03
CA LYS G 29 0.59 -71.85 -12.23
C LYS G 29 0.51 -70.42 -12.78
N LEU G 30 0.56 -70.29 -14.11
CA LEU G 30 0.44 -68.99 -14.76
C LEU G 30 -0.89 -68.31 -14.47
N VAL G 31 -1.98 -69.06 -14.51
CA VAL G 31 -3.33 -68.53 -14.27
C VAL G 31 -3.49 -68.03 -12.83
N LYS G 32 -2.99 -68.80 -11.87
CA LYS G 32 -3.04 -68.43 -10.46
C LYS G 32 -2.16 -67.19 -10.17
N ALA G 33 -1.00 -67.12 -10.80
CA ALA G 33 -0.08 -65.98 -10.65
C ALA G 33 -0.66 -64.73 -11.27
N THR G 34 -1.22 -64.89 -12.47
CA THR G 34 -1.83 -63.80 -13.23
C THR G 34 -3.11 -63.31 -12.55
N ALA G 35 -3.84 -64.23 -11.91
CA ALA G 35 -5.01 -63.88 -11.12
C ALA G 35 -4.65 -62.92 -9.97
N ALA G 36 -3.51 -63.18 -9.32
CA ALA G 36 -3.04 -62.35 -8.20
C ALA G 36 -2.67 -60.93 -8.64
N GLU G 37 -2.25 -60.81 -9.90
CA GLU G 37 -1.93 -59.50 -10.49
C GLU G 37 -3.18 -58.67 -10.68
N PHE G 38 -4.27 -59.34 -11.05
CA PHE G 38 -5.56 -58.67 -11.27
C PHE G 38 -6.17 -58.18 -9.96
N THR G 39 -6.14 -59.03 -8.94
CA THR G 39 -6.68 -58.68 -7.62
C THR G 39 -5.83 -57.59 -6.97
N THR G 40 -4.52 -57.64 -7.20
CA THR G 40 -3.63 -56.57 -6.78
C THR G 40 -4.10 -55.22 -7.33
N TYR G 41 -4.37 -55.16 -8.63
CA TYR G 41 -4.86 -53.96 -9.27
C TYR G 41 -6.09 -53.38 -8.55
N TYR G 42 -7.00 -54.26 -8.12
CA TYR G 42 -8.16 -53.83 -7.35
C TYR G 42 -7.78 -53.40 -5.94
N TYR G 43 -7.14 -54.30 -5.20
CA TYR G 43 -6.85 -54.09 -3.78
C TYR G 43 -5.89 -52.95 -3.51
N TYR G 44 -4.90 -52.77 -4.39
CA TYR G 44 -3.95 -51.66 -4.25
C TYR G 44 -4.66 -50.32 -4.47
N THR G 45 -5.72 -50.30 -5.27
CA THR G 45 -6.52 -49.10 -5.47
C THR G 45 -7.00 -48.59 -4.12
N ILE G 46 -7.62 -49.48 -3.35
CA ILE G 46 -8.15 -49.15 -2.02
C ILE G 46 -7.03 -48.79 -1.04
N LEU G 47 -5.95 -49.56 -1.06
CA LEU G 47 -4.81 -49.30 -0.18
C LEU G 47 -4.22 -47.92 -0.43
N ARG G 48 -4.06 -47.58 -1.71
CA ARG G 48 -3.53 -46.27 -2.11
C ARG G 48 -4.44 -45.12 -1.65
N MSE G 49 -5.76 -45.30 -1.82
CA MSE G 49 -6.77 -44.31 -1.40
C MSE G 49 -6.70 -43.96 0.08
O MSE G 49 -7.06 -42.87 0.48
CB MSE G 49 -8.18 -44.84 -1.64
CG MSE G 49 -8.52 -45.11 -3.07
SE MSE G 49 -8.93 -43.54 -4.05
CE MSE G 49 -8.94 -44.38 -5.84
N HIS G 50 -6.27 -44.92 0.89
CA HIS G 50 -6.23 -44.77 2.34
C HIS G 50 -4.85 -44.38 2.89
N LEU G 51 -3.87 -44.17 2.01
CA LEU G 51 -2.57 -43.61 2.42
C LEU G 51 -2.70 -42.08 2.54
N THR G 52 -3.39 -41.65 3.59
CA THR G 52 -3.82 -40.25 3.73
C THR G 52 -2.98 -39.54 4.78
N GLY G 53 -3.28 -38.26 4.98
CA GLY G 53 -2.54 -37.44 5.94
C GLY G 53 -1.23 -36.96 5.36
N MSE G 54 -0.48 -36.22 6.16
CA MSE G 54 0.84 -35.75 5.75
C MSE G 54 1.86 -36.89 5.78
O MSE G 54 2.77 -36.92 4.96
CB MSE G 54 1.26 -34.58 6.62
CG MSE G 54 0.42 -33.34 6.36
SE MSE G 54 0.50 -31.99 7.74
CE MSE G 54 2.41 -32.06 8.14
N GLU G 55 1.68 -37.85 6.69
CA GLU G 55 2.49 -39.06 6.73
C GLU G 55 2.39 -39.87 5.42
N GLY G 56 1.15 -40.14 5.00
CA GLY G 56 0.90 -41.01 3.84
C GLY G 56 1.00 -40.37 2.46
N GLU G 57 1.11 -39.05 2.39
CA GLU G 57 1.03 -38.34 1.11
C GLU G 57 2.06 -38.81 0.08
N GLY G 58 3.32 -38.88 0.50
CA GLY G 58 4.41 -39.29 -0.39
C GLY G 58 4.39 -40.77 -0.73
N LEU G 59 3.70 -41.55 0.10
CA LEU G 59 3.63 -42.99 -0.08
C LEU G 59 2.63 -43.40 -1.18
N LYS G 60 1.65 -42.54 -1.43
CA LYS G 60 0.63 -42.82 -2.45
C LYS G 60 1.22 -43.15 -3.81
N GLU G 61 2.16 -42.34 -4.27
CA GLU G 61 2.71 -42.48 -5.62
C GLU G 61 3.57 -43.75 -5.78
N ILE G 62 4.16 -44.22 -4.68
CA ILE G 62 4.91 -45.47 -4.70
C ILE G 62 3.94 -46.65 -4.81
N ALA G 63 2.85 -46.61 -4.05
CA ALA G 63 1.79 -47.62 -4.13
C ALA G 63 1.08 -47.59 -5.48
N GLU G 64 0.99 -46.40 -6.07
CA GLU G 64 0.37 -46.20 -7.37
C GLU G 64 1.20 -46.86 -8.46
N ASP G 65 2.52 -46.64 -8.40
CA ASP G 65 3.46 -47.23 -9.35
C ASP G 65 3.36 -48.76 -9.35
N ALA G 66 3.34 -49.33 -8.15
CA ALA G 66 3.19 -50.77 -8.01
C ALA G 66 1.87 -51.26 -8.62
N ARG G 67 0.79 -50.55 -8.30
CA ARG G 67 -0.55 -50.93 -8.80
C ARG G 67 -0.58 -50.99 -10.33
N LEU G 68 -0.11 -49.92 -10.96
CA LEU G 68 -0.15 -49.83 -12.41
C LEU G 68 0.78 -50.83 -13.08
N GLU G 69 1.95 -51.06 -12.50
CA GLU G 69 2.88 -52.06 -13.03
C GLU G 69 2.34 -53.49 -12.90
N ASP G 70 1.64 -53.78 -11.82
CA ASP G 70 1.02 -55.09 -11.62
C ASP G 70 -0.17 -55.34 -12.55
N ARG G 71 -0.90 -54.28 -12.91
CA ARG G 71 -1.96 -54.38 -13.91
C ARG G 71 -1.37 -54.75 -15.27
N LEU G 72 -0.20 -54.19 -15.58
CA LEU G 72 0.49 -54.53 -16.82
C LEU G 72 1.07 -55.94 -16.77
N HIS G 73 1.41 -56.44 -15.58
CA HIS G 73 1.82 -57.83 -15.43
C HIS G 73 0.66 -58.78 -15.77
N PHE G 74 -0.55 -58.40 -15.38
CA PHE G 74 -1.75 -59.14 -15.74
C PHE G 74 -1.96 -59.18 -17.26
N GLU G 75 -1.83 -58.03 -17.91
CA GLU G 75 -1.99 -57.93 -19.35
C GLU G 75 -0.92 -58.76 -20.06
N LEU G 76 0.30 -58.71 -19.54
CA LEU G 76 1.43 -59.36 -20.16
C LEU G 76 1.27 -60.89 -20.15
N MSE G 77 1.03 -61.46 -18.99
CA MSE G 77 1.02 -62.93 -18.87
C MSE G 77 -0.28 -63.55 -19.37
O MSE G 77 -0.29 -64.71 -19.76
CB MSE G 77 1.30 -63.38 -17.44
CG MSE G 77 1.75 -64.83 -17.32
SE MSE G 77 3.34 -65.25 -18.43
CE MSE G 77 4.72 -64.49 -17.33
N THR G 78 -1.36 -62.78 -19.34
CA THR G 78 -2.65 -63.23 -19.90
C THR G 78 -2.46 -63.63 -21.37
N GLN G 79 -1.79 -62.78 -22.14
CA GLN G 79 -1.49 -63.09 -23.54
C GLN G 79 -0.81 -64.45 -23.68
N ARG G 80 0.19 -64.69 -22.82
CA ARG G 80 0.96 -65.93 -22.85
C ARG G 80 0.13 -67.17 -22.49
N ILE G 81 -0.75 -67.03 -21.51
CA ILE G 81 -1.67 -68.11 -21.14
C ILE G 81 -2.49 -68.61 -22.34
N TYR G 82 -2.98 -67.68 -23.15
CA TYR G 82 -3.77 -68.04 -24.34
C TYR G 82 -2.90 -68.62 -25.46
N GLU G 83 -1.68 -68.11 -25.59
CA GLU G 83 -0.71 -68.69 -26.52
C GLU G 83 -0.40 -70.15 -26.21
N LEU G 84 -0.43 -70.50 -24.92
CA LEU G 84 -0.17 -71.88 -24.49
C LEU G 84 -1.41 -72.78 -24.56
N GLY G 85 -2.53 -72.24 -25.02
CA GLY G 85 -3.78 -73.00 -25.14
C GLY G 85 -4.59 -73.03 -23.85
N GLY G 86 -4.26 -72.15 -22.91
CA GLY G 86 -5.04 -72.01 -21.67
C GLY G 86 -6.00 -70.83 -21.75
N GLY G 87 -6.65 -70.53 -20.64
CA GLY G 87 -7.57 -69.42 -20.55
C GLY G 87 -7.84 -68.93 -19.14
N LEU G 88 -8.36 -67.71 -19.02
CA LEU G 88 -8.73 -67.15 -17.72
C LEU G 88 -10.03 -67.81 -17.26
N PRO G 89 -10.26 -67.85 -15.92
CA PRO G 89 -11.51 -68.39 -15.41
C PRO G 89 -12.74 -67.67 -15.99
N ARG G 90 -13.78 -68.46 -16.27
CA ARG G 90 -15.02 -67.97 -16.83
C ARG G 90 -15.66 -66.89 -15.94
N ASP G 91 -15.62 -67.12 -14.63
CA ASP G 91 -16.22 -66.22 -13.65
C ASP G 91 -15.14 -65.44 -12.90
N ILE G 92 -15.40 -64.17 -12.64
CA ILE G 92 -14.43 -63.29 -11.98
C ILE G 92 -14.22 -63.70 -10.52
N ARG G 93 -15.22 -64.35 -9.93
CA ARG G 93 -15.13 -64.86 -8.55
C ARG G 93 -14.20 -66.07 -8.45
N GLN G 94 -14.20 -66.92 -9.49
CA GLN G 94 -13.21 -68.00 -9.64
C GLN G 94 -11.79 -67.42 -9.61
N LEU G 95 -11.56 -66.40 -10.42
CA LEU G 95 -10.24 -65.73 -10.50
C LEU G 95 -9.74 -65.29 -9.13
N ALA G 96 -10.62 -64.64 -8.37
CA ALA G 96 -10.29 -64.20 -7.03
C ALA G 96 -9.88 -65.37 -6.14
N ASP G 97 -10.63 -66.45 -6.21
CA ASP G 97 -10.41 -67.63 -5.35
C ASP G 97 -9.13 -68.41 -5.67
N ILE G 98 -8.80 -68.55 -6.96
CA ILE G 98 -7.59 -69.29 -7.36
C ILE G 98 -6.32 -68.44 -7.31
N SER G 99 -6.44 -67.18 -6.91
CA SER G 99 -5.29 -66.29 -6.84
C SER G 99 -4.15 -66.91 -6.04
N ALA G 100 -2.93 -66.75 -6.54
CA ALA G 100 -1.74 -67.28 -5.86
C ALA G 100 -1.51 -66.65 -4.48
N CYS G 101 -2.01 -65.42 -4.32
CA CYS G 101 -1.79 -64.64 -3.10
C CYS G 101 -3.06 -64.37 -2.32
N SER G 102 -2.90 -64.25 -1.00
CA SER G 102 -3.98 -63.87 -0.10
C SER G 102 -4.49 -62.46 -0.43
N ASP G 103 -5.77 -62.21 -0.17
CA ASP G 103 -6.41 -60.93 -0.51
C ASP G 103 -5.77 -59.78 0.27
N ALA G 104 -5.32 -58.75 -0.45
CA ALA G 104 -4.65 -57.61 0.17
C ALA G 104 -5.66 -56.62 0.72
N TYR G 105 -6.40 -57.06 1.74
CA TYR G 105 -7.46 -56.26 2.33
C TYR G 105 -6.92 -55.02 3.04
N LEU G 106 -7.73 -53.97 3.08
CA LEU G 106 -7.41 -52.80 3.89
C LEU G 106 -7.38 -53.21 5.36
N PRO G 107 -6.27 -52.91 6.07
CA PRO G 107 -6.19 -53.29 7.47
C PRO G 107 -7.12 -52.46 8.36
N GLU G 108 -7.28 -52.89 9.61
CA GLU G 108 -8.24 -52.28 10.52
C GLU G 108 -7.77 -50.90 10.98
N ASN G 109 -6.51 -50.83 11.40
CA ASN G 109 -5.90 -49.56 11.79
C ASN G 109 -5.15 -48.95 10.60
N TRP G 110 -5.87 -48.71 9.51
CA TRP G 110 -5.29 -48.20 8.26
C TRP G 110 -4.77 -46.76 8.38
N LYS G 111 -5.26 -46.02 9.36
CA LYS G 111 -4.81 -44.62 9.59
C LYS G 111 -3.35 -44.55 10.00
N ASP G 112 -2.82 -45.66 10.52
CA ASP G 112 -1.38 -45.83 10.60
C ASP G 112 -0.91 -46.37 9.25
N PRO G 113 -0.15 -45.56 8.49
CA PRO G 113 0.26 -45.98 7.14
C PRO G 113 1.19 -47.21 7.13
N LYS G 114 1.88 -47.47 8.23
CA LYS G 114 2.70 -48.67 8.37
C LYS G 114 1.88 -49.98 8.30
N GLU G 115 0.62 -49.91 8.71
CA GLU G 115 -0.29 -51.05 8.58
C GLU G 115 -0.60 -51.35 7.12
N ILE G 116 -0.82 -50.30 6.32
CA ILE G 116 -1.03 -50.47 4.88
C ILE G 116 0.24 -50.98 4.20
N LEU G 117 1.39 -50.40 4.59
CA LEU G 117 2.68 -50.82 4.04
C LEU G 117 2.95 -52.31 4.27
N LYS G 118 2.60 -52.79 5.45
CA LYS G 118 2.74 -54.20 5.79
C LYS G 118 1.96 -55.09 4.83
N VAL G 119 0.74 -54.68 4.50
CA VAL G 119 -0.12 -55.43 3.58
C VAL G 119 0.45 -55.41 2.16
N LEU G 120 0.93 -54.25 1.73
CA LEU G 120 1.59 -54.13 0.43
C LEU G 120 2.84 -55.03 0.39
N LEU G 121 3.66 -54.96 1.43
CA LEU G 121 4.88 -55.75 1.51
C LEU G 121 4.61 -57.25 1.43
N GLU G 122 3.60 -57.72 2.16
CA GLU G 122 3.25 -59.14 2.17
C GLU G 122 2.74 -59.61 0.80
N ALA G 123 1.99 -58.75 0.11
CA ALA G 123 1.52 -59.06 -1.23
C ALA G 123 2.67 -59.20 -2.23
N GLU G 124 3.62 -58.29 -2.15
CA GLU G 124 4.80 -58.31 -3.02
C GLU G 124 5.66 -59.53 -2.77
N GLN G 125 5.84 -59.88 -1.50
CA GLN G 125 6.66 -61.01 -1.10
C GLN G 125 6.09 -62.32 -1.64
N CYS G 126 4.78 -62.43 -1.61
CA CYS G 126 4.09 -63.57 -2.21
C CYS G 126 4.30 -63.61 -3.72
N ALA G 127 4.21 -62.46 -4.37
CA ALA G 127 4.41 -62.35 -5.82
C ALA G 127 5.84 -62.77 -6.23
N ILE G 128 6.82 -62.44 -5.39
CA ILE G 128 8.21 -62.82 -5.64
C ILE G 128 8.33 -64.34 -5.66
N ARG G 129 7.82 -64.98 -4.61
CA ARG G 129 7.82 -66.44 -4.51
C ARG G 129 7.05 -67.09 -5.65
N THR G 130 5.92 -66.49 -6.01
CA THR G 130 5.06 -67.01 -7.07
C THR G 130 5.74 -67.00 -8.44
N TRP G 131 6.33 -65.86 -8.83
CA TRP G 131 6.99 -65.74 -10.14
C TRP G 131 8.34 -66.44 -10.20
N LYS G 132 9.02 -66.55 -9.05
CA LYS G 132 10.26 -67.30 -8.96
C LYS G 132 10.02 -68.80 -9.25
N GLU G 133 8.90 -69.33 -8.76
CA GLU G 133 8.53 -70.71 -9.04
C GLU G 133 8.34 -70.93 -10.56
N VAL G 134 7.66 -69.99 -11.21
CA VAL G 134 7.44 -70.03 -12.66
C VAL G 134 8.77 -69.99 -13.42
N CYS G 135 9.70 -69.14 -12.98
CA CYS G 135 11.04 -69.08 -13.57
C CYS G 135 11.77 -70.42 -13.47
N ASP G 136 11.68 -71.06 -12.30
CA ASP G 136 12.34 -72.34 -12.05
C ASP G 136 11.82 -73.46 -12.97
N MSE G 137 10.52 -73.46 -13.24
CA MSE G 137 9.90 -74.46 -14.12
C MSE G 137 10.24 -74.26 -15.58
O MSE G 137 10.44 -75.22 -16.31
CB MSE G 137 8.39 -74.42 -13.99
CG MSE G 137 7.84 -74.91 -12.67
SE MSE G 137 5.95 -74.45 -12.60
CE MSE G 137 5.39 -75.20 -14.26
N THR G 138 10.25 -73.00 -16.01
CA THR G 138 10.44 -72.66 -17.42
C THR G 138 11.93 -72.54 -17.77
N TYR G 139 12.76 -72.40 -16.75
CA TYR G 139 14.21 -72.31 -16.91
C TYR G 139 14.75 -73.48 -17.73
N GLY G 140 15.35 -73.16 -18.88
CA GLY G 140 15.99 -74.16 -19.74
C GLY G 140 15.03 -74.98 -20.60
N LYS G 141 13.79 -74.51 -20.74
CA LYS G 141 12.73 -75.24 -21.45
C LYS G 141 11.82 -74.33 -22.27
N ASP G 142 11.42 -73.21 -21.68
CA ASP G 142 10.44 -72.30 -22.27
C ASP G 142 10.95 -70.87 -22.21
N PRO G 143 11.75 -70.46 -23.21
CA PRO G 143 12.35 -69.12 -23.30
C PRO G 143 11.36 -67.95 -23.22
N ARG G 144 10.22 -68.10 -23.87
CA ARG G 144 9.20 -67.05 -23.91
C ARG G 144 8.57 -66.83 -22.53
N THR G 145 8.05 -67.89 -21.93
CA THR G 145 7.46 -67.78 -20.59
C THR G 145 8.49 -67.34 -19.56
N TYR G 146 9.71 -67.89 -19.64
CA TYR G 146 10.76 -67.55 -18.67
C TYR G 146 11.06 -66.06 -18.70
N ASP G 147 11.22 -65.51 -19.90
CA ASP G 147 11.57 -64.12 -20.09
C ASP G 147 10.50 -63.20 -19.51
N LEU G 148 9.24 -63.51 -19.77
CA LEU G 148 8.13 -62.70 -19.27
C LEU G 148 8.02 -62.81 -17.75
N ALA G 149 8.14 -64.03 -17.24
CA ALA G 149 8.10 -64.29 -15.80
C ALA G 149 9.27 -63.62 -15.09
N GLN G 150 10.46 -63.69 -15.70
CA GLN G 150 11.67 -63.04 -15.17
C GLN G 150 11.51 -61.53 -15.11
N ARG G 151 10.94 -60.93 -16.15
CA ARG G 151 10.68 -59.49 -16.20
C ARG G 151 9.75 -59.06 -15.07
N ILE G 152 8.68 -59.82 -14.89
CA ILE G 152 7.69 -59.54 -13.85
C ILE G 152 8.34 -59.66 -12.47
N LEU G 153 9.02 -60.78 -12.24
CA LEU G 153 9.75 -61.02 -10.99
C LEU G 153 10.66 -59.84 -10.67
N GLN G 154 11.34 -59.37 -11.71
CA GLN G 154 12.29 -58.27 -11.61
C GLN G 154 11.61 -57.01 -11.00
N GLU G 155 10.39 -56.73 -11.42
CA GLU G 155 9.62 -55.59 -10.90
C GLU G 155 9.02 -55.85 -9.51
N GLU G 156 8.67 -57.10 -9.21
CA GLU G 156 8.18 -57.44 -7.86
C GLU G 156 9.26 -57.28 -6.81
N ILE G 157 10.49 -57.65 -7.18
CA ILE G 157 11.67 -57.45 -6.34
C ILE G 157 11.84 -55.94 -6.05
N GLU G 158 11.71 -55.13 -7.09
CA GLU G 158 11.75 -53.67 -6.92
C GLU G 158 10.62 -53.18 -6.02
N HIS G 159 9.41 -53.71 -6.22
CA HIS G 159 8.26 -53.32 -5.41
C HIS G 159 8.50 -53.63 -3.93
N GLU G 160 8.99 -54.83 -3.64
CA GLU G 160 9.30 -55.23 -2.27
C GLU G 160 10.30 -54.27 -1.66
N ALA G 161 11.34 -53.97 -2.43
CA ALA G 161 12.40 -53.07 -2.02
C ALA G 161 11.88 -51.67 -1.67
N TRP G 162 10.88 -51.22 -2.41
CA TRP G 162 10.27 -49.90 -2.14
C TRP G 162 9.63 -49.90 -0.76
N PHE G 163 8.84 -50.92 -0.48
CA PHE G 163 8.07 -50.97 0.76
C PHE G 163 8.95 -51.31 1.95
N LEU G 164 9.97 -52.14 1.74
CA LEU G 164 11.00 -52.38 2.77
C LEU G 164 11.72 -51.10 3.19
N GLU G 165 11.98 -50.23 2.21
CA GLU G 165 12.65 -48.97 2.47
C GLU G 165 11.76 -48.01 3.27
N LEU G 166 10.45 -48.09 3.09
CA LEU G 166 9.51 -47.24 3.83
C LEU G 166 9.26 -47.77 5.23
N LEU G 167 8.93 -49.05 5.35
CA LEU G 167 8.62 -49.67 6.65
C LEU G 167 9.81 -49.71 7.59
N TYR G 168 10.93 -50.18 7.07
CA TYR G 168 12.19 -50.20 7.78
C TYR G 168 13.09 -49.17 7.12
N GLY G 169 14.28 -48.96 7.62
CA GLY G 169 15.17 -47.97 7.01
C GLY G 169 16.09 -48.54 5.95
N ARG G 170 15.63 -49.56 5.22
CA ARG G 170 16.50 -50.36 4.37
C ARG G 170 16.65 -49.77 2.95
N PRO G 171 17.89 -49.34 2.58
CA PRO G 171 18.16 -48.76 1.25
C PRO G 171 17.90 -49.69 0.05
N SER G 172 17.45 -49.12 -1.06
CA SER G 172 17.07 -49.86 -2.27
C SER G 172 17.29 -49.10 -3.59
N GLY G 173 16.31 -48.27 -3.97
CA GLY G 173 16.30 -47.57 -5.26
C GLY G 173 15.72 -46.16 -5.15
N HIS G 174 14.73 -45.86 -5.98
CA HIS G 174 14.30 -44.47 -6.22
C HIS G 174 12.83 -44.37 -6.63
N GLU H 7 -25.93 0.89 -30.97
CA GLU H 7 -25.02 -0.21 -30.53
C GLU H 7 -25.33 -1.54 -31.25
N PRO H 8 -24.40 -2.52 -31.17
CA PRO H 8 -24.54 -3.74 -31.96
C PRO H 8 -25.44 -4.80 -31.34
N LYS H 9 -26.07 -5.58 -32.21
CA LYS H 9 -26.83 -6.76 -31.81
C LYS H 9 -25.86 -7.88 -31.42
N VAL H 10 -25.95 -8.32 -30.16
CA VAL H 10 -25.13 -9.42 -29.64
C VAL H 10 -26.04 -10.62 -29.35
N VAL H 11 -26.13 -11.55 -30.30
CA VAL H 11 -27.08 -12.66 -30.21
C VAL H 11 -26.70 -13.65 -29.10
N GLY H 12 -25.42 -13.77 -28.80
CA GLY H 12 -24.96 -14.58 -27.68
C GLY H 12 -25.49 -14.12 -26.34
N VAL H 13 -25.82 -12.83 -26.25
CA VAL H 13 -26.47 -12.24 -25.08
C VAL H 13 -28.00 -12.32 -25.18
N GLU H 14 -28.55 -12.10 -26.38
CA GLU H 14 -30.00 -12.14 -26.60
C GLU H 14 -30.65 -13.46 -26.20
N ILE H 15 -30.02 -14.57 -26.54
CA ILE H 15 -30.54 -15.89 -26.17
C ILE H 15 -30.64 -16.07 -24.64
N LEU H 16 -29.73 -15.43 -23.90
CA LEU H 16 -29.75 -15.44 -22.44
C LEU H 16 -30.88 -14.57 -21.88
N GLU H 17 -31.04 -13.38 -22.44
CA GLU H 17 -32.11 -12.48 -22.03
C GLU H 17 -33.49 -13.09 -22.22
N LYS H 18 -33.67 -13.82 -23.32
CA LYS H 18 -34.92 -14.55 -23.58
C LYS H 18 -35.31 -15.50 -22.45
N SER H 19 -34.30 -16.10 -21.80
CA SER H 19 -34.53 -17.02 -20.69
C SER H 19 -34.99 -16.30 -19.41
N GLY H 20 -34.91 -14.98 -19.40
CA GLY H 20 -35.16 -14.17 -18.20
C GLY H 20 -33.94 -14.02 -17.31
N LEU H 21 -32.76 -14.33 -17.81
CA LEU H 21 -31.53 -14.25 -17.03
C LEU H 21 -31.10 -12.79 -16.84
N ASP H 22 -30.82 -12.41 -15.59
CA ASP H 22 -30.33 -11.07 -15.27
C ASP H 22 -28.84 -11.04 -15.52
N ILE H 23 -28.45 -10.42 -16.63
CA ILE H 23 -27.06 -10.48 -17.09
C ILE H 23 -26.15 -9.55 -16.30
N LYS H 24 -26.67 -8.41 -15.88
CA LYS H 24 -25.91 -7.52 -15.01
C LYS H 24 -25.58 -8.25 -13.70
N LYS H 25 -26.56 -8.90 -13.09
CA LYS H 25 -26.34 -9.65 -11.85
C LYS H 25 -25.37 -10.81 -12.04
N LEU H 26 -25.49 -11.51 -13.16
CA LEU H 26 -24.58 -12.62 -13.47
C LEU H 26 -23.14 -12.16 -13.64
N VAL H 27 -22.95 -11.11 -14.42
CA VAL H 27 -21.61 -10.55 -14.64
C VAL H 27 -21.00 -10.09 -13.32
N ASP H 28 -21.80 -9.45 -12.48
CA ASP H 28 -21.34 -9.02 -11.16
C ASP H 28 -20.86 -10.19 -10.30
N LYS H 29 -21.56 -11.33 -10.38
CA LYS H 29 -21.16 -12.52 -9.64
C LYS H 29 -19.90 -13.14 -10.22
N LEU H 30 -19.82 -13.15 -11.55
CA LEU H 30 -18.65 -13.65 -12.26
C LEU H 30 -17.38 -12.88 -11.92
N VAL H 31 -17.51 -11.55 -11.85
CA VAL H 31 -16.37 -10.68 -11.56
C VAL H 31 -15.83 -10.92 -10.15
N LYS H 32 -16.73 -11.06 -9.19
CA LYS H 32 -16.36 -11.31 -7.80
C LYS H 32 -15.70 -12.70 -7.64
N ALA H 33 -16.24 -13.69 -8.33
CA ALA H 33 -15.69 -15.04 -8.34
C ALA H 33 -14.32 -15.08 -9.02
N THR H 34 -14.21 -14.38 -10.15
CA THR H 34 -12.99 -14.33 -10.93
C THR H 34 -11.92 -13.53 -10.21
N ALA H 35 -12.33 -12.49 -9.49
CA ALA H 35 -11.41 -11.72 -8.66
C ALA H 35 -10.76 -12.61 -7.60
N ALA H 36 -11.54 -13.49 -7.00
CA ALA H 36 -11.03 -14.43 -5.98
C ALA H 36 -9.99 -15.40 -6.53
N GLU H 37 -10.11 -15.74 -7.81
CA GLU H 37 -9.15 -16.60 -8.48
C GLU H 37 -7.82 -15.90 -8.63
N PHE H 38 -7.86 -14.61 -8.94
CA PHE H 38 -6.65 -13.82 -9.15
C PHE H 38 -5.91 -13.60 -7.84
N THR H 39 -6.64 -13.31 -6.78
CA THR H 39 -6.03 -13.14 -5.46
C THR H 39 -5.45 -14.46 -4.94
N THR H 40 -6.14 -15.57 -5.24
CA THR H 40 -5.65 -16.91 -4.92
C THR H 40 -4.27 -17.17 -5.53
N TYR H 41 -4.12 -16.83 -6.81
CA TYR H 41 -2.83 -16.93 -7.49
C TYR H 41 -1.73 -16.20 -6.74
N TYR H 42 -2.03 -15.03 -6.19
CA TYR H 42 -1.05 -14.29 -5.40
C TYR H 42 -0.83 -14.94 -4.03
N TYR H 43 -1.91 -15.11 -3.28
CA TYR H 43 -1.82 -15.58 -1.90
C TYR H 43 -1.29 -17.00 -1.75
N TYR H 44 -1.67 -17.89 -2.67
CA TYR H 44 -1.14 -19.26 -2.69
C TYR H 44 0.37 -19.30 -3.01
N THR H 45 0.87 -18.30 -3.74
CA THR H 45 2.32 -18.19 -3.97
C THR H 45 3.02 -18.16 -2.62
N ILE H 46 2.59 -17.24 -1.76
CA ILE H 46 3.17 -17.04 -0.44
C ILE H 46 2.94 -18.27 0.44
N LEU H 47 1.73 -18.80 0.42
CA LEU H 47 1.43 -19.98 1.22
C LEU H 47 2.32 -21.19 0.84
N ARG H 48 2.52 -21.39 -0.45
CA ARG H 48 3.37 -22.46 -0.95
C ARG H 48 4.83 -22.28 -0.52
N MSE H 49 5.32 -21.04 -0.59
CA MSE H 49 6.69 -20.71 -0.19
C MSE H 49 6.98 -21.14 1.24
O MSE H 49 8.08 -21.58 1.55
CB MSE H 49 6.93 -19.21 -0.29
CG MSE H 49 6.83 -18.64 -1.70
SE MSE H 49 8.30 -19.14 -2.84
CE MSE H 49 7.57 -18.48 -4.49
N HIS H 50 5.98 -21.02 2.11
CA HIS H 50 6.15 -21.23 3.54
C HIS H 50 5.81 -22.65 4.02
N LEU H 51 5.47 -23.55 3.09
CA LEU H 51 5.34 -24.98 3.38
C LEU H 51 6.72 -25.63 3.38
N THR H 52 7.48 -25.33 4.43
CA THR H 52 8.90 -25.65 4.51
C THR H 52 9.15 -26.83 5.44
N GLY H 53 10.42 -27.20 5.59
CA GLY H 53 10.79 -28.32 6.46
C GLY H 53 10.51 -29.65 5.82
N MSE H 54 10.78 -30.72 6.56
CA MSE H 54 10.55 -32.06 6.06
C MSE H 54 9.06 -32.42 6.12
O MSE H 54 8.58 -33.21 5.31
CB MSE H 54 11.39 -33.06 6.82
CG MSE H 54 12.86 -32.96 6.44
SE MSE H 54 14.04 -33.83 7.70
CE MSE H 54 13.03 -35.45 8.05
N GLU H 55 8.34 -31.79 7.04
CA GLU H 55 6.89 -31.91 7.11
C GLU H 55 6.22 -31.32 5.86
N GLY H 56 6.57 -30.08 5.53
CA GLY H 56 5.91 -29.35 4.45
C GLY H 56 6.36 -29.63 3.02
N GLU H 57 7.45 -30.38 2.86
CA GLU H 57 8.08 -30.57 1.54
C GLU H 57 7.14 -31.15 0.48
N GLY H 58 6.50 -32.28 0.80
CA GLY H 58 5.57 -32.93 -0.12
C GLY H 58 4.28 -32.15 -0.37
N LEU H 59 3.95 -31.24 0.54
CA LEU H 59 2.73 -30.43 0.47
C LEU H 59 2.82 -29.31 -0.57
N LYS H 60 4.04 -28.83 -0.80
CA LYS H 60 4.28 -27.71 -1.72
C LYS H 60 3.70 -27.94 -3.10
N GLU H 61 3.90 -29.14 -3.65
CA GLU H 61 3.45 -29.44 -5.01
C GLU H 61 1.92 -29.54 -5.13
N ILE H 62 1.26 -29.93 -4.05
CA ILE H 62 -0.21 -29.96 -4.02
C ILE H 62 -0.78 -28.53 -4.00
N ALA H 63 -0.16 -27.66 -3.20
CA ALA H 63 -0.53 -26.25 -3.17
C ALA H 63 -0.19 -25.56 -4.50
N GLU H 64 0.91 -25.98 -5.12
CA GLU H 64 1.36 -25.46 -6.42
C GLU H 64 0.32 -25.76 -7.50
N ASP H 65 -0.14 -27.02 -7.54
CA ASP H 65 -1.14 -27.44 -8.50
C ASP H 65 -2.41 -26.61 -8.38
N ALA H 66 -2.86 -26.38 -7.16
CA ALA H 66 -4.06 -25.59 -6.92
C ALA H 66 -3.86 -24.14 -7.39
N ARG H 67 -2.72 -23.57 -7.04
CA ARG H 67 -2.36 -22.20 -7.44
C ARG H 67 -2.44 -22.00 -8.95
N LEU H 68 -1.77 -22.88 -9.69
CA LEU H 68 -1.71 -22.79 -11.14
C LEU H 68 -3.07 -23.03 -11.80
N GLU H 69 -3.84 -23.97 -11.25
CA GLU H 69 -5.17 -24.27 -11.78
C GLU H 69 -6.15 -23.11 -11.53
N ASP H 70 -6.00 -22.47 -10.38
CA ASP H 70 -6.81 -21.30 -10.06
C ASP H 70 -6.45 -20.08 -10.90
N ARG H 71 -5.20 -19.95 -11.32
CA ARG H 71 -4.81 -18.89 -12.27
C ARG H 71 -5.50 -19.12 -13.63
N LEU H 72 -5.58 -20.37 -14.05
CA LEU H 72 -6.26 -20.70 -15.29
C LEU H 72 -7.77 -20.50 -15.18
N HIS H 73 -8.32 -20.65 -13.97
CA HIS H 73 -9.73 -20.33 -13.73
C HIS H 73 -10.00 -18.83 -13.94
N PHE H 74 -9.05 -18.00 -13.50
CA PHE H 74 -9.08 -16.56 -13.76
C PHE H 74 -9.08 -16.23 -15.25
N GLU H 75 -8.15 -16.84 -15.99
CA GLU H 75 -8.04 -16.64 -17.44
C GLU H 75 -9.31 -17.09 -18.14
N LEU H 76 -9.83 -18.23 -17.72
CA LEU H 76 -11.00 -18.84 -18.35
C LEU H 76 -12.25 -17.96 -18.23
N MSE H 77 -12.55 -17.51 -17.01
CA MSE H 77 -13.81 -16.79 -16.78
C MSE H 77 -13.71 -15.31 -17.13
O MSE H 77 -14.72 -14.66 -17.42
CB MSE H 77 -14.27 -16.95 -15.33
CG MSE H 77 -15.76 -16.68 -15.10
SE MSE H 77 -16.95 -17.69 -16.28
CE MSE H 77 -17.05 -19.39 -15.35
N THR H 78 -12.50 -14.77 -17.14
CA THR H 78 -12.28 -13.41 -17.62
C THR H 78 -12.77 -13.28 -19.06
N GLN H 79 -12.39 -14.22 -19.92
CA GLN H 79 -12.83 -14.22 -21.31
C GLN H 79 -14.36 -14.11 -21.40
N ARG H 80 -15.05 -14.88 -20.55
CA ARG H 80 -16.51 -14.96 -20.56
C ARG H 80 -17.15 -13.66 -20.08
N ILE H 81 -16.56 -13.04 -19.08
CA ILE H 81 -17.02 -11.75 -18.57
C ILE H 81 -17.11 -10.71 -19.70
N TYR H 82 -16.11 -10.68 -20.57
CA TYR H 82 -16.07 -9.72 -21.66
C TYR H 82 -17.02 -10.10 -22.79
N GLU H 83 -17.19 -11.40 -23.04
CA GLU H 83 -18.20 -11.88 -23.97
C GLU H 83 -19.61 -11.43 -23.57
N LEU H 84 -19.86 -11.36 -22.27
CA LEU H 84 -21.16 -10.93 -21.76
C LEU H 84 -21.31 -9.41 -21.68
N GLY H 85 -20.29 -8.65 -22.09
CA GLY H 85 -20.34 -7.19 -22.10
C GLY H 85 -19.91 -6.56 -20.77
N GLY H 86 -19.36 -7.36 -19.88
CA GLY H 86 -18.75 -6.84 -18.65
C GLY H 86 -17.26 -6.63 -18.81
N GLY H 87 -16.62 -6.26 -17.70
CA GLY H 87 -15.17 -6.12 -17.67
C GLY H 87 -14.62 -6.33 -16.29
N LEU H 88 -13.30 -6.39 -16.17
CA LEU H 88 -12.62 -6.41 -14.88
C LEU H 88 -12.55 -4.99 -14.33
N PRO H 89 -12.41 -4.86 -12.98
CA PRO H 89 -12.24 -3.53 -12.40
C PRO H 89 -11.03 -2.77 -12.96
N ARG H 90 -11.18 -1.46 -13.12
CA ARG H 90 -10.13 -0.61 -13.65
C ARG H 90 -8.87 -0.63 -12.79
N ASP H 91 -9.05 -0.64 -11.48
CA ASP H 91 -7.95 -0.67 -10.51
C ASP H 91 -7.82 -2.08 -9.92
N ILE H 92 -6.57 -2.50 -9.68
CA ILE H 92 -6.29 -3.83 -9.10
C ILE H 92 -6.76 -3.91 -7.65
N ARG H 93 -6.74 -2.77 -6.96
CA ARG H 93 -7.19 -2.70 -5.57
C ARG H 93 -8.70 -2.93 -5.47
N GLN H 94 -9.46 -2.40 -6.44
CA GLN H 94 -10.89 -2.69 -6.56
C GLN H 94 -11.15 -4.19 -6.69
N LEU H 95 -10.34 -4.85 -7.52
CA LEU H 95 -10.44 -6.30 -7.69
C LEU H 95 -10.32 -7.03 -6.36
N ALA H 96 -9.30 -6.68 -5.58
CA ALA H 96 -9.08 -7.29 -4.27
C ALA H 96 -10.29 -7.10 -3.35
N ASP H 97 -10.82 -5.87 -3.35
CA ASP H 97 -11.93 -5.50 -2.47
C ASP H 97 -13.27 -6.17 -2.78
N ILE H 98 -13.52 -6.46 -4.05
CA ILE H 98 -14.77 -7.13 -4.47
C ILE H 98 -14.64 -8.65 -4.58
N SER H 99 -13.47 -9.19 -4.25
CA SER H 99 -13.25 -10.64 -4.28
C SER H 99 -14.35 -11.39 -3.49
N ALA H 100 -14.85 -12.46 -4.08
CA ALA H 100 -15.87 -13.30 -3.43
C ALA H 100 -15.37 -13.88 -2.11
N CYS H 101 -14.05 -14.06 -1.98
CA CYS H 101 -13.45 -14.72 -0.82
C CYS H 101 -12.58 -13.80 0.02
N SER H 102 -12.47 -14.17 1.29
CA SER H 102 -11.59 -13.51 2.25
C SER H 102 -10.13 -13.73 1.86
N ASP H 103 -9.27 -12.76 2.14
CA ASP H 103 -7.86 -12.83 1.74
C ASP H 103 -7.17 -14.00 2.43
N ALA H 104 -6.54 -14.86 1.65
CA ALA H 104 -5.87 -16.05 2.15
C ALA H 104 -4.47 -15.69 2.68
N TYR H 105 -4.44 -14.91 3.77
CA TYR H 105 -3.19 -14.44 4.34
C TYR H 105 -2.38 -15.59 4.93
N LEU H 106 -1.06 -15.39 4.98
CA LEU H 106 -0.18 -16.30 5.70
C LEU H 106 -0.53 -16.23 7.17
N PRO H 107 -0.77 -17.41 7.81
CA PRO H 107 -1.09 -17.39 9.24
C PRO H 107 0.13 -17.08 10.10
N GLU H 108 -0.13 -16.83 11.38
CA GLU H 108 0.90 -16.35 12.29
C GLU H 108 1.88 -17.47 12.65
N ASN H 109 1.34 -18.67 12.94
CA ASN H 109 2.15 -19.85 13.21
C ASN H 109 2.27 -20.71 11.95
N TRP H 110 2.79 -20.10 10.89
CA TRP H 110 2.89 -20.77 9.59
C TRP H 110 3.88 -21.95 9.58
N LYS H 111 4.82 -21.96 10.54
CA LYS H 111 5.79 -23.05 10.66
C LYS H 111 5.12 -24.39 10.98
N ASP H 112 3.92 -24.34 11.54
CA ASP H 112 3.02 -25.51 11.56
C ASP H 112 2.29 -25.56 10.21
N PRO H 113 2.60 -26.56 9.37
CA PRO H 113 2.01 -26.60 8.04
C PRO H 113 0.49 -26.80 8.05
N LYS H 114 -0.04 -27.32 9.15
CA LYS H 114 -1.49 -27.45 9.32
C LYS H 114 -2.19 -26.10 9.35
N GLU H 115 -1.54 -25.09 9.89
CA GLU H 115 -2.06 -23.72 9.88
C GLU H 115 -2.22 -23.22 8.43
N ILE H 116 -1.23 -23.49 7.59
CA ILE H 116 -1.29 -23.12 6.18
C ILE H 116 -2.39 -23.88 5.47
N LEU H 117 -2.49 -25.18 5.74
CA LEU H 117 -3.52 -26.04 5.14
C LEU H 117 -4.94 -25.59 5.47
N LYS H 118 -5.13 -25.11 6.69
CA LYS H 118 -6.43 -24.56 7.12
C LYS H 118 -6.81 -23.36 6.29
N VAL H 119 -5.85 -22.48 6.01
CA VAL H 119 -6.12 -21.31 5.16
C VAL H 119 -6.47 -21.73 3.74
N LEU H 120 -5.67 -22.62 3.16
CA LEU H 120 -5.93 -23.18 1.83
C LEU H 120 -7.31 -23.82 1.77
N LEU H 121 -7.63 -24.63 2.77
CA LEU H 121 -8.93 -25.32 2.83
C LEU H 121 -10.09 -24.33 2.85
N GLU H 122 -10.01 -23.29 3.69
CA GLU H 122 -11.05 -22.27 3.77
C GLU H 122 -11.25 -21.48 2.47
N ALA H 123 -10.14 -21.18 1.79
CA ALA H 123 -10.21 -20.52 0.50
C ALA H 123 -10.95 -21.39 -0.51
N GLU H 124 -10.61 -22.67 -0.56
CA GLU H 124 -11.22 -23.61 -1.49
C GLU H 124 -12.69 -23.82 -1.21
N GLN H 125 -13.05 -23.86 0.07
CA GLN H 125 -14.45 -24.06 0.48
C GLN H 125 -15.32 -22.87 0.05
N CYS H 126 -14.76 -21.66 0.17
CA CYS H 126 -15.40 -20.45 -0.30
C CYS H 126 -15.61 -20.50 -1.82
N ALA H 127 -14.58 -20.92 -2.54
CA ALA H 127 -14.66 -21.07 -3.99
C ALA H 127 -15.77 -22.04 -4.43
N ILE H 128 -15.91 -23.14 -3.70
CA ILE H 128 -16.94 -24.14 -3.99
C ILE H 128 -18.34 -23.51 -3.91
N ARG H 129 -18.62 -22.84 -2.80
CA ARG H 129 -19.88 -22.12 -2.62
C ARG H 129 -20.11 -21.05 -3.69
N THR H 130 -19.02 -20.36 -4.06
CA THR H 130 -19.07 -19.27 -5.02
C THR H 130 -19.45 -19.77 -6.42
N TRP H 131 -18.73 -20.78 -6.91
CA TRP H 131 -18.98 -21.29 -8.25
C TRP H 131 -20.26 -22.13 -8.32
N LYS H 132 -20.64 -22.75 -7.21
CA LYS H 132 -21.91 -23.46 -7.14
C LYS H 132 -23.10 -22.50 -7.30
N GLU H 133 -22.97 -21.30 -6.73
CA GLU H 133 -23.98 -20.25 -6.90
C GLU H 133 -24.13 -19.86 -8.38
N VAL H 134 -22.99 -19.70 -9.06
CA VAL H 134 -23.00 -19.36 -10.47
C VAL H 134 -23.70 -20.45 -11.28
N CYS H 135 -23.36 -21.72 -11.00
CA CYS H 135 -24.04 -22.87 -11.63
C CYS H 135 -25.55 -22.86 -11.46
N ASP H 136 -26.00 -22.52 -10.25
CA ASP H 136 -27.43 -22.47 -9.96
C ASP H 136 -28.14 -21.38 -10.76
N MSE H 137 -27.46 -20.27 -11.02
CA MSE H 137 -28.05 -19.15 -11.77
C MSE H 137 -28.11 -19.42 -13.27
O MSE H 137 -29.08 -19.05 -13.94
CB MSE H 137 -27.24 -17.88 -11.56
CG MSE H 137 -27.39 -17.26 -10.18
SE MSE H 137 -26.21 -15.69 -9.95
CE MSE H 137 -26.49 -14.84 -11.61
N THR H 138 -27.06 -20.04 -13.79
CA THR H 138 -26.90 -20.29 -15.22
C THR H 138 -27.54 -21.61 -15.66
N TYR H 139 -27.77 -22.49 -14.70
CA TYR H 139 -28.44 -23.77 -14.94
C TYR H 139 -29.74 -23.57 -15.72
N GLY H 140 -29.81 -24.18 -16.91
CA GLY H 140 -31.01 -24.16 -17.74
C GLY H 140 -31.27 -22.85 -18.49
N LYS H 141 -30.26 -21.99 -18.58
CA LYS H 141 -30.40 -20.66 -19.21
C LYS H 141 -29.18 -20.25 -20.02
N ASP H 142 -28.00 -20.51 -19.46
CA ASP H 142 -26.73 -20.07 -20.05
C ASP H 142 -25.74 -21.24 -20.12
N PRO H 143 -25.83 -22.06 -21.18
CA PRO H 143 -24.97 -23.24 -21.38
C PRO H 143 -23.48 -22.97 -21.29
N ARG H 144 -23.04 -21.88 -21.93
CA ARG H 144 -21.62 -21.51 -21.96
C ARG H 144 -21.10 -21.18 -20.55
N THR H 145 -21.77 -20.26 -19.85
CA THR H 145 -21.32 -19.87 -18.52
C THR H 145 -21.42 -21.05 -17.56
N TYR H 146 -22.51 -21.82 -17.67
CA TYR H 146 -22.71 -22.99 -16.83
C TYR H 146 -21.57 -24.01 -17.00
N ASP H 147 -21.24 -24.33 -18.24
CA ASP H 147 -20.17 -25.29 -18.51
C ASP H 147 -18.83 -24.87 -17.93
N LEU H 148 -18.47 -23.61 -18.12
CA LEU H 148 -17.20 -23.09 -17.60
C LEU H 148 -17.20 -23.06 -16.06
N ALA H 149 -18.30 -22.62 -15.48
CA ALA H 149 -18.44 -22.55 -14.03
C ALA H 149 -18.45 -23.95 -13.41
N GLN H 150 -19.11 -24.89 -14.09
CA GLN H 150 -19.15 -26.29 -13.66
C GLN H 150 -17.74 -26.89 -13.69
N ARG H 151 -16.98 -26.60 -14.75
CA ARG H 151 -15.60 -27.08 -14.87
C ARG H 151 -14.74 -26.61 -13.71
N ILE H 152 -14.80 -25.31 -13.44
CA ILE H 152 -14.05 -24.68 -12.36
C ILE H 152 -14.46 -25.28 -11.01
N LEU H 153 -15.78 -25.33 -10.75
CA LEU H 153 -16.32 -25.92 -9.52
C LEU H 153 -15.71 -27.31 -9.32
N GLN H 154 -15.71 -28.09 -10.38
CA GLN H 154 -15.18 -29.44 -10.39
C GLN H 154 -13.76 -29.51 -9.83
N GLU H 155 -12.89 -28.58 -10.25
CA GLU H 155 -11.51 -28.51 -9.77
C GLU H 155 -11.40 -27.98 -8.33
N GLU H 156 -12.30 -27.09 -7.92
CA GLU H 156 -12.32 -26.59 -6.53
C GLU H 156 -12.71 -27.69 -5.55
N ILE H 157 -13.63 -28.55 -5.98
CA ILE H 157 -14.02 -29.74 -5.22
C ILE H 157 -12.80 -30.64 -5.02
N GLU H 158 -12.03 -30.84 -6.08
CA GLU H 158 -10.79 -31.61 -6.02
C GLU H 158 -9.76 -30.97 -5.09
N HIS H 159 -9.60 -29.65 -5.20
CA HIS H 159 -8.67 -28.90 -4.35
C HIS H 159 -9.01 -29.03 -2.86
N GLU H 160 -10.28 -28.85 -2.52
CA GLU H 160 -10.75 -29.06 -1.14
C GLU H 160 -10.45 -30.49 -0.67
N ALA H 161 -10.69 -31.45 -1.55
CA ALA H 161 -10.45 -32.87 -1.26
C ALA H 161 -8.96 -33.15 -1.00
N TRP H 162 -8.09 -32.44 -1.70
CA TRP H 162 -6.64 -32.56 -1.48
C TRP H 162 -6.26 -32.13 -0.06
N PHE H 163 -6.76 -30.96 0.35
CA PHE H 163 -6.38 -30.38 1.62
C PHE H 163 -7.06 -31.08 2.79
N LEU H 164 -8.29 -31.55 2.58
CA LEU H 164 -8.99 -32.39 3.56
C LEU H 164 -8.22 -33.68 3.86
N GLU H 165 -7.66 -34.28 2.81
CA GLU H 165 -6.85 -35.49 2.94
C GLU H 165 -5.55 -35.25 3.73
N LEU H 166 -4.99 -34.05 3.60
CA LEU H 166 -3.77 -33.70 4.31
C LEU H 166 -4.05 -33.33 5.76
N LEU H 167 -5.01 -32.43 5.98
CA LEU H 167 -5.35 -31.98 7.34
C LEU H 167 -5.88 -33.11 8.20
N TYR H 168 -6.91 -33.76 7.69
CA TYR H 168 -7.55 -34.88 8.35
C TYR H 168 -7.11 -36.12 7.59
N GLY H 169 -7.55 -37.29 8.03
CA GLY H 169 -7.15 -38.51 7.32
C GLY H 169 -8.10 -38.93 6.22
N ARG H 170 -8.79 -37.97 5.61
CA ARG H 170 -9.93 -38.25 4.74
C ARG H 170 -9.51 -38.59 3.31
N PRO H 171 -9.77 -39.83 2.84
CA PRO H 171 -9.45 -40.22 1.45
C PRO H 171 -10.12 -39.36 0.36
N SER H 172 -9.48 -39.25 -0.82
CA SER H 172 -9.99 -38.45 -1.94
C SER H 172 -9.51 -38.90 -3.33
N GLY H 173 -8.28 -38.47 -3.69
CA GLY H 173 -7.69 -38.73 -5.01
C GLY H 173 -6.17 -38.89 -4.93
N HIS H 174 -5.45 -38.13 -5.77
CA HIS H 174 -4.05 -38.44 -6.08
C HIS H 174 -3.23 -37.18 -6.39
ZN ZN I . -10.69 61.45 4.32
FE FE J . -7.73 63.57 3.44
ZN ZN K . -6.38 39.93 -7.29
FE FE L . -9.20 37.65 -6.40
ZN ZN M . -24.11 47.05 26.13
FE FE N . -25.52 45.00 23.38
ZN ZN O . -6.24 13.28 21.10
FE FE P . -9.60 14.17 19.59
ZN ZN Q . 30.30 -51.22 -18.88
FE FE R . 32.52 -50.76 -21.75
ZN ZN S . 27.95 -28.62 -8.67
FE FE T . 25.61 -28.97 -5.81
ZN ZN U . 2.97 -57.86 -10.48
FE FE V . 3.87 -56.05 -7.39
ZN ZN W . -10.30 -21.75 -8.92
FE FE X . -8.97 -23.62 -5.94
#